data_8J9A
#
_entry.id   8J9A
#
_entity_poly.entity_id   1
_entity_poly.type   'polypeptide(L)'
_entity_poly.pdbx_seq_one_letter_code
;MHHHHHHASVTARTPQNFSVPSPGPLNTPVNPSSVMSPAGSSQAEEQQYLDKLKQLSKYIEPLRRMINKIDKNEDRKKDL
SKMKSLLDILTDPSKRCPLKTLQKCEIALEKLKNDMAV
;
_entity_poly.pdbx_strand_id   A
#
# COMPACT_ATOMS: atom_id res chain seq x y z
N MET A 1 9.99 15.44 41.51
CA MET A 1 9.08 15.92 40.44
C MET A 1 9.83 16.13 39.13
N HIS A 2 9.59 15.25 38.16
CA HIS A 2 10.25 15.36 36.86
C HIS A 2 9.80 16.61 36.13
N HIS A 3 10.46 16.91 35.01
CA HIS A 3 10.13 18.09 34.21
C HIS A 3 10.55 17.91 32.76
N HIS A 4 9.61 17.54 31.91
CA HIS A 4 9.89 17.34 30.49
C HIS A 4 8.60 17.29 29.67
N HIS A 5 7.60 16.58 30.19
CA HIS A 5 6.32 16.46 29.51
C HIS A 5 5.40 17.62 29.88
N HIS A 6 5.64 18.78 29.27
CA HIS A 6 4.85 19.97 29.54
C HIS A 6 4.73 20.83 28.29
N HIS A 7 3.95 20.35 27.32
CA HIS A 7 3.76 21.06 26.07
C HIS A 7 2.64 20.43 25.25
N ALA A 8 2.38 19.16 25.51
CA ALA A 8 1.33 18.43 24.80
C ALA A 8 0.15 18.12 25.72
N SER A 9 -0.93 17.62 25.12
CA SER A 9 -2.13 17.28 25.90
C SER A 9 -2.92 16.18 25.20
N VAL A 10 -3.43 15.24 25.99
CA VAL A 10 -4.22 14.14 25.46
C VAL A 10 -5.62 14.60 25.07
N THR A 11 -5.79 15.01 23.83
CA THR A 11 -7.07 15.47 23.33
C THR A 11 -7.47 14.74 22.06
N ALA A 12 -8.42 13.82 22.19
CA ALA A 12 -8.92 13.04 21.05
C ALA A 12 -7.82 12.15 20.46
N ARG A 13 -8.23 11.07 19.81
CA ARG A 13 -7.29 10.15 19.20
C ARG A 13 -7.58 9.98 17.71
N THR A 14 -6.54 9.99 16.89
CA THR A 14 -6.69 9.84 15.46
C THR A 14 -5.44 9.21 14.84
N PRO A 15 -5.46 7.89 14.56
CA PRO A 15 -4.32 7.19 13.97
C PRO A 15 -4.10 7.59 12.52
N GLN A 16 -2.98 7.17 11.95
CA GLN A 16 -2.65 7.49 10.56
C GLN A 16 -1.68 6.47 9.98
N ASN A 17 -2.20 5.53 9.20
CA ASN A 17 -1.38 4.49 8.58
C ASN A 17 -0.54 3.76 9.62
N PHE A 18 -1.16 2.77 10.27
CA PHE A 18 -0.47 1.98 11.29
C PHE A 18 0.14 2.87 12.37
N SER A 19 -0.71 3.33 13.29
CA SER A 19 -0.26 4.19 14.38
C SER A 19 -0.63 3.57 15.73
N VAL A 20 -1.92 3.33 15.92
CA VAL A 20 -2.40 2.73 17.16
C VAL A 20 -2.75 1.25 16.98
N PRO A 21 -3.56 0.89 15.94
CA PRO A 21 -3.93 -0.49 15.69
C PRO A 21 -2.83 -1.27 14.98
N SER A 22 -2.76 -2.57 15.25
CA SER A 22 -1.75 -3.43 14.63
C SER A 22 -2.20 -4.88 14.60
N PRO A 23 -3.05 -5.25 13.63
CA PRO A 23 -3.55 -6.63 13.50
C PRO A 23 -2.46 -7.59 13.04
N GLY A 24 -1.98 -8.42 13.96
CA GLY A 24 -0.93 -9.37 13.63
C GLY A 24 -1.43 -10.80 13.66
N PRO A 25 -1.63 -11.38 14.86
CA PRO A 25 -2.10 -12.77 15.00
C PRO A 25 -3.57 -12.92 14.62
N LEU A 26 -3.86 -13.85 13.73
CA LEU A 26 -5.22 -14.10 13.29
C LEU A 26 -5.70 -15.46 13.76
N ASN A 27 -6.16 -15.52 15.01
CA ASN A 27 -6.65 -16.77 15.59
C ASN A 27 -8.01 -16.56 16.27
N THR A 28 -8.62 -15.41 16.02
CA THR A 28 -9.91 -15.09 16.60
C THR A 28 -10.91 -14.68 15.51
N PRO A 29 -11.73 -15.64 15.03
CA PRO A 29 -12.73 -15.36 13.99
C PRO A 29 -13.94 -14.61 14.52
N VAL A 30 -14.68 -13.97 13.62
CA VAL A 30 -15.87 -13.21 14.00
C VAL A 30 -16.96 -13.34 12.94
N ASN A 31 -16.55 -13.58 11.70
CA ASN A 31 -17.49 -13.72 10.60
C ASN A 31 -18.03 -15.16 10.53
N PRO A 32 -19.30 -15.31 10.11
CA PRO A 32 -19.93 -16.64 9.99
C PRO A 32 -19.23 -17.53 8.97
N SER A 33 -19.06 -18.81 9.32
CA SER A 33 -18.40 -19.76 8.44
C SER A 33 -16.99 -19.29 8.08
N SER A 34 -16.04 -19.56 8.97
CA SER A 34 -14.65 -19.17 8.75
C SER A 34 -13.74 -20.39 8.77
N VAL A 35 -13.66 -21.09 7.64
CA VAL A 35 -12.83 -22.27 7.52
C VAL A 35 -11.98 -22.24 6.25
N MET A 36 -11.57 -21.04 5.86
CA MET A 36 -10.75 -20.86 4.67
C MET A 36 -9.27 -20.99 5.00
N SER A 37 -8.98 -21.49 6.20
CA SER A 37 -7.61 -21.67 6.65
C SER A 37 -7.55 -22.57 7.88
N PRO A 38 -7.93 -23.86 7.73
CA PRO A 38 -7.92 -24.82 8.84
C PRO A 38 -6.50 -25.21 9.24
N ALA A 39 -5.65 -25.47 8.25
CA ALA A 39 -4.27 -25.85 8.50
C ALA A 39 -3.43 -24.64 8.92
N GLY A 40 -4.00 -23.46 8.80
CA GLY A 40 -3.29 -22.25 9.17
C GLY A 40 -2.30 -21.80 8.11
N SER A 41 -2.57 -22.18 6.86
CA SER A 41 -1.71 -21.82 5.75
C SER A 41 -2.28 -20.64 4.96
N SER A 42 -2.23 -19.46 5.57
CA SER A 42 -2.74 -18.25 4.93
C SER A 42 -2.05 -17.01 5.48
N GLN A 43 -0.95 -17.23 6.18
CA GLN A 43 -0.17 -16.13 6.76
C GLN A 43 0.77 -15.51 5.73
N ALA A 44 1.40 -16.36 4.93
CA ALA A 44 2.33 -15.89 3.90
C ALA A 44 1.57 -15.20 2.77
N GLU A 45 0.29 -15.49 2.63
CA GLU A 45 -0.53 -14.89 1.59
C GLU A 45 -1.13 -13.59 2.09
N GLU A 46 -1.31 -13.50 3.39
CA GLU A 46 -1.87 -12.31 4.01
C GLU A 46 -0.75 -11.32 4.27
N GLN A 47 0.48 -11.83 4.35
CA GLN A 47 1.65 -11.00 4.59
C GLN A 47 2.21 -10.47 3.27
N GLN A 48 2.20 -11.30 2.24
CA GLN A 48 2.70 -10.89 0.93
C GLN A 48 1.72 -9.96 0.26
N TYR A 49 0.43 -10.14 0.54
CA TYR A 49 -0.60 -9.30 -0.03
C TYR A 49 -0.39 -7.87 0.43
N LEU A 50 0.03 -7.71 1.67
CA LEU A 50 0.29 -6.41 2.24
C LEU A 50 1.70 -5.98 1.91
N ASP A 51 2.57 -6.96 1.80
CA ASP A 51 3.98 -6.71 1.49
C ASP A 51 4.12 -6.26 0.04
N LYS A 52 3.17 -6.67 -0.79
CA LYS A 52 3.17 -6.30 -2.19
C LYS A 52 2.74 -4.86 -2.33
N LEU A 53 1.84 -4.44 -1.44
CA LEU A 53 1.38 -3.06 -1.45
C LEU A 53 2.54 -2.16 -1.12
N LYS A 54 3.44 -2.69 -0.29
CA LYS A 54 4.62 -1.95 0.12
C LYS A 54 5.75 -2.12 -0.88
N GLN A 55 5.66 -3.16 -1.68
CA GLN A 55 6.67 -3.45 -2.69
C GLN A 55 6.69 -2.34 -3.74
N LEU A 56 5.53 -2.09 -4.34
CA LEU A 56 5.41 -1.04 -5.36
C LEU A 56 5.27 0.32 -4.71
N SER A 57 4.95 0.32 -3.43
CA SER A 57 4.81 1.57 -2.67
C SER A 57 6.05 2.45 -2.85
N LYS A 58 7.15 1.83 -3.29
CA LYS A 58 8.40 2.56 -3.51
C LYS A 58 8.45 3.10 -4.94
N TYR A 59 8.03 2.27 -5.90
CA TYR A 59 8.02 2.66 -7.31
C TYR A 59 7.01 3.77 -7.57
N ILE A 60 6.08 3.93 -6.65
CA ILE A 60 5.04 4.95 -6.77
C ILE A 60 5.61 6.37 -6.87
N GLU A 61 6.84 6.57 -6.41
CA GLU A 61 7.45 7.90 -6.42
C GLU A 61 8.11 8.17 -7.77
N PRO A 62 9.09 7.33 -8.17
CA PRO A 62 9.77 7.44 -9.46
C PRO A 62 8.83 7.79 -10.61
N LEU A 63 7.57 7.36 -10.51
CA LEU A 63 6.59 7.64 -11.55
C LEU A 63 6.42 9.14 -11.78
N ARG A 64 6.34 9.90 -10.69
CA ARG A 64 6.19 11.35 -10.78
C ARG A 64 7.26 11.95 -11.68
N ARG A 65 8.50 11.49 -11.51
CA ARG A 65 9.60 11.98 -12.31
C ARG A 65 9.43 11.57 -13.77
N MET A 66 8.94 10.36 -13.97
CA MET A 66 8.71 9.85 -15.33
C MET A 66 7.67 10.68 -16.06
N ILE A 67 6.54 10.94 -15.38
CA ILE A 67 5.45 11.74 -15.95
C ILE A 67 5.97 13.00 -16.65
N ASN A 68 7.10 13.52 -16.17
CA ASN A 68 7.69 14.72 -16.75
C ASN A 68 8.56 14.39 -17.96
N LYS A 69 9.51 13.48 -17.76
CA LYS A 69 10.43 13.07 -18.83
C LYS A 69 9.69 12.31 -19.93
N ILE A 70 8.46 11.92 -19.65
CA ILE A 70 7.66 11.15 -20.59
C ILE A 70 6.81 12.07 -21.45
N ASP A 71 6.18 13.07 -20.81
CA ASP A 71 5.38 14.03 -21.55
C ASP A 71 6.34 14.90 -22.34
N LYS A 72 7.61 14.76 -21.99
CA LYS A 72 8.69 15.46 -22.62
C LYS A 72 8.96 14.91 -24.01
N ASN A 73 8.49 13.68 -24.25
CA ASN A 73 8.65 13.03 -25.53
C ASN A 73 7.32 12.98 -26.28
N GLU A 74 7.28 13.58 -27.46
CA GLU A 74 6.06 13.61 -28.26
C GLU A 74 5.73 12.23 -28.83
N ASP A 75 6.73 11.34 -28.82
CA ASP A 75 6.54 9.99 -29.34
C ASP A 75 6.05 9.04 -28.25
N ARG A 76 6.32 9.38 -27.00
CA ARG A 76 5.91 8.56 -25.86
C ARG A 76 4.82 9.26 -25.05
N LYS A 77 4.04 10.10 -25.73
CA LYS A 77 2.96 10.84 -25.09
C LYS A 77 1.91 9.90 -24.50
N LYS A 78 1.83 8.69 -25.04
CA LYS A 78 0.85 7.71 -24.57
C LYS A 78 1.26 7.11 -23.23
N ASP A 79 2.56 6.92 -23.04
CA ASP A 79 3.08 6.35 -21.79
C ASP A 79 2.81 7.27 -20.60
N LEU A 80 2.53 8.53 -20.89
CA LEU A 80 2.25 9.52 -19.85
C LEU A 80 1.09 9.07 -18.96
N SER A 81 0.11 8.40 -19.55
CA SER A 81 -1.05 7.93 -18.81
C SER A 81 -0.72 6.71 -17.95
N LYS A 82 0.39 6.05 -18.27
CA LYS A 82 0.80 4.85 -17.54
C LYS A 82 1.42 5.20 -16.18
N MET A 83 2.32 6.16 -16.15
CA MET A 83 2.96 6.56 -14.90
C MET A 83 1.97 7.26 -13.98
N LYS A 84 1.23 8.22 -14.53
CA LYS A 84 0.24 8.96 -13.75
C LYS A 84 -0.82 8.01 -13.20
N SER A 85 -1.16 6.98 -13.96
CA SER A 85 -2.16 6.02 -13.52
C SER A 85 -1.60 5.12 -12.44
N LEU A 86 -0.45 4.50 -12.70
CA LEU A 86 0.18 3.61 -11.73
C LEU A 86 0.37 4.34 -10.41
N LEU A 87 0.84 5.58 -10.49
CA LEU A 87 1.05 6.39 -9.31
C LEU A 87 -0.28 6.68 -8.62
N ASP A 88 -1.29 7.04 -9.44
CA ASP A 88 -2.62 7.36 -8.91
C ASP A 88 -3.31 6.10 -8.34
N ILE A 89 -2.85 4.93 -8.76
CA ILE A 89 -3.43 3.67 -8.28
C ILE A 89 -2.79 3.24 -6.97
N LEU A 90 -1.48 3.02 -7.00
CA LEU A 90 -0.74 2.59 -5.82
C LEU A 90 -0.94 3.54 -4.63
N THR A 91 -1.43 4.75 -4.90
CA THR A 91 -1.66 5.73 -3.84
C THR A 91 -3.07 5.61 -3.25
N ASP A 92 -3.70 4.47 -3.50
CA ASP A 92 -5.05 4.22 -3.00
C ASP A 92 -5.15 4.51 -1.50
N PRO A 93 -5.88 5.57 -1.10
CA PRO A 93 -6.05 5.96 0.30
C PRO A 93 -7.11 5.12 1.02
N SER A 94 -7.81 4.28 0.27
CA SER A 94 -8.86 3.44 0.84
C SER A 94 -8.28 2.14 1.39
N LYS A 95 -6.96 2.00 1.27
CA LYS A 95 -6.26 0.82 1.75
C LYS A 95 -6.79 -0.45 1.07
N ARG A 96 -7.54 -0.26 -0.01
CA ARG A 96 -8.10 -1.38 -0.76
C ARG A 96 -7.33 -1.58 -2.07
N CYS A 97 -6.26 -2.37 -2.01
CA CYS A 97 -5.44 -2.63 -3.18
C CYS A 97 -5.37 -4.12 -3.50
N PRO A 98 -6.17 -4.60 -4.48
CA PRO A 98 -6.18 -6.01 -4.87
C PRO A 98 -4.91 -6.41 -5.60
N LEU A 99 -4.50 -7.68 -5.44
CA LEU A 99 -3.30 -8.19 -6.08
C LEU A 99 -3.31 -7.93 -7.58
N LYS A 100 -4.48 -7.62 -8.13
CA LYS A 100 -4.62 -7.36 -9.55
C LYS A 100 -3.90 -6.06 -9.93
N THR A 101 -4.09 -5.01 -9.13
CA THR A 101 -3.45 -3.73 -9.38
C THR A 101 -1.97 -3.78 -9.05
N LEU A 102 -1.61 -4.46 -7.97
CA LEU A 102 -0.22 -4.57 -7.58
C LEU A 102 0.55 -5.31 -8.67
N GLN A 103 0.08 -6.50 -8.99
CA GLN A 103 0.72 -7.32 -10.02
C GLN A 103 0.77 -6.58 -11.36
N LYS A 104 -0.29 -5.83 -11.66
CA LYS A 104 -0.35 -5.06 -12.91
C LYS A 104 0.66 -3.94 -12.89
N CYS A 105 0.74 -3.21 -11.79
CA CYS A 105 1.71 -2.13 -11.67
C CYS A 105 3.13 -2.65 -11.79
N GLU A 106 3.39 -3.82 -11.21
CA GLU A 106 4.71 -4.41 -11.28
C GLU A 106 5.01 -4.88 -12.70
N ILE A 107 4.03 -5.54 -13.31
CA ILE A 107 4.18 -6.03 -14.68
C ILE A 107 4.24 -4.86 -15.66
N ALA A 108 3.40 -3.85 -15.42
CA ALA A 108 3.36 -2.68 -16.28
C ALA A 108 4.66 -1.89 -16.19
N LEU A 109 5.04 -1.53 -14.96
CA LEU A 109 6.27 -0.77 -14.74
C LEU A 109 7.48 -1.51 -15.29
N GLU A 110 7.40 -2.84 -15.28
CA GLU A 110 8.49 -3.67 -15.78
C GLU A 110 8.61 -3.57 -17.30
N LYS A 111 7.48 -3.64 -17.98
CA LYS A 111 7.44 -3.54 -19.44
C LYS A 111 7.82 -2.14 -19.90
N LEU A 112 7.52 -1.15 -19.06
CA LEU A 112 7.82 0.25 -19.39
C LEU A 112 9.29 0.56 -19.13
N LYS A 113 9.95 -0.29 -18.34
CA LYS A 113 11.35 -0.11 -18.01
C LYS A 113 12.25 -0.51 -19.18
N ASN A 114 11.89 -1.60 -19.86
CA ASN A 114 12.66 -2.09 -20.99
C ASN A 114 12.71 -1.05 -22.12
N ASP A 115 11.67 -0.24 -22.21
CA ASP A 115 11.60 0.79 -23.24
C ASP A 115 12.29 2.08 -22.78
N MET A 116 12.49 2.21 -21.48
CA MET A 116 13.13 3.38 -20.91
C MET A 116 14.65 3.22 -20.91
N ALA A 117 15.11 1.97 -20.89
CA ALA A 117 16.54 1.67 -20.89
C ALA A 117 17.02 1.33 -22.30
N VAL A 118 17.76 2.26 -22.90
CA VAL A 118 18.29 2.07 -24.25
C VAL A 118 19.81 2.02 -24.24
N MET A 1 14.95 3.71 26.31
CA MET A 1 16.00 3.28 25.36
C MET A 1 15.56 2.03 24.61
N HIS A 2 14.83 1.15 25.28
CA HIS A 2 14.34 -0.08 24.67
C HIS A 2 12.82 -0.16 24.76
N HIS A 3 12.15 0.90 24.32
CA HIS A 3 10.69 0.97 24.36
C HIS A 3 10.17 0.89 25.79
N HIS A 4 10.82 1.63 26.69
CA HIS A 4 10.43 1.66 28.09
C HIS A 4 10.13 3.09 28.55
N HIS A 5 9.60 3.23 29.75
CA HIS A 5 9.27 4.53 30.31
C HIS A 5 9.40 4.52 31.83
N HIS A 6 9.68 5.69 32.41
CA HIS A 6 9.82 5.80 33.85
C HIS A 6 9.08 7.03 34.39
N HIS A 7 9.24 8.16 33.70
CA HIS A 7 8.58 9.39 34.11
C HIS A 7 7.39 9.70 33.22
N ALA A 8 6.20 9.64 33.79
CA ALA A 8 4.97 9.91 33.06
C ALA A 8 3.81 10.21 34.00
N SER A 9 3.41 11.47 34.05
CA SER A 9 2.32 11.89 34.92
C SER A 9 1.22 12.60 34.13
N VAL A 10 1.59 13.67 33.42
CA VAL A 10 0.64 14.43 32.63
C VAL A 10 0.71 14.04 31.16
N THR A 11 1.13 12.80 30.90
CA THR A 11 1.24 12.31 29.52
C THR A 11 -0.14 12.08 28.91
N ALA A 12 -0.43 12.80 27.83
CA ALA A 12 -1.71 12.66 27.14
C ALA A 12 -1.83 11.31 26.45
N ARG A 13 -2.29 10.31 27.19
CA ARG A 13 -2.46 8.97 26.64
C ARG A 13 -3.80 8.37 27.07
N THR A 14 -4.57 9.14 27.82
CA THR A 14 -5.88 8.69 28.30
C THR A 14 -7.00 9.50 27.65
N PRO A 15 -8.13 8.83 27.32
CA PRO A 15 -9.28 9.49 26.69
C PRO A 15 -9.95 10.48 27.63
N GLN A 16 -9.53 11.74 27.55
CA GLN A 16 -10.09 12.79 28.39
C GLN A 16 -11.29 13.43 27.73
N ASN A 17 -11.39 13.28 26.40
CA ASN A 17 -12.50 13.85 25.65
C ASN A 17 -13.82 13.20 26.07
N PHE A 18 -13.90 11.88 25.93
CA PHE A 18 -15.10 11.14 26.29
C PHE A 18 -14.76 9.70 26.64
N SER A 19 -15.18 9.26 27.82
CA SER A 19 -14.92 7.90 28.28
C SER A 19 -16.12 6.99 28.02
N VAL A 20 -15.92 5.69 28.23
CA VAL A 20 -16.97 4.71 28.03
C VAL A 20 -17.48 4.74 26.59
N PRO A 21 -16.76 4.08 25.66
CA PRO A 21 -17.14 4.05 24.24
C PRO A 21 -18.44 3.28 24.00
N SER A 22 -18.92 3.28 22.76
CA SER A 22 -20.14 2.58 22.42
C SER A 22 -19.89 1.49 21.38
N PRO A 23 -19.45 0.29 21.83
CA PRO A 23 -19.18 -0.84 20.93
C PRO A 23 -20.42 -1.26 20.14
N GLY A 24 -20.46 -0.93 18.86
CA GLY A 24 -21.59 -1.28 18.03
C GLY A 24 -21.40 -2.61 17.34
N PRO A 25 -22.05 -2.83 16.17
CA PRO A 25 -21.94 -4.08 15.43
C PRO A 25 -20.62 -4.18 14.65
N LEU A 26 -19.96 -3.04 14.48
CA LEU A 26 -18.70 -3.01 13.77
C LEU A 26 -17.59 -3.72 14.54
N ASN A 27 -17.35 -4.97 14.18
CA ASN A 27 -16.32 -5.78 14.84
C ASN A 27 -15.25 -6.21 13.84
N THR A 28 -14.13 -5.49 13.85
CA THR A 28 -13.03 -5.79 12.94
C THR A 28 -11.68 -5.80 13.68
N PRO A 29 -11.37 -6.90 14.39
CA PRO A 29 -10.11 -7.02 15.14
C PRO A 29 -8.89 -7.00 14.23
N VAL A 30 -8.30 -5.81 14.07
CA VAL A 30 -7.13 -5.66 13.21
C VAL A 30 -5.84 -5.78 14.01
N ASN A 31 -5.79 -6.76 14.91
CA ASN A 31 -4.61 -6.98 15.74
C ASN A 31 -3.38 -7.26 14.87
N PRO A 32 -2.19 -6.80 15.30
CA PRO A 32 -0.96 -7.01 14.54
C PRO A 32 -0.52 -8.47 14.53
N SER A 33 -0.63 -9.10 13.38
CA SER A 33 -0.24 -10.51 13.23
C SER A 33 -1.05 -11.39 14.18
N SER A 34 -2.18 -11.89 13.69
CA SER A 34 -3.05 -12.75 14.49
C SER A 34 -2.29 -13.96 15.01
N VAL A 35 -1.44 -14.53 14.15
CA VAL A 35 -0.65 -15.71 14.52
C VAL A 35 0.82 -15.34 14.73
N MET A 36 1.32 -15.61 15.93
CA MET A 36 2.71 -15.30 16.26
C MET A 36 3.65 -16.35 15.66
N SER A 37 3.10 -17.51 15.30
CA SER A 37 3.90 -18.58 14.73
C SER A 37 3.07 -19.42 13.75
N PRO A 38 2.98 -18.99 12.47
CA PRO A 38 2.22 -19.72 11.45
C PRO A 38 2.88 -21.04 11.06
N ALA A 39 2.19 -21.79 10.21
CA ALA A 39 2.72 -23.08 9.76
C ALA A 39 2.53 -23.24 8.25
N GLY A 40 2.22 -22.14 7.58
CA GLY A 40 2.01 -22.19 6.14
C GLY A 40 2.11 -20.81 5.51
N SER A 41 1.93 -20.75 4.19
CA SER A 41 1.99 -19.48 3.46
C SER A 41 1.12 -19.53 2.22
N SER A 42 0.40 -20.64 2.05
CA SER A 42 -0.48 -20.81 0.90
C SER A 42 -1.62 -19.80 0.93
N GLN A 43 -2.12 -19.51 2.14
CA GLN A 43 -3.21 -18.56 2.31
C GLN A 43 -2.72 -17.13 2.13
N ALA A 44 -1.41 -16.93 2.33
CA ALA A 44 -0.81 -15.61 2.21
C ALA A 44 -0.51 -15.28 0.75
N GLU A 45 -0.44 -16.31 -0.09
CA GLU A 45 -0.15 -16.12 -1.51
C GLU A 45 -1.43 -15.87 -2.27
N GLU A 46 -2.51 -16.42 -1.75
CA GLU A 46 -3.82 -16.24 -2.37
C GLU A 46 -4.44 -14.94 -1.89
N GLN A 47 -3.99 -14.47 -0.73
CA GLN A 47 -4.47 -13.23 -0.15
C GLN A 47 -3.68 -12.04 -0.67
N GLN A 48 -2.38 -12.23 -0.87
CA GLN A 48 -1.55 -11.15 -1.37
C GLN A 48 -1.72 -11.02 -2.87
N TYR A 49 -2.10 -12.12 -3.52
CA TYR A 49 -2.33 -12.11 -4.96
C TYR A 49 -3.39 -11.07 -5.29
N LEU A 50 -4.43 -11.04 -4.47
CA LEU A 50 -5.51 -10.09 -4.64
C LEU A 50 -5.17 -8.77 -3.96
N ASP A 51 -4.49 -8.88 -2.82
CA ASP A 51 -4.10 -7.70 -2.05
C ASP A 51 -3.10 -6.85 -2.81
N LYS A 52 -2.38 -7.48 -3.74
CA LYS A 52 -1.38 -6.79 -4.54
C LYS A 52 -2.03 -6.22 -5.78
N LEU A 53 -3.12 -6.84 -6.21
CA LEU A 53 -3.83 -6.36 -7.38
C LEU A 53 -4.45 -5.01 -7.07
N LYS A 54 -4.84 -4.85 -5.80
CA LYS A 54 -5.47 -3.61 -5.35
C LYS A 54 -4.43 -2.60 -4.91
N GLN A 55 -3.26 -3.08 -4.58
CA GLN A 55 -2.17 -2.22 -4.13
C GLN A 55 -1.72 -1.30 -5.26
N LEU A 56 -1.48 -1.88 -6.43
CA LEU A 56 -1.05 -1.11 -7.59
C LEU A 56 -2.26 -0.48 -8.28
N SER A 57 -3.41 -1.12 -8.15
CA SER A 57 -4.64 -0.61 -8.74
C SER A 57 -4.86 0.86 -8.37
N LYS A 58 -4.21 1.31 -7.30
CA LYS A 58 -4.33 2.69 -6.86
C LYS A 58 -3.27 3.57 -7.53
N TYR A 59 -2.06 3.05 -7.63
CA TYR A 59 -0.95 3.77 -8.24
C TYR A 59 -1.19 3.98 -9.73
N ILE A 60 -2.09 3.19 -10.30
CA ILE A 60 -2.42 3.28 -11.71
C ILE A 60 -2.92 4.66 -12.10
N GLU A 61 -3.39 5.44 -11.13
CA GLU A 61 -3.95 6.77 -11.43
C GLU A 61 -2.82 7.81 -11.48
N PRO A 62 -2.04 7.95 -10.40
CA PRO A 62 -0.90 8.87 -10.33
C PRO A 62 -0.06 8.87 -11.61
N LEU A 63 0.01 7.72 -12.30
CA LEU A 63 0.81 7.61 -13.52
C LEU A 63 0.37 8.64 -14.55
N ARG A 64 -0.91 9.02 -14.51
CA ARG A 64 -1.46 10.00 -15.44
C ARG A 64 -0.71 11.33 -15.33
N ARG A 65 -0.78 11.93 -14.14
CA ARG A 65 -0.11 13.21 -13.92
C ARG A 65 1.40 13.07 -14.15
N MET A 66 1.91 11.87 -13.95
CA MET A 66 3.34 11.60 -14.15
C MET A 66 3.70 11.73 -15.63
N ILE A 67 2.94 11.05 -16.49
CA ILE A 67 3.17 11.09 -17.93
C ILE A 67 3.34 12.52 -18.43
N ASN A 68 2.71 13.46 -17.72
CA ASN A 68 2.80 14.88 -18.09
C ASN A 68 4.05 15.53 -17.50
N LYS A 69 4.21 15.40 -16.19
CA LYS A 69 5.35 15.97 -15.48
C LYS A 69 6.66 15.32 -15.91
N ILE A 70 6.54 14.20 -16.61
CA ILE A 70 7.71 13.45 -17.08
C ILE A 70 8.10 13.90 -18.47
N ASP A 71 7.11 14.03 -19.36
CA ASP A 71 7.37 14.51 -20.71
C ASP A 71 7.77 15.96 -20.60
N LYS A 72 7.52 16.50 -19.42
CA LYS A 72 7.83 17.87 -19.09
C LYS A 72 9.34 18.04 -18.93
N ASN A 73 10.01 16.93 -18.66
CA ASN A 73 11.47 16.93 -18.50
C ASN A 73 12.14 16.26 -19.71
N GLU A 74 13.17 16.91 -20.23
CA GLU A 74 13.89 16.38 -21.39
C GLU A 74 14.84 15.26 -21.00
N ASP A 75 15.44 15.38 -19.81
CA ASP A 75 16.38 14.37 -19.32
C ASP A 75 15.67 13.08 -18.97
N ARG A 76 14.35 13.13 -18.84
CA ARG A 76 13.56 11.95 -18.50
C ARG A 76 12.36 11.79 -19.44
N LYS A 77 12.51 12.28 -20.66
CA LYS A 77 11.45 12.20 -21.67
C LYS A 77 11.13 10.74 -22.02
N LYS A 78 12.10 9.86 -21.76
CA LYS A 78 11.93 8.44 -22.06
C LYS A 78 11.21 7.70 -20.93
N ASP A 79 11.29 8.26 -19.72
CA ASP A 79 10.67 7.65 -18.55
C ASP A 79 9.14 7.56 -18.72
N LEU A 80 8.60 8.35 -19.64
CA LEU A 80 7.17 8.36 -19.89
C LEU A 80 6.65 6.96 -20.23
N SER A 81 7.43 6.22 -21.00
CA SER A 81 7.06 4.87 -21.41
C SER A 81 6.78 3.96 -20.23
N LYS A 82 7.21 4.36 -19.04
CA LYS A 82 7.01 3.56 -17.84
C LYS A 82 5.63 3.80 -17.22
N MET A 83 5.24 5.07 -17.11
CA MET A 83 3.95 5.40 -16.52
C MET A 83 2.81 5.02 -17.46
N LYS A 84 2.88 5.48 -18.70
CA LYS A 84 1.85 5.16 -19.69
C LYS A 84 1.68 3.66 -19.84
N SER A 85 2.79 2.93 -19.69
CA SER A 85 2.75 1.48 -19.81
C SER A 85 2.08 0.83 -18.61
N LEU A 86 2.63 1.08 -17.41
CA LEU A 86 2.05 0.50 -16.20
C LEU A 86 0.58 0.88 -16.07
N LEU A 87 0.25 2.08 -16.52
CA LEU A 87 -1.13 2.57 -16.48
C LEU A 87 -1.99 1.89 -17.53
N ASP A 88 -1.44 1.70 -18.73
CA ASP A 88 -2.18 1.08 -19.82
C ASP A 88 -2.34 -0.44 -19.64
N ILE A 89 -1.47 -1.03 -18.83
CA ILE A 89 -1.53 -2.48 -18.59
C ILE A 89 -2.47 -2.84 -17.45
N LEU A 90 -2.19 -2.33 -16.25
CA LEU A 90 -3.00 -2.62 -15.07
C LEU A 90 -4.44 -2.12 -15.21
N THR A 91 -4.71 -1.35 -16.26
CA THR A 91 -6.06 -0.83 -16.49
C THR A 91 -6.95 -1.84 -17.19
N ASP A 92 -6.54 -3.11 -17.17
CA ASP A 92 -7.31 -4.17 -17.80
C ASP A 92 -7.73 -5.23 -16.78
N PRO A 93 -8.71 -4.90 -15.91
CA PRO A 93 -9.20 -5.81 -14.89
C PRO A 93 -10.26 -6.78 -15.44
N SER A 94 -10.69 -6.54 -16.68
CA SER A 94 -11.68 -7.39 -17.32
C SER A 94 -11.18 -8.82 -17.45
N LYS A 95 -9.86 -8.99 -17.35
CA LYS A 95 -9.25 -10.31 -17.46
C LYS A 95 -8.51 -10.67 -16.16
N ARG A 96 -7.83 -11.81 -16.17
CA ARG A 96 -7.08 -12.27 -15.01
C ARG A 96 -5.95 -11.29 -14.68
N CYS A 97 -5.50 -11.32 -13.43
CA CYS A 97 -4.43 -10.44 -12.99
C CYS A 97 -3.20 -11.24 -12.56
N PRO A 98 -2.30 -11.58 -13.51
CA PRO A 98 -1.09 -12.36 -13.21
C PRO A 98 -0.12 -11.59 -12.31
N LEU A 99 0.58 -12.32 -11.46
CA LEU A 99 1.54 -11.73 -10.55
C LEU A 99 2.73 -11.14 -11.31
N LYS A 100 2.86 -11.53 -12.58
CA LYS A 100 3.95 -11.04 -13.42
C LYS A 100 3.79 -9.55 -13.70
N THR A 101 2.56 -9.06 -13.70
CA THR A 101 2.28 -7.66 -13.96
C THR A 101 2.28 -6.85 -12.68
N LEU A 102 1.88 -7.48 -11.58
CA LEU A 102 1.84 -6.82 -10.29
C LEU A 102 3.25 -6.66 -9.75
N GLN A 103 4.00 -7.74 -9.75
CA GLN A 103 5.38 -7.73 -9.27
C GLN A 103 6.24 -6.81 -10.13
N LYS A 104 5.92 -6.71 -11.41
CA LYS A 104 6.66 -5.86 -12.33
C LYS A 104 6.30 -4.41 -12.12
N CYS A 105 5.02 -4.10 -12.09
CA CYS A 105 4.59 -2.72 -11.87
C CYS A 105 5.02 -2.25 -10.49
N GLU A 106 5.15 -3.20 -9.55
CA GLU A 106 5.57 -2.87 -8.20
C GLU A 106 7.06 -2.53 -8.20
N ILE A 107 7.87 -3.41 -8.78
CA ILE A 107 9.31 -3.19 -8.86
C ILE A 107 9.61 -2.02 -9.79
N ALA A 108 8.87 -1.94 -10.89
CA ALA A 108 9.07 -0.86 -11.85
C ALA A 108 8.76 0.49 -11.24
N LEU A 109 7.57 0.61 -10.64
CA LEU A 109 7.16 1.86 -10.00
C LEU A 109 8.14 2.26 -8.90
N GLU A 110 8.63 1.27 -8.16
CA GLU A 110 9.58 1.51 -7.09
C GLU A 110 10.96 1.84 -7.64
N LYS A 111 11.23 1.38 -8.85
CA LYS A 111 12.51 1.63 -9.51
C LYS A 111 12.63 3.07 -9.96
N LEU A 112 11.57 3.57 -10.61
CA LEU A 112 11.56 4.94 -11.10
C LEU A 112 11.35 5.94 -9.97
N LYS A 113 10.87 5.43 -8.84
CA LYS A 113 10.62 6.28 -7.66
C LYS A 113 11.90 6.45 -6.85
N ASN A 114 12.80 5.47 -6.94
CA ASN A 114 14.06 5.51 -6.22
C ASN A 114 14.91 6.68 -6.69
N ASP A 115 14.97 6.87 -8.00
CA ASP A 115 15.76 7.95 -8.59
C ASP A 115 15.15 9.31 -8.24
N MET A 116 13.84 9.33 -8.00
CA MET A 116 13.15 10.57 -7.65
C MET A 116 13.31 10.88 -6.17
N ALA A 117 13.52 9.83 -5.37
CA ALA A 117 13.69 9.99 -3.93
C ALA A 117 15.17 10.05 -3.56
N VAL A 118 15.64 11.25 -3.25
CA VAL A 118 17.03 11.46 -2.88
C VAL A 118 17.38 10.70 -1.60
N MET A 1 3.00 10.66 24.24
CA MET A 1 1.65 10.04 24.11
C MET A 1 0.68 10.63 25.12
N HIS A 2 1.18 11.49 26.01
CA HIS A 2 0.36 12.12 27.02
C HIS A 2 -0.49 13.25 26.41
N HIS A 3 -1.40 13.78 27.21
CA HIS A 3 -2.28 14.85 26.76
C HIS A 3 -2.13 16.08 27.64
N HIS A 4 -1.01 16.80 27.47
CA HIS A 4 -0.72 18.00 28.26
C HIS A 4 -0.59 17.67 29.74
N HIS A 5 -1.72 17.56 30.43
CA HIS A 5 -1.72 17.26 31.86
C HIS A 5 -2.05 15.78 32.08
N HIS A 6 -1.35 15.17 33.04
CA HIS A 6 -1.57 13.76 33.35
C HIS A 6 -1.05 13.43 34.74
N HIS A 7 0.17 13.83 35.03
CA HIS A 7 0.78 13.57 36.34
C HIS A 7 0.21 14.51 37.40
N ALA A 8 -0.10 13.94 38.57
CA ALA A 8 -0.64 14.73 39.67
C ALA A 8 -0.37 14.04 41.01
N SER A 9 0.78 14.34 41.60
CA SER A 9 1.17 13.75 42.87
C SER A 9 1.29 14.81 43.96
N VAL A 10 0.73 15.99 43.69
CA VAL A 10 0.78 17.09 44.64
C VAL A 10 -0.51 17.16 45.45
N THR A 11 -1.61 16.74 44.84
CA THR A 11 -2.91 16.74 45.50
C THR A 11 -3.58 15.37 45.41
N ALA A 12 -3.97 14.83 46.55
CA ALA A 12 -4.63 13.52 46.60
C ALA A 12 -5.70 13.49 47.68
N ARG A 13 -6.95 13.70 47.28
CA ARG A 13 -8.07 13.68 48.21
C ARG A 13 -8.75 12.31 48.23
N THR A 14 -9.03 11.79 47.04
CA THR A 14 -9.67 10.49 46.90
C THR A 14 -9.03 9.67 45.79
N PRO A 15 -7.96 8.91 46.11
CA PRO A 15 -7.26 8.08 45.11
C PRO A 15 -8.14 6.95 44.60
N GLN A 16 -8.72 7.14 43.42
CA GLN A 16 -9.59 6.12 42.82
C GLN A 16 -8.92 5.51 41.60
N ASN A 17 -7.65 5.11 41.75
CA ASN A 17 -6.90 4.51 40.66
C ASN A 17 -6.83 5.45 39.46
N PHE A 18 -5.74 6.20 39.38
CA PHE A 18 -5.54 7.15 38.28
C PHE A 18 -5.41 6.41 36.96
N SER A 19 -4.60 5.37 36.94
CA SER A 19 -4.39 4.58 35.74
C SER A 19 -5.62 3.71 35.43
N VAL A 20 -5.73 3.29 34.18
CA VAL A 20 -6.85 2.46 33.76
C VAL A 20 -6.41 1.37 32.77
N PRO A 21 -5.76 0.31 33.27
CA PRO A 21 -5.28 -0.79 32.42
C PRO A 21 -6.42 -1.62 31.85
N SER A 22 -6.82 -1.31 30.62
CA SER A 22 -7.90 -2.02 29.96
C SER A 22 -7.75 -1.98 28.44
N PRO A 23 -6.75 -2.70 27.89
CA PRO A 23 -6.51 -2.74 26.44
C PRO A 23 -7.75 -3.18 25.67
N GLY A 24 -8.15 -2.38 24.68
CA GLY A 24 -9.31 -2.71 23.89
C GLY A 24 -10.57 -1.99 24.37
N PRO A 25 -10.75 -0.71 23.99
CA PRO A 25 -11.92 0.08 24.38
C PRO A 25 -13.24 -0.60 24.00
N LEU A 26 -14.09 -0.82 25.00
CA LEU A 26 -15.40 -1.44 24.79
C LEU A 26 -15.24 -2.88 24.28
N ASN A 27 -14.99 -3.02 22.99
CA ASN A 27 -14.82 -4.34 22.38
C ASN A 27 -16.10 -5.17 22.52
N THR A 28 -16.98 -5.08 21.53
CA THR A 28 -18.23 -5.82 21.55
C THR A 28 -18.55 -6.40 20.17
N PRO A 29 -17.79 -7.41 19.73
CA PRO A 29 -18.00 -8.06 18.43
C PRO A 29 -19.43 -8.57 18.27
N VAL A 30 -19.93 -8.54 17.03
CA VAL A 30 -21.28 -9.00 16.75
C VAL A 30 -21.30 -9.96 15.57
N ASN A 31 -20.35 -9.80 14.66
CA ASN A 31 -20.26 -10.65 13.48
C ASN A 31 -18.91 -11.38 13.43
N PRO A 32 -18.90 -12.67 13.05
CA PRO A 32 -17.66 -13.46 12.97
C PRO A 32 -16.73 -12.94 11.88
N SER A 33 -15.52 -12.54 12.29
CA SER A 33 -14.53 -12.01 11.36
C SER A 33 -13.47 -13.07 11.04
N SER A 34 -12.68 -12.80 10.01
CA SER A 34 -11.60 -13.71 9.59
C SER A 34 -12.11 -15.15 9.50
N VAL A 35 -13.24 -15.33 8.81
CA VAL A 35 -13.82 -16.65 8.65
C VAL A 35 -13.36 -17.29 7.34
N MET A 36 -12.41 -16.65 6.67
CA MET A 36 -11.89 -17.16 5.41
C MET A 36 -10.37 -17.03 5.37
N SER A 37 -9.69 -18.03 5.91
CA SER A 37 -8.23 -18.03 5.94
C SER A 37 -7.67 -19.44 5.74
N PRO A 38 -7.86 -20.02 4.55
CA PRO A 38 -7.38 -21.38 4.23
C PRO A 38 -5.86 -21.49 4.36
N ALA A 39 -5.40 -22.65 4.81
CA ALA A 39 -3.97 -22.89 4.97
C ALA A 39 -3.53 -24.13 4.22
N GLY A 40 -2.87 -23.93 3.08
CA GLY A 40 -2.40 -25.05 2.28
C GLY A 40 -1.08 -24.75 1.60
N SER A 41 -1.05 -24.97 0.28
CA SER A 41 0.16 -24.72 -0.50
C SER A 41 0.20 -23.29 -1.02
N SER A 42 -0.16 -22.34 -0.15
CA SER A 42 -0.17 -20.94 -0.51
C SER A 42 1.22 -20.32 -0.31
N GLN A 43 2.26 -21.10 -0.59
CA GLN A 43 3.63 -20.63 -0.44
C GLN A 43 4.09 -19.88 -1.67
N ALA A 44 3.88 -20.48 -2.84
CA ALA A 44 4.27 -19.87 -4.11
C ALA A 44 3.40 -18.67 -4.43
N GLU A 45 2.23 -18.60 -3.80
CA GLU A 45 1.31 -17.48 -4.03
C GLU A 45 1.61 -16.35 -3.08
N GLU A 46 2.10 -16.70 -1.91
CA GLU A 46 2.46 -15.73 -0.89
C GLU A 46 3.82 -15.14 -1.21
N GLN A 47 4.63 -15.90 -1.96
CA GLN A 47 5.96 -15.46 -2.35
C GLN A 47 5.91 -14.65 -3.64
N GLN A 48 5.08 -15.09 -4.58
CA GLN A 48 4.96 -14.39 -5.85
C GLN A 48 4.29 -13.03 -5.66
N TYR A 49 3.37 -12.96 -4.70
CA TYR A 49 2.69 -11.70 -4.41
C TYR A 49 3.72 -10.65 -4.05
N LEU A 50 4.77 -11.08 -3.33
CA LEU A 50 5.84 -10.19 -2.93
C LEU A 50 6.86 -10.09 -4.06
N ASP A 51 7.04 -11.21 -4.76
CA ASP A 51 7.98 -11.29 -5.87
C ASP A 51 7.53 -10.45 -7.04
N LYS A 52 6.23 -10.19 -7.11
CA LYS A 52 5.65 -9.39 -8.17
C LYS A 52 5.69 -7.92 -7.79
N LEU A 53 5.72 -7.66 -6.50
CA LEU A 53 5.78 -6.29 -6.01
C LEU A 53 7.18 -5.74 -6.19
N LYS A 54 8.16 -6.64 -6.12
CA LYS A 54 9.55 -6.28 -6.27
C LYS A 54 9.97 -6.26 -7.73
N GLN A 55 9.22 -6.99 -8.54
CA GLN A 55 9.48 -7.07 -9.97
C GLN A 55 9.19 -5.73 -10.64
N LEU A 56 8.01 -5.19 -10.34
CA LEU A 56 7.60 -3.91 -10.90
C LEU A 56 8.28 -2.78 -10.15
N SER A 57 8.69 -3.07 -8.92
CA SER A 57 9.38 -2.09 -8.08
C SER A 57 10.60 -1.51 -8.81
N LYS A 58 11.03 -2.18 -9.87
CA LYS A 58 12.18 -1.73 -10.64
C LYS A 58 11.75 -0.75 -11.74
N TYR A 59 10.58 -1.00 -12.31
CA TYR A 59 10.04 -0.16 -13.38
C TYR A 59 9.34 1.07 -12.81
N ILE A 60 8.99 1.01 -11.54
CA ILE A 60 8.32 2.12 -10.87
C ILE A 60 9.13 3.42 -10.91
N GLU A 61 10.44 3.31 -11.10
CA GLU A 61 11.31 4.51 -11.10
C GLU A 61 11.35 5.14 -12.49
N PRO A 62 11.76 4.37 -13.51
CA PRO A 62 11.82 4.84 -14.89
C PRO A 62 10.62 5.68 -15.30
N LEU A 63 9.47 5.46 -14.64
CA LEU A 63 8.26 6.20 -14.95
C LEU A 63 8.50 7.71 -14.86
N ARG A 64 9.28 8.13 -13.88
CA ARG A 64 9.60 9.54 -13.70
C ARG A 64 10.30 10.11 -14.94
N ARG A 65 11.17 9.30 -15.53
CA ARG A 65 11.90 9.71 -16.72
C ARG A 65 10.97 9.77 -17.93
N MET A 66 10.01 8.85 -17.96
CA MET A 66 9.05 8.80 -19.06
C MET A 66 8.14 10.02 -19.04
N ILE A 67 7.58 10.33 -17.87
CA ILE A 67 6.70 11.48 -17.70
C ILE A 67 7.25 12.73 -18.39
N ASN A 68 8.58 12.81 -18.49
CA ASN A 68 9.23 13.96 -19.12
C ASN A 68 9.30 13.82 -20.64
N LYS A 69 9.69 12.64 -21.12
CA LYS A 69 9.80 12.39 -22.55
C LYS A 69 8.44 12.24 -23.21
N ILE A 70 7.41 12.07 -22.39
CA ILE A 70 6.06 11.89 -22.87
C ILE A 70 5.33 13.23 -22.92
N ASP A 71 5.54 14.04 -21.87
CA ASP A 71 4.94 15.37 -21.82
C ASP A 71 5.65 16.22 -22.85
N LYS A 72 6.73 15.64 -23.35
CA LYS A 72 7.57 16.25 -24.36
C LYS A 72 6.85 16.26 -25.70
N ASN A 73 5.84 15.39 -25.82
CA ASN A 73 5.05 15.29 -27.04
C ASN A 73 3.71 15.98 -26.85
N GLU A 74 3.31 16.76 -27.83
CA GLU A 74 2.05 17.49 -27.78
C GLU A 74 0.86 16.57 -28.05
N ASP A 75 1.15 15.38 -28.57
CA ASP A 75 0.10 14.41 -28.88
C ASP A 75 -0.21 13.49 -27.71
N ARG A 76 0.75 13.34 -26.80
CA ARG A 76 0.57 12.47 -25.63
C ARG A 76 0.95 13.17 -24.34
N LYS A 77 0.80 14.49 -24.31
CA LYS A 77 1.14 15.28 -23.12
C LYS A 77 0.42 14.77 -21.88
N LYS A 78 -0.80 14.28 -22.06
CA LYS A 78 -1.60 13.77 -20.94
C LYS A 78 -1.29 12.31 -20.63
N ASP A 79 -0.71 11.61 -21.58
CA ASP A 79 -0.38 10.20 -21.40
C ASP A 79 0.47 9.95 -20.15
N LEU A 80 1.11 11.01 -19.66
CA LEU A 80 1.96 10.89 -18.47
C LEU A 80 1.17 10.40 -17.26
N SER A 81 -0.15 10.52 -17.33
CA SER A 81 -1.02 10.11 -16.23
C SER A 81 -0.85 8.63 -15.91
N LYS A 82 -0.27 7.88 -16.84
CA LYS A 82 -0.06 6.45 -16.65
C LYS A 82 1.21 6.18 -15.85
N MET A 83 2.26 6.97 -16.12
CA MET A 83 3.53 6.80 -15.42
C MET A 83 3.43 7.33 -14.00
N LYS A 84 2.86 8.52 -13.84
CA LYS A 84 2.72 9.11 -12.51
C LYS A 84 1.76 8.29 -11.66
N SER A 85 0.79 7.65 -12.30
CA SER A 85 -0.17 6.83 -11.59
C SER A 85 0.46 5.52 -11.14
N LEU A 86 1.09 4.79 -12.06
CA LEU A 86 1.74 3.53 -11.72
C LEU A 86 2.83 3.77 -10.68
N LEU A 87 3.52 4.90 -10.81
CA LEU A 87 4.57 5.27 -9.87
C LEU A 87 3.99 5.64 -8.51
N ASP A 88 2.87 6.36 -8.51
CA ASP A 88 2.25 6.79 -7.26
C ASP A 88 1.47 5.66 -6.57
N ILE A 89 1.06 4.65 -7.33
CA ILE A 89 0.30 3.54 -6.75
C ILE A 89 1.21 2.45 -6.19
N LEU A 90 2.24 2.08 -6.95
CA LEU A 90 3.17 1.02 -6.52
C LEU A 90 4.11 1.53 -5.43
N THR A 91 4.03 2.81 -5.11
CA THR A 91 4.89 3.39 -4.07
C THR A 91 4.35 3.13 -2.67
N ASP A 92 3.43 2.17 -2.57
CA ASP A 92 2.85 1.82 -1.28
C ASP A 92 3.25 0.41 -0.85
N PRO A 93 4.47 0.26 -0.30
CA PRO A 93 4.98 -1.05 0.15
C PRO A 93 4.38 -1.45 1.49
N SER A 94 4.23 -0.48 2.39
CA SER A 94 3.68 -0.74 3.71
C SER A 94 2.17 -0.99 3.62
N LYS A 95 1.53 -0.37 2.65
CA LYS A 95 0.08 -0.53 2.46
C LYS A 95 -0.22 -1.77 1.63
N ARG A 96 -1.09 -2.63 2.17
CA ARG A 96 -1.47 -3.86 1.49
C ARG A 96 -2.01 -3.57 0.10
N CYS A 97 -1.17 -3.79 -0.92
CA CYS A 97 -1.57 -3.55 -2.31
C CYS A 97 -1.92 -4.87 -3.01
N PRO A 98 -3.23 -5.12 -3.24
CA PRO A 98 -3.68 -6.35 -3.91
C PRO A 98 -3.01 -6.57 -5.26
N LEU A 99 -3.11 -7.80 -5.76
CA LEU A 99 -2.53 -8.15 -7.05
C LEU A 99 -3.05 -7.26 -8.17
N LYS A 100 -4.14 -6.55 -7.90
CA LYS A 100 -4.73 -5.65 -8.89
C LYS A 100 -3.73 -4.60 -9.36
N THR A 101 -3.07 -3.94 -8.41
CA THR A 101 -2.09 -2.90 -8.73
C THR A 101 -0.85 -3.50 -9.37
N LEU A 102 -0.41 -4.64 -8.88
CA LEU A 102 0.77 -5.30 -9.43
C LEU A 102 0.50 -5.71 -10.87
N GLN A 103 -0.55 -6.51 -11.05
CA GLN A 103 -0.95 -6.99 -12.36
C GLN A 103 -1.22 -5.81 -13.31
N LYS A 104 -1.80 -4.74 -12.78
CA LYS A 104 -2.10 -3.56 -13.58
C LYS A 104 -0.83 -2.86 -14.00
N CYS A 105 0.09 -2.65 -13.07
CA CYS A 105 1.35 -2.02 -13.40
C CYS A 105 2.14 -2.87 -14.39
N GLU A 106 2.02 -4.18 -14.28
CA GLU A 106 2.70 -5.09 -15.18
C GLU A 106 2.10 -5.01 -16.58
N ILE A 107 0.78 -5.06 -16.64
CA ILE A 107 0.08 -4.98 -17.92
C ILE A 107 0.20 -3.57 -18.50
N ALA A 108 0.10 -2.57 -17.63
CA ALA A 108 0.21 -1.18 -18.06
C ALA A 108 1.60 -0.89 -18.61
N LEU A 109 2.63 -1.22 -17.82
CA LEU A 109 4.01 -1.00 -18.24
C LEU A 109 4.31 -1.73 -19.54
N GLU A 110 3.75 -2.93 -19.69
CA GLU A 110 3.94 -3.72 -20.90
C GLU A 110 3.28 -3.06 -22.10
N LYS A 111 2.12 -2.45 -21.86
CA LYS A 111 1.38 -1.79 -22.92
C LYS A 111 2.11 -0.53 -23.39
N LEU A 112 2.80 0.12 -22.47
CA LEU A 112 3.55 1.33 -22.78
C LEU A 112 4.85 1.00 -23.50
N LYS A 113 5.45 -0.14 -23.15
CA LYS A 113 6.70 -0.57 -23.76
C LYS A 113 6.47 -1.03 -25.20
N ASN A 114 5.25 -1.45 -25.49
CA ASN A 114 4.89 -1.92 -26.83
C ASN A 114 4.95 -0.77 -27.83
N ASP A 115 4.74 0.44 -27.35
CA ASP A 115 4.78 1.63 -28.20
C ASP A 115 6.19 1.93 -28.66
N MET A 116 7.15 1.78 -27.75
CA MET A 116 8.55 2.03 -28.06
C MET A 116 9.16 0.85 -28.80
N ALA A 117 8.58 -0.33 -28.61
CA ALA A 117 9.07 -1.55 -29.25
C ALA A 117 8.31 -1.82 -30.54
N VAL A 118 8.86 -1.34 -31.66
CA VAL A 118 8.23 -1.52 -32.96
C VAL A 118 8.99 -2.55 -33.80
N MET A 1 6.83 -0.77 62.63
CA MET A 1 7.47 -0.57 61.31
C MET A 1 7.06 -1.68 60.34
N HIS A 2 6.20 -2.58 60.80
CA HIS A 2 5.73 -3.69 59.98
C HIS A 2 4.28 -3.45 59.53
N HIS A 3 4.10 -3.23 58.24
CA HIS A 3 2.77 -2.99 57.69
C HIS A 3 2.41 -4.04 56.65
N HIS A 4 1.17 -4.51 56.69
CA HIS A 4 0.69 -5.53 55.76
C HIS A 4 -0.69 -5.16 55.22
N HIS A 5 -1.64 -4.95 56.13
CA HIS A 5 -3.00 -4.59 55.75
C HIS A 5 -3.48 -3.37 56.53
N HIS A 6 -3.41 -2.21 55.89
CA HIS A 6 -3.82 -0.97 56.52
C HIS A 6 -4.45 -0.01 55.49
N HIS A 7 -3.66 0.37 54.50
CA HIS A 7 -4.13 1.27 53.45
C HIS A 7 -5.13 0.56 52.54
N ALA A 8 -6.26 1.22 52.29
CA ALA A 8 -7.30 0.67 51.43
C ALA A 8 -8.10 1.77 50.76
N SER A 9 -7.61 2.24 49.62
CA SER A 9 -8.29 3.30 48.87
C SER A 9 -7.73 3.41 47.46
N VAL A 10 -8.62 3.53 46.48
CA VAL A 10 -8.22 3.64 45.08
C VAL A 10 -8.30 5.08 44.60
N THR A 11 -7.64 5.37 43.49
CA THR A 11 -7.63 6.71 42.91
C THR A 11 -8.33 6.75 41.56
N ALA A 12 -9.37 5.93 41.43
CA ALA A 12 -10.14 5.86 40.18
C ALA A 12 -11.54 5.32 40.42
N ARG A 13 -12.52 5.92 39.77
CA ARG A 13 -13.91 5.50 39.92
C ARG A 13 -14.36 4.66 38.72
N THR A 14 -14.15 3.36 38.81
CA THR A 14 -14.52 2.44 37.74
C THR A 14 -15.32 1.26 38.29
N PRO A 15 -16.67 1.35 38.29
CA PRO A 15 -17.54 0.27 38.80
C PRO A 15 -17.23 -1.07 38.15
N GLN A 16 -16.86 -2.06 38.97
CA GLN A 16 -16.54 -3.38 38.48
C GLN A 16 -17.79 -4.09 37.97
N ASN A 17 -18.07 -3.94 36.68
CA ASN A 17 -19.25 -4.56 36.06
C ASN A 17 -19.09 -4.64 34.55
N PHE A 18 -19.04 -3.48 33.91
CA PHE A 18 -18.88 -3.41 32.46
C PHE A 18 -17.48 -3.82 32.04
N SER A 19 -16.51 -3.56 32.92
CA SER A 19 -15.12 -3.90 32.64
C SER A 19 -14.89 -5.41 32.72
N VAL A 20 -14.45 -5.99 31.61
CA VAL A 20 -14.18 -7.43 31.55
C VAL A 20 -12.83 -7.71 30.89
N PRO A 21 -11.73 -7.44 31.62
CA PRO A 21 -10.37 -7.68 31.10
C PRO A 21 -10.04 -9.17 31.00
N SER A 22 -10.16 -9.72 29.81
CA SER A 22 -9.88 -11.14 29.59
C SER A 22 -9.21 -11.36 28.23
N PRO A 23 -7.89 -11.15 28.13
CA PRO A 23 -7.15 -11.34 26.88
C PRO A 23 -7.11 -12.80 26.45
N GLY A 24 -6.33 -13.07 25.40
CA GLY A 24 -6.21 -14.43 24.89
C GLY A 24 -6.41 -14.51 23.39
N PRO A 25 -6.12 -15.67 22.78
CA PRO A 25 -6.28 -15.86 21.33
C PRO A 25 -7.74 -16.04 20.92
N LEU A 26 -8.20 -15.20 20.01
CA LEU A 26 -9.59 -15.29 19.54
C LEU A 26 -9.74 -16.39 18.49
N ASN A 27 -10.90 -17.04 18.49
CA ASN A 27 -11.17 -18.11 17.55
C ASN A 27 -12.66 -18.23 17.27
N THR A 28 -13.03 -19.17 16.41
CA THR A 28 -14.42 -19.39 16.05
C THR A 28 -15.05 -18.12 15.49
N PRO A 29 -14.80 -17.81 14.21
CA PRO A 29 -15.33 -16.61 13.56
C PRO A 29 -16.86 -16.52 13.67
N VAL A 30 -17.33 -15.44 14.28
CA VAL A 30 -18.76 -15.23 14.45
C VAL A 30 -19.40 -14.68 13.18
N ASN A 31 -18.56 -14.26 12.24
CA ASN A 31 -19.05 -13.72 10.97
C ASN A 31 -17.91 -13.64 9.95
N PRO A 32 -17.59 -14.76 9.30
CA PRO A 32 -16.52 -14.81 8.29
C PRO A 32 -16.89 -14.06 7.01
N SER A 33 -16.55 -12.77 6.98
CA SER A 33 -16.84 -11.94 5.82
C SER A 33 -15.68 -11.02 5.49
N SER A 34 -14.96 -11.35 4.42
CA SER A 34 -13.81 -10.56 3.99
C SER A 34 -12.77 -10.43 5.10
N VAL A 35 -11.96 -11.46 5.27
CA VAL A 35 -10.93 -11.47 6.29
C VAL A 35 -9.55 -11.66 5.67
N MET A 36 -8.64 -10.72 5.94
CA MET A 36 -7.29 -10.79 5.40
C MET A 36 -6.39 -9.74 6.04
N SER A 37 -7.00 -8.65 6.51
CA SER A 37 -6.25 -7.57 7.15
C SER A 37 -6.96 -7.06 8.40
N PRO A 38 -6.85 -7.79 9.52
CA PRO A 38 -7.49 -7.41 10.79
C PRO A 38 -7.03 -6.04 11.27
N ALA A 39 -7.97 -5.23 11.73
CA ALA A 39 -7.66 -3.90 12.23
C ALA A 39 -6.98 -3.96 13.59
N GLY A 40 -5.76 -3.45 13.66
CA GLY A 40 -5.01 -3.46 14.91
C GLY A 40 -3.53 -3.69 14.70
N SER A 41 -3.19 -4.52 13.71
CA SER A 41 -1.81 -4.84 13.41
C SER A 41 -1.67 -5.40 12.01
N SER A 42 -0.88 -4.74 11.17
CA SER A 42 -0.67 -5.18 9.80
C SER A 42 0.76 -4.89 9.34
N GLN A 43 1.65 -5.86 9.55
CA GLN A 43 3.04 -5.70 9.16
C GLN A 43 3.22 -6.01 7.67
N ALA A 44 2.27 -6.72 7.09
CA ALA A 44 2.32 -7.07 5.68
C ALA A 44 1.99 -5.88 4.79
N GLU A 45 1.36 -4.87 5.38
CA GLU A 45 0.99 -3.66 4.66
C GLU A 45 2.14 -2.66 4.69
N GLU A 46 2.93 -2.75 5.74
CA GLU A 46 4.07 -1.88 5.91
C GLU A 46 5.26 -2.44 5.13
N GLN A 47 5.22 -3.75 4.91
CA GLN A 47 6.28 -4.44 4.17
C GLN A 47 6.01 -4.42 2.68
N GLN A 48 4.75 -4.59 2.29
CA GLN A 48 4.39 -4.59 0.88
C GLN A 48 4.42 -3.20 0.30
N TYR A 49 4.14 -2.20 1.14
CA TYR A 49 4.16 -0.82 0.68
C TYR A 49 5.55 -0.47 0.17
N LEU A 50 6.56 -0.99 0.87
CA LEU A 50 7.94 -0.78 0.48
C LEU A 50 8.36 -1.81 -0.55
N ASP A 51 7.82 -3.01 -0.40
CA ASP A 51 8.14 -4.11 -1.31
C ASP A 51 7.61 -3.84 -2.70
N LYS A 52 6.57 -3.03 -2.79
CA LYS A 52 5.96 -2.69 -4.06
C LYS A 52 6.63 -1.47 -4.67
N LEU A 53 7.23 -0.66 -3.80
CA LEU A 53 7.93 0.54 -4.26
C LEU A 53 9.22 0.12 -4.95
N LYS A 54 9.78 -0.97 -4.46
CA LYS A 54 11.02 -1.51 -5.02
C LYS A 54 10.73 -2.44 -6.18
N GLN A 55 9.51 -2.96 -6.18
CA GLN A 55 9.08 -3.88 -7.23
C GLN A 55 8.94 -3.16 -8.57
N LEU A 56 8.40 -1.94 -8.52
CA LEU A 56 8.22 -1.14 -9.72
C LEU A 56 9.43 -0.28 -9.99
N SER A 57 10.16 0.05 -8.93
CA SER A 57 11.36 0.87 -9.03
C SER A 57 12.28 0.37 -10.15
N LYS A 58 12.16 -0.91 -10.48
CA LYS A 58 12.98 -1.49 -11.55
C LYS A 58 12.31 -1.35 -12.90
N TYR A 59 10.99 -1.57 -12.94
CA TYR A 59 10.21 -1.47 -14.17
C TYR A 59 10.21 -0.05 -14.70
N ILE A 60 10.56 0.90 -13.85
CA ILE A 60 10.60 2.31 -14.22
C ILE A 60 11.43 2.55 -15.49
N GLU A 61 12.34 1.63 -15.83
CA GLU A 61 13.20 1.81 -17.00
C GLU A 61 12.52 1.32 -18.27
N PRO A 62 12.10 0.04 -18.32
CA PRO A 62 11.40 -0.54 -19.46
C PRO A 62 10.37 0.40 -20.09
N LEU A 63 9.74 1.24 -19.28
CA LEU A 63 8.73 2.18 -19.78
C LEU A 63 9.32 3.08 -20.86
N ARG A 64 10.52 3.60 -20.60
CA ARG A 64 11.19 4.48 -21.56
C ARG A 64 11.36 3.80 -22.91
N ARG A 65 11.44 2.48 -22.90
CA ARG A 65 11.59 1.70 -24.13
C ARG A 65 10.24 1.51 -24.80
N MET A 66 9.20 1.37 -23.99
CA MET A 66 7.84 1.18 -24.51
C MET A 66 7.33 2.44 -25.21
N ILE A 67 7.43 3.59 -24.53
CA ILE A 67 6.99 4.85 -25.08
C ILE A 67 7.50 5.07 -26.51
N ASN A 68 8.61 4.43 -26.85
CA ASN A 68 9.20 4.56 -28.18
C ASN A 68 8.51 3.65 -29.20
N LYS A 69 8.39 2.37 -28.86
CA LYS A 69 7.78 1.39 -29.75
C LYS A 69 6.25 1.50 -29.75
N ILE A 70 5.74 2.27 -28.81
CA ILE A 70 4.29 2.45 -28.68
C ILE A 70 3.82 3.66 -29.48
N ASP A 71 4.57 4.76 -29.38
CA ASP A 71 4.25 5.96 -30.13
C ASP A 71 4.54 5.68 -31.59
N LYS A 72 5.21 4.55 -31.79
CA LYS A 72 5.58 4.07 -33.09
C LYS A 72 4.36 3.56 -33.85
N ASN A 73 3.34 3.17 -33.09
CA ASN A 73 2.09 2.69 -33.67
C ASN A 73 0.98 3.73 -33.49
N GLU A 74 0.29 4.04 -34.58
CA GLU A 74 -0.80 5.02 -34.53
C GLU A 74 -2.01 4.49 -33.78
N ASP A 75 -2.05 3.18 -33.57
CA ASP A 75 -3.16 2.55 -32.85
C ASP A 75 -2.89 2.48 -31.35
N ARG A 76 -1.67 2.84 -30.95
CA ARG A 76 -1.30 2.81 -29.54
C ARG A 76 -0.88 4.20 -29.05
N LYS A 77 -1.43 5.23 -29.68
CA LYS A 77 -1.11 6.60 -29.32
C LYS A 77 -1.78 7.01 -28.01
N LYS A 78 -2.84 6.30 -27.65
CA LYS A 78 -3.58 6.59 -26.42
C LYS A 78 -2.96 5.88 -25.23
N ASP A 79 -2.38 4.72 -25.45
CA ASP A 79 -1.76 3.93 -24.39
C ASP A 79 -0.46 4.58 -23.92
N LEU A 80 0.10 5.47 -24.76
CA LEU A 80 1.33 6.16 -24.43
C LEU A 80 1.25 6.85 -23.08
N SER A 81 0.10 7.46 -22.79
CA SER A 81 -0.11 8.17 -21.54
C SER A 81 0.19 7.28 -20.34
N LYS A 82 -0.04 5.97 -20.49
CA LYS A 82 0.20 5.03 -19.40
C LYS A 82 1.68 4.96 -19.06
N MET A 83 2.50 4.57 -20.01
CA MET A 83 3.94 4.46 -19.78
C MET A 83 4.54 5.77 -19.30
N LYS A 84 4.24 6.85 -20.02
CA LYS A 84 4.74 8.17 -19.67
C LYS A 84 4.31 8.55 -18.25
N SER A 85 3.11 8.14 -17.86
CA SER A 85 2.60 8.43 -16.53
C SER A 85 3.29 7.59 -15.47
N LEU A 86 3.26 6.26 -15.63
CA LEU A 86 3.90 5.37 -14.67
C LEU A 86 5.35 5.77 -14.46
N LEU A 87 6.03 6.06 -15.57
CA LEU A 87 7.43 6.49 -15.52
C LEU A 87 7.55 7.84 -14.81
N ASP A 88 6.65 8.78 -15.15
CA ASP A 88 6.67 10.11 -14.54
C ASP A 88 6.37 10.04 -13.05
N ILE A 89 5.68 8.99 -12.62
CA ILE A 89 5.34 8.82 -11.21
C ILE A 89 6.45 8.12 -10.44
N LEU A 90 6.78 6.90 -10.86
CA LEU A 90 7.83 6.10 -10.21
C LEU A 90 9.16 6.84 -10.17
N THR A 91 9.31 7.88 -10.98
CA THR A 91 10.56 8.65 -11.02
C THR A 91 10.62 9.66 -9.87
N ASP A 92 9.78 9.46 -8.86
CA ASP A 92 9.76 10.36 -7.70
C ASP A 92 10.02 9.60 -6.41
N PRO A 93 11.25 9.11 -6.21
CA PRO A 93 11.63 8.36 -5.00
C PRO A 93 12.00 9.27 -3.84
N SER A 94 12.20 10.56 -4.13
CA SER A 94 12.56 11.53 -3.11
C SER A 94 11.41 11.75 -2.13
N LYS A 95 10.19 11.52 -2.60
CA LYS A 95 9.00 11.68 -1.77
C LYS A 95 8.27 10.35 -1.59
N ARG A 96 7.59 10.21 -0.46
CA ARG A 96 6.86 8.99 -0.17
C ARG A 96 5.74 8.77 -1.18
N CYS A 97 5.88 7.74 -2.01
CA CYS A 97 4.89 7.43 -3.02
C CYS A 97 3.75 6.59 -2.44
N PRO A 98 2.52 7.14 -2.37
CA PRO A 98 1.37 6.42 -1.83
C PRO A 98 1.17 5.06 -2.49
N LEU A 99 0.63 4.12 -1.74
CA LEU A 99 0.39 2.76 -2.23
C LEU A 99 -0.53 2.78 -3.45
N LYS A 100 -1.22 3.91 -3.65
CA LYS A 100 -2.13 4.05 -4.79
C LYS A 100 -1.37 4.00 -6.11
N THR A 101 -0.36 4.86 -6.24
CA THR A 101 0.43 4.92 -7.47
C THR A 101 1.22 3.64 -7.68
N LEU A 102 1.67 3.03 -6.60
CA LEU A 102 2.43 1.79 -6.70
C LEU A 102 1.53 0.66 -7.16
N GLN A 103 0.48 0.39 -6.38
CA GLN A 103 -0.48 -0.65 -6.72
C GLN A 103 -1.08 -0.42 -8.12
N LYS A 104 -1.17 0.85 -8.51
CA LYS A 104 -1.71 1.19 -9.82
C LYS A 104 -0.71 0.90 -10.92
N CYS A 105 0.52 1.36 -10.75
CA CYS A 105 1.55 1.10 -11.73
C CYS A 105 1.84 -0.40 -11.82
N GLU A 106 1.58 -1.10 -10.73
CA GLU A 106 1.79 -2.54 -10.71
C GLU A 106 0.68 -3.26 -11.48
N ILE A 107 -0.57 -2.88 -11.19
CA ILE A 107 -1.71 -3.47 -11.88
C ILE A 107 -1.78 -2.97 -13.32
N ALA A 108 -1.41 -1.70 -13.52
CA ALA A 108 -1.42 -1.11 -14.85
C ALA A 108 -0.37 -1.76 -15.75
N LEU A 109 0.86 -1.83 -15.26
CA LEU A 109 1.96 -2.42 -16.02
C LEU A 109 1.61 -3.85 -16.44
N GLU A 110 1.03 -4.61 -15.53
CA GLU A 110 0.66 -6.00 -15.81
C GLU A 110 -0.46 -6.08 -16.84
N LYS A 111 -1.33 -5.07 -16.83
CA LYS A 111 -2.45 -5.02 -17.77
C LYS A 111 -1.97 -4.91 -19.21
N LEU A 112 -1.12 -3.92 -19.48
CA LEU A 112 -0.58 -3.71 -20.81
C LEU A 112 0.38 -4.83 -21.19
N LYS A 113 0.96 -5.46 -20.18
CA LYS A 113 1.92 -6.55 -20.41
C LYS A 113 1.20 -7.80 -20.91
N ASN A 114 -0.11 -7.87 -20.67
CA ASN A 114 -0.91 -9.01 -21.09
C ASN A 114 -1.16 -8.99 -22.60
N ASP A 115 -0.89 -7.85 -23.23
CA ASP A 115 -1.10 -7.71 -24.66
C ASP A 115 0.16 -8.09 -25.44
N MET A 116 1.32 -8.01 -24.77
CA MET A 116 2.59 -8.35 -25.42
C MET A 116 3.05 -9.74 -25.03
N ALA A 117 2.55 -10.24 -23.90
CA ALA A 117 2.91 -11.57 -23.42
C ALA A 117 2.13 -12.66 -24.14
N VAL A 118 2.82 -13.42 -24.98
CA VAL A 118 2.19 -14.51 -25.73
C VAL A 118 3.23 -15.50 -26.22
N MET A 1 -2.33 44.94 33.91
CA MET A 1 -1.99 44.34 32.59
C MET A 1 -1.64 42.86 32.74
N HIS A 2 -2.03 42.29 33.88
CA HIS A 2 -1.75 40.87 34.14
C HIS A 2 -3.03 40.13 34.50
N HIS A 3 -2.93 38.80 34.61
CA HIS A 3 -4.07 37.96 34.95
C HIS A 3 -3.60 36.61 35.50
N HIS A 4 -4.30 36.12 36.51
CA HIS A 4 -3.96 34.84 37.13
C HIS A 4 -4.60 33.69 36.37
N HIS A 5 -3.84 33.08 35.47
CA HIS A 5 -4.34 31.95 34.68
C HIS A 5 -4.37 30.68 35.51
N HIS A 6 -5.58 30.19 35.78
CA HIS A 6 -5.74 28.96 36.57
C HIS A 6 -5.43 27.73 35.73
N HIS A 7 -4.79 26.75 36.34
CA HIS A 7 -4.43 25.51 35.66
C HIS A 7 -5.62 24.55 35.61
N ALA A 8 -6.54 24.79 34.70
CA ALA A 8 -7.73 23.94 34.56
C ALA A 8 -7.52 22.90 33.46
N SER A 9 -8.51 22.03 33.30
CA SER A 9 -8.46 20.98 32.29
C SER A 9 -7.22 20.11 32.47
N VAL A 10 -6.80 19.95 33.71
CA VAL A 10 -5.62 19.14 34.02
C VAL A 10 -6.02 17.76 34.56
N THR A 11 -7.27 17.40 34.35
CA THR A 11 -7.79 16.11 34.81
C THR A 11 -7.08 14.95 34.10
N ALA A 12 -6.98 13.82 34.80
CA ALA A 12 -6.33 12.63 34.24
C ALA A 12 -4.91 12.95 33.77
N ARG A 13 -3.98 13.01 34.71
CA ARG A 13 -2.59 13.30 34.40
C ARG A 13 -1.86 12.05 33.91
N THR A 14 -2.63 10.98 33.70
CA THR A 14 -2.06 9.72 33.23
C THR A 14 -3.07 8.95 32.38
N PRO A 15 -3.28 9.39 31.12
CA PRO A 15 -4.23 8.73 30.21
C PRO A 15 -3.90 7.26 29.99
N GLN A 16 -4.91 6.40 30.11
CA GLN A 16 -4.73 4.98 29.92
C GLN A 16 -5.56 4.46 28.75
N ASN A 17 -5.67 5.30 27.72
CA ASN A 17 -6.45 4.94 26.54
C ASN A 17 -5.54 4.61 25.36
N PHE A 18 -4.49 5.41 25.17
CA PHE A 18 -3.55 5.21 24.09
C PHE A 18 -2.14 5.02 24.62
N SER A 19 -1.39 4.10 24.01
CA SER A 19 -0.02 3.82 24.42
C SER A 19 0.93 3.93 23.23
N VAL A 20 0.68 3.12 22.20
CA VAL A 20 1.52 3.11 21.00
C VAL A 20 0.70 3.52 19.77
N PRO A 21 1.19 4.51 18.99
CA PRO A 21 0.48 4.98 17.79
C PRO A 21 0.70 4.07 16.59
N SER A 22 1.64 3.14 16.70
CA SER A 22 1.93 2.21 15.62
C SER A 22 2.15 0.80 16.15
N PRO A 23 1.06 0.05 16.39
CA PRO A 23 1.16 -1.33 16.89
C PRO A 23 1.64 -2.31 15.82
N GLY A 24 1.16 -2.13 14.59
CA GLY A 24 1.56 -3.00 13.51
C GLY A 24 1.21 -2.42 12.14
N PRO A 25 1.75 -3.00 11.06
CA PRO A 25 1.49 -2.54 9.69
C PRO A 25 0.00 -2.52 9.37
N LEU A 26 -0.60 -3.70 9.31
CA LEU A 26 -2.02 -3.83 9.01
C LEU A 26 -2.58 -5.13 9.57
N ASN A 27 -2.16 -6.25 9.00
CA ASN A 27 -2.62 -7.55 9.44
C ASN A 27 -2.09 -7.88 10.83
N THR A 28 -0.76 -7.89 10.98
CA THR A 28 -0.13 -8.18 12.26
C THR A 28 -0.55 -9.56 12.78
N PRO A 29 0.00 -10.63 12.21
CA PRO A 29 -0.32 -12.01 12.62
C PRO A 29 0.27 -12.36 13.98
N VAL A 30 -0.60 -12.52 14.97
CA VAL A 30 -0.17 -12.87 16.32
C VAL A 30 0.07 -14.37 16.45
N ASN A 31 -0.67 -15.15 15.66
CA ASN A 31 -0.54 -16.60 15.69
C ASN A 31 0.71 -17.05 14.93
N PRO A 32 1.36 -18.14 15.39
CA PRO A 32 2.56 -18.67 14.74
C PRO A 32 2.24 -19.54 13.53
N SER A 33 1.34 -19.05 12.68
CA SER A 33 0.94 -19.78 11.48
C SER A 33 0.37 -21.16 11.83
N SER A 34 -0.50 -21.20 12.84
CA SER A 34 -1.11 -22.45 13.26
C SER A 34 -2.24 -22.85 12.32
N VAL A 35 -1.96 -23.83 11.46
CA VAL A 35 -2.95 -24.30 10.49
C VAL A 35 -4.03 -25.15 11.18
N MET A 36 -5.26 -25.03 10.69
CA MET A 36 -6.36 -25.79 11.26
C MET A 36 -7.44 -26.05 10.20
N SER A 37 -7.56 -27.30 9.78
CA SER A 37 -8.54 -27.67 8.76
C SER A 37 -8.33 -26.87 7.47
N PRO A 38 -7.34 -27.26 6.66
CA PRO A 38 -7.03 -26.57 5.40
C PRO A 38 -8.07 -26.84 4.32
N ALA A 39 -8.36 -25.83 3.52
CA ALA A 39 -9.34 -25.96 2.45
C ALA A 39 -8.66 -26.29 1.13
N GLY A 40 -9.43 -26.84 0.18
CA GLY A 40 -8.87 -27.21 -1.10
C GLY A 40 -8.19 -26.04 -1.79
N SER A 41 -8.98 -25.10 -2.29
CA SER A 41 -8.45 -23.93 -2.97
C SER A 41 -8.24 -22.77 -2.00
N SER A 42 -7.18 -22.00 -2.23
CA SER A 42 -6.87 -20.86 -1.37
C SER A 42 -7.68 -19.63 -1.78
N GLN A 43 -8.51 -19.16 -0.85
CA GLN A 43 -9.34 -17.98 -1.11
C GLN A 43 -8.53 -16.70 -0.94
N ALA A 44 -7.44 -16.80 -0.19
CA ALA A 44 -6.58 -15.65 0.05
C ALA A 44 -5.78 -15.31 -1.19
N GLU A 45 -5.66 -16.27 -2.10
CA GLU A 45 -4.91 -16.06 -3.34
C GLU A 45 -5.80 -15.38 -4.37
N GLU A 46 -7.08 -15.67 -4.29
CA GLU A 46 -8.05 -15.09 -5.20
C GLU A 46 -8.49 -13.74 -4.66
N GLN A 47 -8.27 -13.54 -3.36
CA GLN A 47 -8.61 -12.29 -2.71
C GLN A 47 -7.50 -11.27 -2.86
N GLN A 48 -6.25 -11.72 -2.76
CA GLN A 48 -5.12 -10.83 -2.91
C GLN A 48 -4.87 -10.53 -4.37
N TYR A 49 -5.18 -11.49 -5.23
CA TYR A 49 -5.01 -11.31 -6.67
C TYR A 49 -5.86 -10.13 -7.13
N LEU A 50 -7.05 -10.05 -6.55
CA LEU A 50 -7.98 -8.97 -6.86
C LEU A 50 -7.68 -7.74 -6.01
N ASP A 51 -7.23 -7.99 -4.80
CA ASP A 51 -6.91 -6.91 -3.86
C ASP A 51 -5.69 -6.13 -4.31
N LYS A 52 -4.76 -6.80 -4.99
CA LYS A 52 -3.54 -6.16 -5.45
C LYS A 52 -3.77 -5.47 -6.79
N LEU A 53 -4.78 -5.93 -7.50
CA LEU A 53 -5.12 -5.33 -8.79
C LEU A 53 -6.00 -4.12 -8.57
N LYS A 54 -6.76 -4.17 -7.47
CA LYS A 54 -7.65 -3.08 -7.09
C LYS A 54 -6.93 -2.02 -6.28
N GLN A 55 -5.81 -2.41 -5.71
CA GLN A 55 -5.01 -1.50 -4.90
C GLN A 55 -4.19 -0.59 -5.81
N LEU A 56 -3.68 -1.17 -6.90
CA LEU A 56 -2.90 -0.41 -7.86
C LEU A 56 -3.81 0.27 -8.87
N SER A 57 -5.00 -0.29 -9.03
CA SER A 57 -6.00 0.25 -9.96
C SER A 57 -6.20 1.75 -9.71
N LYS A 58 -5.81 2.21 -8.53
CA LYS A 58 -5.93 3.63 -8.18
C LYS A 58 -4.67 4.39 -8.60
N TYR A 59 -3.52 3.80 -8.30
CA TYR A 59 -2.23 4.40 -8.64
C TYR A 59 -2.03 4.49 -10.16
N ILE A 60 -2.81 3.72 -10.90
CA ILE A 60 -2.72 3.71 -12.35
C ILE A 60 -2.87 5.11 -12.96
N GLU A 61 -3.49 6.03 -12.22
CA GLU A 61 -3.72 7.38 -12.74
C GLU A 61 -2.49 8.25 -12.54
N PRO A 62 -2.04 8.40 -11.27
CA PRO A 62 -0.84 9.16 -10.94
C PRO A 62 0.31 8.95 -11.94
N LEU A 63 0.39 7.74 -12.51
CA LEU A 63 1.44 7.43 -13.47
C LEU A 63 1.50 8.47 -14.59
N ARG A 64 0.32 8.87 -15.08
CA ARG A 64 0.22 9.86 -16.14
C ARG A 64 0.94 11.15 -15.74
N ARG A 65 0.69 11.59 -14.51
CA ARG A 65 1.32 12.80 -13.99
C ARG A 65 2.83 12.62 -13.87
N MET A 66 3.25 11.39 -13.60
CA MET A 66 4.68 11.08 -13.46
C MET A 66 5.37 11.09 -14.83
N ILE A 67 4.70 10.48 -15.81
CA ILE A 67 5.23 10.41 -17.17
C ILE A 67 5.71 11.77 -17.66
N ASN A 68 5.15 12.84 -17.11
CA ASN A 68 5.54 14.19 -17.50
C ASN A 68 6.76 14.67 -16.73
N LYS A 69 6.69 14.60 -15.41
CA LYS A 69 7.79 15.05 -14.54
C LYS A 69 9.01 14.12 -14.65
N ILE A 70 8.81 12.97 -15.27
CA ILE A 70 9.87 11.98 -15.42
C ILE A 70 10.62 12.20 -16.73
N ASP A 71 9.88 12.43 -17.81
CA ASP A 71 10.49 12.69 -19.10
C ASP A 71 11.05 14.10 -19.06
N LYS A 72 10.69 14.78 -17.97
CA LYS A 72 11.12 16.14 -17.71
C LYS A 72 12.59 16.16 -17.28
N ASN A 73 13.08 15.00 -16.85
CA ASN A 73 14.46 14.86 -16.41
C ASN A 73 15.29 14.10 -17.45
N GLU A 74 16.51 14.55 -17.67
CA GLU A 74 17.41 13.91 -18.64
C GLU A 74 18.04 12.65 -18.06
N ASP A 75 18.21 12.62 -16.74
CA ASP A 75 18.81 11.47 -16.07
C ASP A 75 17.76 10.45 -15.66
N ARG A 76 16.50 10.72 -16.02
CA ARG A 76 15.40 9.82 -15.67
C ARG A 76 14.57 9.46 -16.90
N LYS A 77 15.20 9.52 -18.06
CA LYS A 77 14.52 9.20 -19.32
C LYS A 77 14.24 7.70 -19.41
N LYS A 78 15.00 6.92 -18.65
CA LYS A 78 14.84 5.47 -18.63
C LYS A 78 13.63 5.05 -17.80
N ASP A 79 13.31 5.86 -16.79
CA ASP A 79 12.18 5.59 -15.91
C ASP A 79 10.85 5.87 -16.60
N LEU A 80 10.92 6.65 -17.68
CA LEU A 80 9.72 7.00 -18.45
C LEU A 80 9.01 5.75 -18.96
N SER A 81 9.79 4.75 -19.34
CA SER A 81 9.24 3.50 -19.87
C SER A 81 8.51 2.72 -18.81
N LYS A 82 8.75 3.04 -17.54
CA LYS A 82 8.11 2.34 -16.44
C LYS A 82 6.68 2.83 -16.22
N MET A 83 6.52 4.13 -15.99
CA MET A 83 5.21 4.71 -15.77
C MET A 83 4.26 4.43 -16.93
N LYS A 84 4.65 4.85 -18.13
CA LYS A 84 3.83 4.65 -19.32
C LYS A 84 3.49 3.18 -19.51
N SER A 85 4.43 2.29 -19.19
CA SER A 85 4.19 0.86 -19.35
C SER A 85 3.20 0.35 -18.31
N LEU A 86 3.45 0.64 -17.03
CA LEU A 86 2.55 0.18 -15.99
C LEU A 86 1.14 0.72 -16.22
N LEU A 87 1.05 1.99 -16.57
CA LEU A 87 -0.24 2.62 -16.86
C LEU A 87 -0.89 1.96 -18.07
N ASP A 88 -0.08 1.65 -19.08
CA ASP A 88 -0.59 1.01 -20.30
C ASP A 88 -0.98 -0.45 -20.06
N ILE A 89 -0.40 -1.06 -19.04
CA ILE A 89 -0.68 -2.46 -18.72
C ILE A 89 -1.90 -2.62 -17.82
N LEU A 90 -1.83 -2.03 -16.63
CA LEU A 90 -2.91 -2.13 -15.65
C LEU A 90 -4.22 -1.51 -16.17
N THR A 91 -4.15 -0.83 -17.30
CA THR A 91 -5.34 -0.20 -17.88
C THR A 91 -6.15 -1.20 -18.70
N ASP A 92 -5.88 -2.49 -18.49
CA ASP A 92 -6.58 -3.55 -19.20
C ASP A 92 -7.34 -4.44 -18.23
N PRO A 93 -8.46 -3.94 -17.67
CA PRO A 93 -9.28 -4.70 -16.73
C PRO A 93 -9.95 -5.90 -17.39
N SER A 94 -10.21 -5.77 -18.69
CA SER A 94 -10.86 -6.83 -19.46
C SER A 94 -9.92 -8.02 -19.61
N LYS A 95 -8.62 -7.75 -19.52
CA LYS A 95 -7.61 -8.81 -19.64
C LYS A 95 -7.11 -9.24 -18.26
N ARG A 96 -7.05 -10.55 -18.04
CA ARG A 96 -6.58 -11.09 -16.77
C ARG A 96 -5.19 -10.59 -16.45
N CYS A 97 -5.10 -9.60 -15.57
CA CYS A 97 -3.82 -9.02 -15.18
C CYS A 97 -3.01 -10.00 -14.33
N PRO A 98 -1.76 -10.29 -14.74
CA PRO A 98 -0.89 -11.22 -14.01
C PRO A 98 -0.30 -10.58 -12.75
N LEU A 99 -0.12 -11.40 -11.72
CA LEU A 99 0.43 -10.94 -10.45
C LEU A 99 1.82 -10.34 -10.64
N LYS A 100 2.45 -10.61 -11.78
CA LYS A 100 3.78 -10.09 -12.07
C LYS A 100 3.74 -8.57 -12.22
N THR A 101 2.85 -8.07 -13.07
CA THR A 101 2.72 -6.64 -13.29
C THR A 101 2.13 -5.94 -12.09
N LEU A 102 1.32 -6.67 -11.33
CA LEU A 102 0.71 -6.13 -10.13
C LEU A 102 1.77 -5.89 -9.07
N GLN A 103 2.42 -6.98 -8.65
CA GLN A 103 3.48 -6.90 -7.65
C GLN A 103 4.59 -5.98 -8.11
N LYS A 104 4.87 -5.99 -9.41
CA LYS A 104 5.92 -5.14 -9.97
C LYS A 104 5.50 -3.67 -9.88
N CYS A 105 4.23 -3.40 -10.14
CA CYS A 105 3.72 -2.05 -10.04
C CYS A 105 3.75 -1.55 -8.60
N GLU A 106 3.40 -2.41 -7.66
CA GLU A 106 3.41 -2.03 -6.24
C GLU A 106 4.84 -1.79 -5.79
N ILE A 107 5.76 -2.66 -6.24
CA ILE A 107 7.17 -2.54 -5.88
C ILE A 107 7.81 -1.37 -6.62
N ALA A 108 7.52 -1.27 -7.92
CA ALA A 108 8.08 -0.19 -8.73
C ALA A 108 7.61 1.17 -8.24
N LEU A 109 6.33 1.26 -7.90
CA LEU A 109 5.76 2.51 -7.41
C LEU A 109 6.52 3.00 -6.19
N GLU A 110 6.68 2.12 -5.20
CA GLU A 110 7.39 2.45 -3.98
C GLU A 110 8.87 2.70 -4.26
N LYS A 111 9.39 2.08 -5.32
CA LYS A 111 10.79 2.22 -5.68
C LYS A 111 11.08 3.64 -6.19
N LEU A 112 10.33 4.07 -7.20
CA LEU A 112 10.50 5.39 -7.77
C LEU A 112 10.03 6.48 -6.81
N LYS A 113 9.18 6.08 -5.85
CA LYS A 113 8.65 7.01 -4.87
C LYS A 113 9.70 7.33 -3.80
N ASN A 114 10.64 6.42 -3.61
CA ASN A 114 11.70 6.60 -2.61
C ASN A 114 12.57 7.79 -2.97
N ASP A 115 12.86 7.94 -4.27
CA ASP A 115 13.68 9.04 -4.75
C ASP A 115 12.88 10.33 -4.81
N MET A 116 11.56 10.21 -4.80
CA MET A 116 10.68 11.37 -4.86
C MET A 116 10.33 11.86 -3.46
N ALA A 117 10.46 10.97 -2.48
CA ALA A 117 10.14 11.31 -1.09
C ALA A 117 11.37 11.86 -0.37
N VAL A 118 11.33 13.14 -0.03
CA VAL A 118 12.44 13.79 0.66
C VAL A 118 12.25 13.75 2.18
N MET A 1 -9.48 -1.33 52.29
CA MET A 1 -10.00 -1.06 50.93
C MET A 1 -11.39 -0.44 50.99
N HIS A 2 -11.75 0.11 52.15
CA HIS A 2 -13.05 0.73 52.34
C HIS A 2 -13.10 2.08 51.64
N HIS A 3 -14.26 2.40 51.06
CA HIS A 3 -14.47 3.67 50.36
C HIS A 3 -13.57 3.76 49.13
N HIS A 4 -14.07 4.43 48.08
CA HIS A 4 -13.32 4.61 46.85
C HIS A 4 -12.61 5.95 46.83
N HIS A 5 -12.52 6.58 47.99
CA HIS A 5 -11.87 7.88 48.12
C HIS A 5 -10.54 7.75 48.86
N HIS A 6 -9.49 7.43 48.13
CA HIS A 6 -8.16 7.29 48.72
C HIS A 6 -7.10 7.95 47.84
N HIS A 7 -5.86 7.96 48.31
CA HIS A 7 -4.77 8.57 47.57
C HIS A 7 -3.45 7.86 47.87
N ALA A 8 -2.76 7.45 46.80
CA ALA A 8 -1.48 6.75 46.94
C ALA A 8 -0.53 7.12 45.82
N SER A 9 -1.09 7.35 44.62
CA SER A 9 -0.30 7.72 43.45
C SER A 9 -0.69 9.10 42.95
N VAL A 10 0.28 9.81 42.38
CA VAL A 10 0.04 11.15 41.86
C VAL A 10 -0.31 11.12 40.38
N THR A 11 -0.75 9.95 39.90
CA THR A 11 -1.11 9.79 38.50
C THR A 11 -2.61 9.56 38.34
N ALA A 12 -3.11 8.53 39.03
CA ALA A 12 -4.53 8.19 38.97
C ALA A 12 -4.99 7.97 37.53
N ARG A 13 -4.67 6.80 36.99
CA ARG A 13 -5.03 6.47 35.62
C ARG A 13 -5.39 4.99 35.50
N THR A 14 -6.60 4.72 34.99
CA THR A 14 -7.06 3.35 34.84
C THR A 14 -8.23 3.28 33.84
N PRO A 15 -8.22 2.28 32.93
CA PRO A 15 -9.28 2.12 31.93
C PRO A 15 -10.65 1.88 32.56
N GLN A 16 -11.46 2.92 32.63
CA GLN A 16 -12.80 2.82 33.20
C GLN A 16 -13.81 2.41 32.13
N ASN A 17 -13.90 1.11 31.88
CA ASN A 17 -14.83 0.60 30.88
C ASN A 17 -15.44 -0.72 31.35
N PHE A 18 -16.66 -1.01 30.89
CA PHE A 18 -17.35 -2.24 31.27
C PHE A 18 -18.11 -2.81 30.07
N SER A 19 -17.64 -2.48 28.87
CA SER A 19 -18.29 -2.97 27.65
C SER A 19 -17.63 -4.26 27.16
N VAL A 20 -16.31 -4.35 27.34
CA VAL A 20 -15.57 -5.53 26.92
C VAL A 20 -14.84 -6.17 28.11
N PRO A 21 -14.72 -7.50 28.12
CA PRO A 21 -14.05 -8.23 29.20
C PRO A 21 -12.53 -8.06 29.14
N SER A 22 -11.96 -7.46 30.18
CA SER A 22 -10.53 -7.24 30.27
C SER A 22 -9.92 -7.93 31.49
N PRO A 23 -9.51 -9.20 31.34
CA PRO A 23 -8.92 -9.97 32.45
C PRO A 23 -7.57 -9.41 32.88
N GLY A 24 -6.91 -8.71 31.97
CA GLY A 24 -5.61 -8.14 32.28
C GLY A 24 -5.21 -7.04 31.31
N PRO A 25 -4.58 -5.95 31.79
CA PRO A 25 -4.16 -4.83 30.95
C PRO A 25 -2.88 -5.13 30.17
N LEU A 26 -1.94 -5.81 30.82
CA LEU A 26 -0.67 -6.16 30.19
C LEU A 26 -0.74 -7.54 29.55
N ASN A 27 -1.60 -8.40 30.11
CA ASN A 27 -1.76 -9.76 29.60
C ASN A 27 -2.26 -9.75 28.16
N THR A 28 -1.32 -9.84 27.22
CA THR A 28 -1.65 -9.85 25.81
C THR A 28 -1.96 -11.26 25.32
N PRO A 29 -2.96 -11.42 24.43
CA PRO A 29 -3.34 -12.73 23.90
C PRO A 29 -2.29 -13.30 22.96
N VAL A 30 -1.32 -14.02 23.54
CA VAL A 30 -0.25 -14.62 22.75
C VAL A 30 -0.81 -15.66 21.78
N ASN A 31 -0.66 -15.40 20.49
CA ASN A 31 -1.15 -16.30 19.46
C ASN A 31 -2.65 -16.51 19.59
N PRO A 32 -3.46 -15.50 19.22
CA PRO A 32 -4.92 -15.59 19.31
C PRO A 32 -5.50 -16.63 18.34
N SER A 33 -5.92 -17.77 18.90
CA SER A 33 -6.49 -18.84 18.10
C SER A 33 -8.00 -18.74 18.05
N SER A 34 -8.56 -18.91 16.85
CA SER A 34 -10.01 -18.83 16.66
C SER A 34 -10.44 -19.62 15.42
N VAL A 35 -10.09 -19.09 14.26
CA VAL A 35 -10.45 -19.74 12.99
C VAL A 35 -9.35 -20.69 12.54
N MET A 36 -8.59 -21.23 13.49
CA MET A 36 -7.51 -22.15 13.21
C MET A 36 -6.49 -21.52 12.25
N SER A 37 -5.82 -20.48 12.74
CA SER A 37 -4.81 -19.79 11.93
C SER A 37 -3.51 -19.63 12.71
N PRO A 38 -2.76 -20.74 12.89
CA PRO A 38 -1.48 -20.72 13.61
C PRO A 38 -0.49 -19.75 12.99
N ALA A 39 -0.45 -19.71 11.66
CA ALA A 39 0.46 -18.82 10.94
C ALA A 39 -0.12 -18.42 9.59
N GLY A 40 -0.71 -17.24 9.54
CA GLY A 40 -1.30 -16.76 8.30
C GLY A 40 -2.14 -15.52 8.49
N SER A 41 -2.45 -14.82 7.41
CA SER A 41 -3.24 -13.60 7.47
C SER A 41 -3.86 -13.28 6.12
N SER A 42 -5.17 -13.41 6.02
CA SER A 42 -5.89 -13.13 4.79
C SER A 42 -6.16 -11.64 4.65
N GLN A 43 -5.76 -10.87 5.65
CA GLN A 43 -5.95 -9.43 5.64
C GLN A 43 -4.83 -8.73 4.89
N ALA A 44 -3.65 -9.33 4.89
CA ALA A 44 -2.50 -8.78 4.20
C ALA A 44 -2.75 -8.65 2.70
N GLU A 45 -3.76 -9.37 2.22
CA GLU A 45 -4.10 -9.34 0.81
C GLU A 45 -5.01 -8.15 0.52
N GLU A 46 -5.74 -7.74 1.53
CA GLU A 46 -6.62 -6.59 1.41
C GLU A 46 -5.84 -5.31 1.68
N GLN A 47 -4.71 -5.47 2.37
CA GLN A 47 -3.86 -4.33 2.70
C GLN A 47 -2.86 -4.06 1.58
N GLN A 48 -2.30 -5.12 1.00
CA GLN A 48 -1.35 -4.95 -0.08
C GLN A 48 -2.05 -4.57 -1.38
N TYR A 49 -3.27 -5.08 -1.56
CA TYR A 49 -4.05 -4.77 -2.74
C TYR A 49 -4.25 -3.26 -2.84
N LEU A 50 -4.47 -2.64 -1.68
CA LEU A 50 -4.67 -1.21 -1.61
C LEU A 50 -3.33 -0.49 -1.52
N ASP A 51 -2.39 -1.15 -0.87
CA ASP A 51 -1.05 -0.57 -0.67
C ASP A 51 -0.29 -0.51 -2.00
N LYS A 52 -0.64 -1.40 -2.92
CA LYS A 52 0.01 -1.46 -4.21
C LYS A 52 -0.69 -0.54 -5.20
N LEU A 53 -1.97 -0.31 -4.97
CA LEU A 53 -2.74 0.57 -5.83
C LEU A 53 -2.21 1.98 -5.69
N LYS A 54 -1.75 2.29 -4.48
CA LYS A 54 -1.21 3.61 -4.18
C LYS A 54 0.27 3.66 -4.49
N GLN A 55 0.89 2.50 -4.52
CA GLN A 55 2.32 2.39 -4.80
C GLN A 55 2.63 2.83 -6.22
N LEU A 56 1.81 2.40 -7.16
CA LEU A 56 2.00 2.76 -8.56
C LEU A 56 1.26 4.04 -8.90
N SER A 57 0.20 4.31 -8.15
CA SER A 57 -0.60 5.52 -8.35
C SER A 57 0.28 6.77 -8.29
N LYS A 58 1.47 6.62 -7.71
CA LYS A 58 2.41 7.73 -7.61
C LYS A 58 3.30 7.80 -8.84
N TYR A 59 3.58 6.64 -9.42
CA TYR A 59 4.43 6.55 -10.61
C TYR A 59 3.60 6.73 -11.89
N ILE A 60 2.28 6.56 -11.76
CA ILE A 60 1.38 6.68 -12.90
C ILE A 60 1.40 8.07 -13.53
N GLU A 61 1.83 9.08 -12.76
CA GLU A 61 1.84 10.45 -13.28
C GLU A 61 3.14 10.71 -14.05
N PRO A 62 4.30 10.55 -13.38
CA PRO A 62 5.62 10.72 -14.00
C PRO A 62 5.71 10.15 -15.41
N LEU A 63 4.92 9.12 -15.69
CA LEU A 63 4.93 8.49 -17.02
C LEU A 63 4.73 9.51 -18.13
N ARG A 64 3.90 10.51 -17.87
CA ARG A 64 3.63 11.55 -18.86
C ARG A 64 4.90 12.29 -19.24
N ARG A 65 5.74 12.56 -18.24
CA ARG A 65 6.99 13.26 -18.48
C ARG A 65 7.99 12.34 -19.18
N MET A 66 7.92 11.05 -18.87
CA MET A 66 8.80 10.07 -19.48
C MET A 66 8.52 9.91 -20.97
N ILE A 67 7.25 9.72 -21.32
CA ILE A 67 6.83 9.55 -22.71
C ILE A 67 7.48 10.59 -23.61
N ASN A 68 7.79 11.75 -23.06
CA ASN A 68 8.41 12.84 -23.82
C ASN A 68 9.93 12.67 -23.88
N LYS A 69 10.54 12.50 -22.71
CA LYS A 69 12.00 12.34 -22.63
C LYS A 69 12.48 11.04 -23.26
N ILE A 70 11.53 10.14 -23.51
CA ILE A 70 11.83 8.84 -24.10
C ILE A 70 11.69 8.89 -25.61
N ASP A 71 10.63 9.53 -26.08
CA ASP A 71 10.40 9.68 -27.51
C ASP A 71 11.40 10.69 -28.04
N LYS A 72 12.09 11.28 -27.08
CA LYS A 72 13.12 12.27 -27.34
C LYS A 72 14.36 11.62 -27.95
N ASN A 73 14.42 10.29 -27.83
CA ASN A 73 15.54 9.52 -28.37
C ASN A 73 15.10 8.73 -29.59
N GLU A 74 15.99 8.61 -30.56
CA GLU A 74 15.69 7.87 -31.80
C GLU A 74 15.85 6.37 -31.60
N ASP A 75 16.57 5.98 -30.55
CA ASP A 75 16.80 4.57 -30.27
C ASP A 75 15.70 3.99 -29.38
N ARG A 76 15.15 4.82 -28.50
CA ARG A 76 14.09 4.40 -27.60
C ARG A 76 12.79 5.13 -27.89
N LYS A 77 12.61 5.53 -29.14
CA LYS A 77 11.41 6.25 -29.56
C LYS A 77 10.15 5.43 -29.33
N LYS A 78 10.26 4.11 -29.51
CA LYS A 78 9.11 3.22 -29.33
C LYS A 78 8.93 2.82 -27.87
N ASP A 79 9.98 2.99 -27.08
CA ASP A 79 9.94 2.63 -25.66
C ASP A 79 8.80 3.34 -24.92
N LEU A 80 8.27 4.41 -25.50
CA LEU A 80 7.19 5.17 -24.88
C LEU A 80 5.95 4.29 -24.67
N SER A 81 5.88 3.18 -25.38
CA SER A 81 4.74 2.27 -25.29
C SER A 81 4.58 1.73 -23.87
N LYS A 82 5.62 1.83 -23.07
CA LYS A 82 5.58 1.34 -21.69
C LYS A 82 4.91 2.35 -20.75
N MET A 83 5.41 3.58 -20.75
CA MET A 83 4.85 4.62 -19.89
C MET A 83 3.42 4.95 -20.29
N LYS A 84 3.20 5.21 -21.58
CA LYS A 84 1.87 5.53 -22.08
C LYS A 84 0.89 4.42 -21.76
N SER A 85 1.37 3.18 -21.77
CA SER A 85 0.52 2.03 -21.45
C SER A 85 0.23 1.95 -19.96
N LEU A 86 1.27 1.87 -19.15
CA LEU A 86 1.10 1.79 -17.70
C LEU A 86 0.18 2.91 -17.21
N LEU A 87 0.34 4.09 -17.82
CA LEU A 87 -0.47 5.24 -17.48
C LEU A 87 -1.92 5.06 -17.95
N ASP A 88 -2.08 4.69 -19.22
CA ASP A 88 -3.41 4.52 -19.80
C ASP A 88 -4.19 3.37 -19.14
N ILE A 89 -3.49 2.38 -18.61
CA ILE A 89 -4.15 1.24 -17.99
C ILE A 89 -4.49 1.48 -16.52
N LEU A 90 -3.51 1.90 -15.74
CA LEU A 90 -3.72 2.15 -14.31
C LEU A 90 -4.67 3.31 -14.06
N THR A 91 -5.10 3.98 -15.14
CA THR A 91 -6.03 5.10 -15.02
C THR A 91 -7.48 4.64 -15.05
N ASP A 92 -7.70 3.34 -14.82
CA ASP A 92 -9.04 2.77 -14.82
C ASP A 92 -9.91 3.44 -13.76
N PRO A 93 -11.00 4.13 -14.16
CA PRO A 93 -11.89 4.82 -13.24
C PRO A 93 -13.00 3.90 -12.70
N SER A 94 -12.69 2.61 -12.61
CA SER A 94 -13.66 1.63 -12.12
C SER A 94 -13.56 1.53 -10.60
N LYS A 95 -12.67 2.32 -10.02
CA LYS A 95 -12.46 2.34 -8.57
C LYS A 95 -11.96 0.97 -8.10
N ARG A 96 -11.23 0.27 -8.96
CA ARG A 96 -10.69 -1.04 -8.64
C ARG A 96 -9.56 -1.41 -9.59
N CYS A 97 -8.36 -1.59 -9.02
CA CYS A 97 -7.19 -1.95 -9.81
C CYS A 97 -6.77 -3.40 -9.56
N PRO A 98 -7.15 -4.32 -10.47
CA PRO A 98 -6.81 -5.74 -10.32
C PRO A 98 -5.32 -5.95 -10.05
N LEU A 99 -5.01 -7.05 -9.36
CA LEU A 99 -3.63 -7.37 -9.02
C LEU A 99 -2.78 -7.54 -10.28
N LYS A 100 -3.45 -7.70 -11.42
CA LYS A 100 -2.74 -7.88 -12.69
C LYS A 100 -2.06 -6.59 -13.12
N THR A 101 -2.84 -5.50 -13.21
CA THR A 101 -2.30 -4.21 -13.62
C THR A 101 -1.30 -3.67 -12.60
N LEU A 102 -1.53 -4.01 -11.33
CA LEU A 102 -0.64 -3.56 -10.27
C LEU A 102 0.70 -4.27 -10.37
N GLN A 103 0.68 -5.59 -10.25
CA GLN A 103 1.89 -6.39 -10.33
C GLN A 103 2.59 -6.17 -11.67
N LYS A 104 1.83 -5.78 -12.68
CA LYS A 104 2.40 -5.54 -14.01
C LYS A 104 3.11 -4.20 -14.06
N CYS A 105 2.43 -3.13 -13.66
CA CYS A 105 3.05 -1.83 -13.66
C CYS A 105 4.24 -1.78 -12.71
N GLU A 106 4.19 -2.60 -11.66
CA GLU A 106 5.28 -2.65 -10.70
C GLU A 106 6.48 -3.37 -11.30
N ILE A 107 6.23 -4.56 -11.87
CA ILE A 107 7.30 -5.33 -12.49
C ILE A 107 7.77 -4.64 -13.77
N ALA A 108 6.83 -4.03 -14.48
CA ALA A 108 7.15 -3.32 -15.72
C ALA A 108 8.09 -2.15 -15.43
N LEU A 109 7.67 -1.26 -14.53
CA LEU A 109 8.49 -0.10 -14.17
C LEU A 109 9.86 -0.54 -13.64
N GLU A 110 9.89 -1.68 -12.96
CA GLU A 110 11.14 -2.21 -12.40
C GLU A 110 12.09 -2.65 -13.50
N LYS A 111 11.64 -3.60 -14.32
CA LYS A 111 12.45 -4.14 -15.41
C LYS A 111 12.82 -3.05 -16.42
N LEU A 112 12.00 -2.01 -16.48
CA LEU A 112 12.25 -0.90 -17.42
C LEU A 112 13.16 0.15 -16.77
N LYS A 113 13.24 0.13 -15.45
CA LYS A 113 14.08 1.07 -14.72
C LYS A 113 15.55 0.66 -14.79
N ASN A 114 15.79 -0.62 -15.04
CA ASN A 114 17.15 -1.14 -15.14
C ASN A 114 17.83 -0.69 -16.42
N ASP A 115 17.03 -0.54 -17.48
CA ASP A 115 17.55 -0.11 -18.78
C ASP A 115 17.86 1.39 -18.77
N MET A 116 17.36 2.08 -17.77
CA MET A 116 17.57 3.52 -17.66
C MET A 116 18.55 3.85 -16.53
N ALA A 117 18.66 2.93 -15.57
CA ALA A 117 19.56 3.11 -14.45
C ALA A 117 20.82 2.26 -14.60
N VAL A 118 21.79 2.49 -13.73
CA VAL A 118 23.05 1.76 -13.76
C VAL A 118 23.05 0.62 -12.74
N MET A 1 -1.08 12.21 33.59
CA MET A 1 -1.19 13.03 32.35
C MET A 1 0.17 13.14 31.66
N HIS A 2 0.34 12.39 30.56
CA HIS A 2 1.59 12.40 29.81
C HIS A 2 2.76 12.00 30.70
N HIS A 3 2.50 11.15 31.67
CA HIS A 3 3.54 10.69 32.59
C HIS A 3 3.31 9.23 32.98
N HIS A 4 2.09 8.75 32.76
CA HIS A 4 1.74 7.37 33.09
C HIS A 4 1.83 6.49 31.85
N HIS A 5 2.86 5.66 31.80
CA HIS A 5 3.07 4.76 30.66
C HIS A 5 3.13 3.31 31.13
N HIS A 6 2.34 2.45 30.49
CA HIS A 6 2.31 1.03 30.82
C HIS A 6 1.94 0.19 29.61
N HIS A 7 1.32 0.84 28.63
CA HIS A 7 0.90 0.15 27.40
C HIS A 7 1.37 0.91 26.17
N ALA A 8 1.87 0.18 25.18
CA ALA A 8 2.35 0.78 23.95
C ALA A 8 1.20 1.09 23.00
N SER A 9 0.71 2.33 23.07
CA SER A 9 -0.39 2.77 22.22
C SER A 9 0.11 3.14 20.83
N VAL A 10 -0.14 2.26 19.86
CA VAL A 10 0.29 2.50 18.49
C VAL A 10 -0.71 3.39 17.75
N THR A 11 -1.98 3.27 18.10
CA THR A 11 -3.03 4.05 17.47
C THR A 11 -3.54 5.15 18.40
N ALA A 12 -4.11 4.74 19.54
CA ALA A 12 -4.65 5.69 20.51
C ALA A 12 -5.63 6.65 19.87
N ARG A 13 -6.74 6.12 19.39
CA ARG A 13 -7.77 6.94 18.74
C ARG A 13 -8.91 7.24 19.71
N THR A 14 -8.83 6.66 20.90
CA THR A 14 -9.85 6.87 21.92
C THR A 14 -9.24 6.89 23.32
N PRO A 15 -8.82 8.08 23.80
CA PRO A 15 -8.21 8.21 25.13
C PRO A 15 -9.21 8.05 26.27
N GLN A 16 -10.41 8.59 26.08
CA GLN A 16 -11.45 8.52 27.09
C GLN A 16 -12.58 7.58 26.65
N ASN A 17 -13.08 6.78 27.59
CA ASN A 17 -14.16 5.85 27.30
C ASN A 17 -15.49 6.37 27.85
N PHE A 18 -16.59 5.94 27.24
CA PHE A 18 -17.91 6.36 27.67
C PHE A 18 -18.74 5.18 28.16
N SER A 19 -18.64 4.88 29.46
CA SER A 19 -19.38 3.79 30.06
C SER A 19 -19.11 2.47 29.34
N VAL A 20 -18.14 1.71 29.85
CA VAL A 20 -17.78 0.42 29.26
C VAL A 20 -17.37 -0.58 30.35
N PRO A 21 -18.34 -1.04 31.16
CA PRO A 21 -18.07 -2.00 32.24
C PRO A 21 -17.82 -3.41 31.72
N SER A 22 -16.79 -4.05 32.26
CA SER A 22 -16.44 -5.41 31.85
C SER A 22 -15.55 -6.08 32.90
N PRO A 23 -16.15 -6.59 33.99
CA PRO A 23 -15.40 -7.25 35.06
C PRO A 23 -14.53 -8.39 34.55
N GLY A 24 -14.88 -8.92 33.38
CA GLY A 24 -14.11 -10.00 32.79
C GLY A 24 -13.95 -9.86 31.29
N PRO A 25 -12.99 -9.04 30.83
CA PRO A 25 -12.76 -8.82 29.40
C PRO A 25 -12.08 -10.01 28.73
N LEU A 26 -12.72 -10.55 27.71
CA LEU A 26 -12.18 -11.70 26.97
C LEU A 26 -11.83 -11.31 25.55
N ASN A 27 -11.70 -10.00 25.32
CA ASN A 27 -11.36 -9.49 23.98
C ASN A 27 -9.86 -9.50 23.75
N THR A 28 -9.46 -9.67 22.49
CA THR A 28 -8.06 -9.71 22.12
C THR A 28 -7.31 -10.82 22.87
N PRO A 29 -7.37 -12.06 22.34
CA PRO A 29 -6.70 -13.21 22.97
C PRO A 29 -5.18 -13.13 22.83
N VAL A 30 -4.49 -13.07 23.96
CA VAL A 30 -3.03 -12.99 23.97
C VAL A 30 -2.41 -14.32 24.39
N ASN A 31 -3.17 -15.40 24.25
CA ASN A 31 -2.70 -16.73 24.62
C ASN A 31 -2.03 -17.42 23.42
N PRO A 32 -0.88 -18.09 23.64
CA PRO A 32 -0.16 -18.78 22.57
C PRO A 32 -0.96 -19.92 21.97
N SER A 33 -1.54 -19.68 20.79
CA SER A 33 -2.33 -20.69 20.10
C SER A 33 -1.52 -21.35 19.00
N SER A 34 -1.60 -22.68 18.93
CA SER A 34 -0.87 -23.44 17.92
C SER A 34 -1.83 -24.20 17.01
N VAL A 35 -1.34 -24.62 15.85
CA VAL A 35 -2.13 -25.36 14.88
C VAL A 35 -3.34 -24.55 14.41
N MET A 36 -3.24 -24.02 13.19
CA MET A 36 -4.32 -23.23 12.61
C MET A 36 -4.65 -22.03 13.50
N SER A 37 -3.93 -20.93 13.31
CA SER A 37 -4.15 -19.72 14.10
C SER A 37 -3.44 -18.53 13.47
N PRO A 38 -3.90 -18.07 12.29
CA PRO A 38 -3.29 -16.93 11.60
C PRO A 38 -3.31 -15.67 12.45
N ALA A 39 -2.18 -14.97 12.47
CA ALA A 39 -2.06 -13.74 13.24
C ALA A 39 -1.84 -12.53 12.34
N GLY A 40 -2.61 -11.47 12.57
CA GLY A 40 -2.49 -10.27 11.77
C GLY A 40 -3.42 -10.28 10.58
N SER A 41 -2.95 -9.72 9.46
CA SER A 41 -3.74 -9.67 8.24
C SER A 41 -3.70 -11.01 7.51
N SER A 42 -4.82 -11.39 6.90
CA SER A 42 -4.92 -12.64 6.17
C SER A 42 -5.76 -12.49 4.91
N GLN A 43 -7.01 -12.08 5.08
CA GLN A 43 -7.92 -11.89 3.96
C GLN A 43 -7.74 -10.51 3.33
N ALA A 44 -7.14 -9.60 4.09
CA ALA A 44 -6.91 -8.24 3.61
C ALA A 44 -5.67 -8.17 2.72
N GLU A 45 -4.81 -9.18 2.82
CA GLU A 45 -3.59 -9.21 2.02
C GLU A 45 -3.86 -9.88 0.69
N GLU A 46 -4.74 -10.86 0.70
CA GLU A 46 -5.10 -11.59 -0.51
C GLU A 46 -6.10 -10.76 -1.32
N GLN A 47 -6.77 -9.84 -0.64
CA GLN A 47 -7.75 -8.98 -1.28
C GLN A 47 -7.07 -7.74 -1.87
N GLN A 48 -6.14 -7.15 -1.13
CA GLN A 48 -5.44 -5.98 -1.60
C GLN A 48 -4.45 -6.35 -2.71
N TYR A 49 -3.90 -7.56 -2.62
CA TYR A 49 -2.95 -8.02 -3.63
C TYR A 49 -3.62 -8.04 -5.00
N LEU A 50 -4.89 -8.44 -5.00
CA LEU A 50 -5.67 -8.49 -6.22
C LEU A 50 -6.28 -7.13 -6.52
N ASP A 51 -6.62 -6.42 -5.45
CA ASP A 51 -7.24 -5.10 -5.58
C ASP A 51 -6.23 -4.06 -6.06
N LYS A 52 -4.94 -4.33 -5.84
CA LYS A 52 -3.89 -3.42 -6.24
C LYS A 52 -3.45 -3.73 -7.66
N LEU A 53 -3.69 -4.96 -8.09
CA LEU A 53 -3.32 -5.37 -9.44
C LEU A 53 -4.31 -4.77 -10.42
N LYS A 54 -5.55 -4.61 -9.97
CA LYS A 54 -6.60 -4.06 -10.80
C LYS A 54 -6.59 -2.54 -10.78
N GLN A 55 -6.00 -2.01 -9.73
CA GLN A 55 -5.89 -0.55 -9.57
C GLN A 55 -4.82 0.00 -10.49
N LEU A 56 -3.73 -0.76 -10.63
CA LEU A 56 -2.62 -0.35 -11.48
C LEU A 56 -2.88 -0.80 -12.92
N SER A 57 -3.56 -1.93 -13.08
CA SER A 57 -3.87 -2.45 -14.41
C SER A 57 -4.48 -1.37 -15.30
N LYS A 58 -5.14 -0.40 -14.68
CA LYS A 58 -5.76 0.70 -15.42
C LYS A 58 -4.72 1.77 -15.76
N TYR A 59 -3.85 2.06 -14.80
CA TYR A 59 -2.81 3.06 -14.99
C TYR A 59 -1.80 2.62 -16.05
N ILE A 60 -1.78 1.33 -16.33
CA ILE A 60 -0.87 0.77 -17.32
C ILE A 60 -1.03 1.44 -18.70
N GLU A 61 -2.17 2.07 -18.95
CA GLU A 61 -2.39 2.71 -20.25
C GLU A 61 -1.79 4.11 -20.26
N PRO A 62 -2.25 4.99 -19.34
CA PRO A 62 -1.71 6.35 -19.22
C PRO A 62 -0.19 6.43 -19.37
N LEU A 63 0.52 5.38 -18.91
CA LEU A 63 1.97 5.35 -19.00
C LEU A 63 2.44 5.57 -20.44
N ARG A 64 1.77 4.90 -21.38
CA ARG A 64 2.12 5.03 -22.80
C ARG A 64 2.07 6.48 -23.24
N ARG A 65 1.16 7.25 -22.63
CA ARG A 65 1.00 8.66 -22.96
C ARG A 65 2.13 9.49 -22.35
N MET A 66 2.49 9.18 -21.11
CA MET A 66 3.55 9.89 -20.41
C MET A 66 4.89 9.67 -21.09
N ILE A 67 5.17 8.41 -21.44
CA ILE A 67 6.42 8.05 -22.10
C ILE A 67 6.68 8.97 -23.30
N ASN A 68 5.62 9.52 -23.87
CA ASN A 68 5.75 10.42 -25.02
C ASN A 68 6.08 11.84 -24.59
N LYS A 69 5.27 12.40 -23.70
CA LYS A 69 5.47 13.76 -23.23
C LYS A 69 6.75 13.88 -22.40
N ILE A 70 7.30 12.73 -22.01
CA ILE A 70 8.53 12.69 -21.22
C ILE A 70 9.74 12.56 -22.12
N ASP A 71 9.63 11.69 -23.14
CA ASP A 71 10.70 11.50 -24.10
C ASP A 71 10.73 12.73 -24.98
N LYS A 72 9.68 13.52 -24.83
CA LYS A 72 9.51 14.77 -25.55
C LYS A 72 10.49 15.82 -25.04
N ASN A 73 11.01 15.58 -23.85
CA ASN A 73 11.98 16.49 -23.23
C ASN A 73 13.38 15.86 -23.23
N GLU A 74 14.35 16.62 -23.71
CA GLU A 74 15.73 16.13 -23.76
C GLU A 74 16.31 15.97 -22.36
N ASP A 75 15.66 16.58 -21.38
CA ASP A 75 16.12 16.51 -20.00
C ASP A 75 15.50 15.31 -19.27
N ARG A 76 14.48 14.71 -19.88
CA ARG A 76 13.81 13.56 -19.29
C ARG A 76 13.69 12.40 -20.27
N LYS A 77 14.63 12.32 -21.20
CA LYS A 77 14.62 11.26 -22.21
C LYS A 77 14.94 9.91 -21.59
N LYS A 78 15.73 9.90 -20.52
CA LYS A 78 16.11 8.67 -19.84
C LYS A 78 15.07 8.27 -18.79
N ASP A 79 14.25 9.22 -18.38
CA ASP A 79 13.24 8.96 -17.35
C ASP A 79 12.07 8.12 -17.87
N LEU A 80 11.90 8.06 -19.19
CA LEU A 80 10.79 7.28 -19.77
C LEU A 80 10.87 5.81 -19.36
N SER A 81 12.04 5.39 -18.91
CA SER A 81 12.26 4.01 -18.49
C SER A 81 11.32 3.60 -17.35
N LYS A 82 10.73 4.58 -16.67
CA LYS A 82 9.82 4.30 -15.56
C LYS A 82 8.45 3.87 -16.07
N MET A 83 7.79 4.75 -16.80
CA MET A 83 6.47 4.44 -17.34
C MET A 83 6.54 3.26 -18.30
N LYS A 84 7.61 3.21 -19.08
CA LYS A 84 7.82 2.13 -20.03
C LYS A 84 8.01 0.80 -19.30
N SER A 85 8.62 0.85 -18.13
CA SER A 85 8.85 -0.35 -17.34
C SER A 85 7.58 -0.80 -16.64
N LEU A 86 6.99 0.08 -15.83
CA LEU A 86 5.76 -0.25 -15.12
C LEU A 86 4.71 -0.76 -16.09
N LEU A 87 4.65 -0.14 -17.26
CA LEU A 87 3.69 -0.54 -18.29
C LEU A 87 4.05 -1.92 -18.85
N ASP A 88 5.33 -2.10 -19.21
CA ASP A 88 5.78 -3.36 -19.78
C ASP A 88 5.83 -4.50 -18.75
N ILE A 89 5.83 -4.17 -17.48
CA ILE A 89 5.90 -5.18 -16.42
C ILE A 89 4.53 -5.76 -16.08
N LEU A 90 3.62 -4.91 -15.61
CA LEU A 90 2.29 -5.36 -15.22
C LEU A 90 1.51 -5.93 -16.42
N THR A 91 2.06 -5.79 -17.61
CA THR A 91 1.39 -6.30 -18.81
C THR A 91 1.67 -7.78 -19.02
N ASP A 92 2.15 -8.45 -17.97
CA ASP A 92 2.46 -9.87 -18.04
C ASP A 92 1.55 -10.67 -17.10
N PRO A 93 0.29 -10.90 -17.51
CA PRO A 93 -0.68 -11.64 -16.69
C PRO A 93 -0.39 -13.15 -16.69
N SER A 94 0.31 -13.61 -17.73
CA SER A 94 0.65 -15.02 -17.85
C SER A 94 1.78 -15.39 -16.88
N LYS A 95 2.50 -14.37 -16.42
CA LYS A 95 3.60 -14.58 -15.49
C LYS A 95 3.23 -14.11 -14.08
N ARG A 96 1.92 -13.95 -13.85
CA ARG A 96 1.41 -13.50 -12.56
C ARG A 96 1.89 -12.08 -12.24
N CYS A 97 1.18 -11.41 -11.34
CA CYS A 97 1.52 -10.05 -10.95
C CYS A 97 1.93 -9.99 -9.48
N PRO A 98 3.22 -10.20 -9.17
CA PRO A 98 3.73 -10.16 -7.80
C PRO A 98 3.45 -8.83 -7.11
N LEU A 99 3.20 -8.89 -5.80
CA LEU A 99 2.91 -7.70 -5.01
C LEU A 99 4.10 -6.74 -5.04
N LYS A 100 5.26 -7.25 -5.45
CA LYS A 100 6.46 -6.44 -5.54
C LYS A 100 6.33 -5.40 -6.63
N THR A 101 5.88 -5.84 -7.81
CA THR A 101 5.71 -4.94 -8.94
C THR A 101 4.47 -4.08 -8.77
N LEU A 102 3.53 -4.57 -7.98
CA LEU A 102 2.30 -3.83 -7.71
C LEU A 102 2.60 -2.64 -6.80
N GLN A 103 3.09 -2.93 -5.62
CA GLN A 103 3.44 -1.90 -4.65
C GLN A 103 4.48 -0.94 -5.24
N LYS A 104 5.34 -1.47 -6.10
CA LYS A 104 6.37 -0.66 -6.74
C LYS A 104 5.77 0.24 -7.81
N CYS A 105 4.86 -0.31 -8.60
CA CYS A 105 4.23 0.49 -9.64
C CYS A 105 3.32 1.55 -9.03
N GLU A 106 2.71 1.22 -7.90
CA GLU A 106 1.84 2.16 -7.21
C GLU A 106 2.66 3.28 -6.59
N ILE A 107 3.78 2.90 -5.97
CA ILE A 107 4.66 3.88 -5.34
C ILE A 107 5.44 4.66 -6.39
N ALA A 108 5.90 3.95 -7.42
CA ALA A 108 6.66 4.59 -8.50
C ALA A 108 5.79 5.56 -9.27
N LEU A 109 4.60 5.11 -9.66
CA LEU A 109 3.67 5.95 -10.40
C LEU A 109 3.38 7.24 -9.64
N GLU A 110 3.07 7.10 -8.35
CA GLU A 110 2.75 8.26 -7.51
C GLU A 110 4.00 9.09 -7.23
N LYS A 111 5.17 8.47 -7.32
CA LYS A 111 6.43 9.15 -7.08
C LYS A 111 6.71 10.21 -8.15
N LEU A 112 6.41 9.87 -9.40
CA LEU A 112 6.63 10.79 -10.52
C LEU A 112 5.47 11.77 -10.67
N LYS A 113 4.31 11.40 -10.15
CA LYS A 113 3.12 12.25 -10.25
C LYS A 113 3.26 13.47 -9.33
N ASN A 114 4.17 13.38 -8.36
CA ASN A 114 4.41 14.48 -7.43
C ASN A 114 4.89 15.72 -8.15
N ASP A 115 5.76 15.53 -9.14
CA ASP A 115 6.31 16.64 -9.91
C ASP A 115 5.27 17.18 -10.88
N MET A 116 4.29 16.35 -11.24
CA MET A 116 3.24 16.76 -12.16
C MET A 116 2.06 17.36 -11.40
N ALA A 117 1.97 17.05 -10.11
CA ALA A 117 0.88 17.56 -9.27
C ALA A 117 1.15 18.99 -8.84
N VAL A 118 0.49 19.94 -9.50
CA VAL A 118 0.66 21.35 -9.19
C VAL A 118 -0.70 22.01 -8.93
N MET A 1 9.79 1.03 39.70
CA MET A 1 8.73 2.03 39.38
C MET A 1 9.17 2.95 38.26
N HIS A 2 8.85 2.57 37.02
CA HIS A 2 9.22 3.37 35.86
C HIS A 2 8.01 4.15 35.33
N HIS A 3 8.28 5.30 34.72
CA HIS A 3 7.23 6.15 34.17
C HIS A 3 6.22 6.55 35.25
N HIS A 4 5.13 7.19 34.82
CA HIS A 4 4.09 7.63 35.75
C HIS A 4 4.66 8.55 36.81
N HIS A 5 4.65 9.85 36.52
CA HIS A 5 5.17 10.85 37.46
C HIS A 5 4.04 11.54 38.21
N HIS A 6 3.16 12.21 37.48
CA HIS A 6 2.03 12.91 38.09
C HIS A 6 0.74 12.64 37.33
N HIS A 7 -0.37 12.54 38.06
CA HIS A 7 -1.67 12.28 37.45
C HIS A 7 -2.54 13.53 37.48
N ALA A 8 -2.06 14.59 36.82
CA ALA A 8 -2.80 15.84 36.77
C ALA A 8 -4.04 15.72 35.90
N SER A 9 -5.11 16.41 36.30
CA SER A 9 -6.36 16.38 35.55
C SER A 9 -6.80 17.79 35.17
N VAL A 10 -7.12 17.97 33.89
CA VAL A 10 -7.55 19.27 33.39
C VAL A 10 -8.81 19.15 32.55
N THR A 11 -9.58 20.23 32.48
CA THR A 11 -10.82 20.23 31.71
C THR A 11 -10.61 20.86 30.33
N ALA A 12 -9.36 21.14 30.00
CA ALA A 12 -9.02 21.74 28.72
C ALA A 12 -8.53 20.69 27.73
N ARG A 13 -8.87 20.88 26.45
CA ARG A 13 -8.48 19.95 25.40
C ARG A 13 -9.05 18.56 25.66
N THR A 14 -10.15 18.24 24.97
CA THR A 14 -10.80 16.95 25.12
C THR A 14 -10.71 16.13 23.83
N PRO A 15 -9.66 15.29 23.69
CA PRO A 15 -9.47 14.47 22.49
C PRO A 15 -10.58 13.44 22.30
N GLN A 16 -10.88 13.13 21.05
CA GLN A 16 -11.93 12.17 20.72
C GLN A 16 -11.37 10.75 20.67
N ASN A 17 -11.40 10.06 21.80
CA ASN A 17 -10.90 8.69 21.89
C ASN A 17 -12.01 7.69 21.61
N PHE A 18 -12.94 7.57 22.55
CA PHE A 18 -14.07 6.65 22.41
C PHE A 18 -13.59 5.22 22.21
N SER A 19 -14.54 4.32 21.92
CA SER A 19 -14.23 2.91 21.70
C SER A 19 -13.69 2.27 22.97
N VAL A 20 -14.48 1.38 23.56
CA VAL A 20 -14.09 0.70 24.79
C VAL A 20 -13.91 -0.81 24.55
N PRO A 21 -12.69 -1.25 24.17
CA PRO A 21 -12.41 -2.66 23.92
C PRO A 21 -12.70 -3.54 25.14
N SER A 22 -12.78 -4.85 24.92
CA SER A 22 -13.05 -5.78 26.00
C SER A 22 -12.18 -7.03 25.88
N PRO A 23 -10.91 -6.96 26.31
CA PRO A 23 -9.98 -8.09 26.24
C PRO A 23 -10.41 -9.24 27.14
N GLY A 24 -10.84 -10.34 26.53
CA GLY A 24 -11.28 -11.49 27.28
C GLY A 24 -10.10 -12.30 27.83
N PRO A 25 -10.33 -13.56 28.23
CA PRO A 25 -9.27 -14.43 28.77
C PRO A 25 -8.16 -14.67 27.76
N LEU A 26 -7.13 -13.83 27.81
CA LEU A 26 -5.99 -13.95 26.91
C LEU A 26 -6.42 -13.89 25.45
N ASN A 27 -6.72 -12.68 24.98
CA ASN A 27 -7.16 -12.48 23.60
C ASN A 27 -6.61 -11.18 23.03
N THR A 28 -5.51 -10.70 23.61
CA THR A 28 -4.88 -9.47 23.17
C THR A 28 -3.47 -9.73 22.62
N PRO A 29 -3.36 -10.09 21.33
CA PRO A 29 -2.08 -10.37 20.69
C PRO A 29 -1.24 -9.10 20.50
N VAL A 30 -0.55 -8.69 21.56
CA VAL A 30 0.29 -7.49 21.51
C VAL A 30 1.72 -7.85 21.12
N ASN A 31 2.09 -9.11 21.32
CA ASN A 31 3.42 -9.58 20.99
C ASN A 31 3.35 -10.94 20.29
N PRO A 32 2.84 -10.99 19.05
CA PRO A 32 2.72 -12.23 18.28
C PRO A 32 4.07 -12.90 18.06
N SER A 33 4.14 -14.19 18.36
CA SER A 33 5.37 -14.95 18.19
C SER A 33 5.07 -16.41 17.85
N SER A 34 3.86 -16.66 17.37
CA SER A 34 3.45 -18.01 17.00
C SER A 34 2.31 -17.97 15.99
N VAL A 35 2.66 -18.04 14.71
CA VAL A 35 1.67 -18.02 13.65
C VAL A 35 1.75 -19.30 12.80
N MET A 36 0.60 -19.76 12.33
CA MET A 36 0.53 -20.97 11.51
C MET A 36 -0.41 -20.76 10.32
N SER A 37 0.17 -20.74 9.12
CA SER A 37 -0.61 -20.55 7.90
C SER A 37 0.07 -21.22 6.71
N PRO A 38 -0.04 -22.55 6.59
CA PRO A 38 0.56 -23.31 5.50
C PRO A 38 0.04 -22.87 4.13
N ALA A 39 -1.25 -22.56 4.07
CA ALA A 39 -1.88 -22.12 2.83
C ALA A 39 -2.01 -20.60 2.77
N GLY A 40 -1.37 -19.99 1.78
CA GLY A 40 -1.44 -18.55 1.64
C GLY A 40 -2.64 -18.10 0.83
N SER A 41 -3.29 -19.04 0.16
CA SER A 41 -4.46 -18.74 -0.66
C SER A 41 -5.71 -18.71 0.21
N SER A 42 -6.19 -17.50 0.51
CA SER A 42 -7.38 -17.34 1.33
C SER A 42 -8.24 -16.19 0.82
N GLN A 43 -9.25 -15.81 1.61
CA GLN A 43 -10.15 -14.73 1.24
C GLN A 43 -9.39 -13.42 1.02
N ALA A 44 -8.46 -13.12 1.92
CA ALA A 44 -7.67 -11.90 1.83
C ALA A 44 -6.82 -11.88 0.56
N GLU A 45 -6.63 -13.06 -0.04
CA GLU A 45 -5.84 -13.17 -1.26
C GLU A 45 -6.72 -12.95 -2.47
N GLU A 46 -7.99 -13.29 -2.32
CA GLU A 46 -8.97 -13.13 -3.38
C GLU A 46 -9.44 -11.68 -3.42
N GLN A 47 -9.33 -11.00 -2.28
CA GLN A 47 -9.74 -9.61 -2.18
C GLN A 47 -8.60 -8.67 -2.56
N GLN A 48 -7.40 -8.99 -2.11
CA GLN A 48 -6.24 -8.16 -2.44
C GLN A 48 -5.87 -8.31 -3.91
N TYR A 49 -6.19 -9.46 -4.49
CA TYR A 49 -5.90 -9.71 -5.89
C TYR A 49 -6.65 -8.70 -6.74
N LEU A 50 -7.88 -8.42 -6.33
CA LEU A 50 -8.73 -7.45 -7.01
C LEU A 50 -8.43 -6.05 -6.51
N ASP A 51 -8.08 -5.97 -5.23
CA ASP A 51 -7.79 -4.70 -4.58
C ASP A 51 -6.54 -4.05 -5.17
N LYS A 52 -5.56 -4.86 -5.57
CA LYS A 52 -4.32 -4.35 -6.12
C LYS A 52 -4.42 -4.16 -7.62
N LEU A 53 -5.31 -4.93 -8.25
CA LEU A 53 -5.49 -4.83 -9.70
C LEU A 53 -6.37 -3.62 -10.01
N LYS A 54 -7.27 -3.32 -9.09
CA LYS A 54 -8.18 -2.20 -9.25
C LYS A 54 -7.55 -0.90 -8.74
N GLN A 55 -6.56 -1.06 -7.88
CA GLN A 55 -5.86 0.09 -7.32
C GLN A 55 -4.95 0.73 -8.36
N LEU A 56 -4.28 -0.10 -9.14
CA LEU A 56 -3.38 0.39 -10.18
C LEU A 56 -4.16 0.65 -11.47
N SER A 57 -5.27 -0.05 -11.62
CA SER A 57 -6.13 0.11 -12.80
C SER A 57 -6.42 1.59 -13.08
N LYS A 58 -6.31 2.42 -12.05
CA LYS A 58 -6.56 3.85 -12.19
C LYS A 58 -5.28 4.60 -12.58
N TYR A 59 -4.18 4.23 -11.95
CA TYR A 59 -2.89 4.86 -12.21
C TYR A 59 -2.31 4.44 -13.57
N ILE A 60 -2.81 3.35 -14.11
CA ILE A 60 -2.34 2.84 -15.39
C ILE A 60 -2.45 3.88 -16.51
N GLU A 61 -3.31 4.88 -16.34
CA GLU A 61 -3.51 5.89 -17.38
C GLU A 61 -2.47 7.02 -17.25
N PRO A 62 -2.42 7.70 -16.09
CA PRO A 62 -1.46 8.77 -15.81
C PRO A 62 -0.06 8.50 -16.35
N LEU A 63 0.33 7.23 -16.46
CA LEU A 63 1.67 6.89 -16.97
C LEU A 63 1.93 7.56 -18.31
N ARG A 64 0.91 7.61 -19.16
CA ARG A 64 1.05 8.24 -20.48
C ARG A 64 1.54 9.67 -20.35
N ARG A 65 0.89 10.45 -19.49
CA ARG A 65 1.29 11.84 -19.29
C ARG A 65 2.71 11.91 -18.75
N MET A 66 3.06 10.94 -17.92
CA MET A 66 4.40 10.88 -17.34
C MET A 66 5.46 10.73 -18.42
N ILE A 67 5.28 9.73 -19.30
CA ILE A 67 6.21 9.49 -20.40
C ILE A 67 6.63 10.79 -21.08
N ASN A 68 5.73 11.77 -21.10
CA ASN A 68 6.04 13.05 -21.73
C ASN A 68 6.83 13.97 -20.80
N LYS A 69 6.30 14.19 -19.60
CA LYS A 69 6.95 15.06 -18.61
C LYS A 69 8.28 14.47 -18.14
N ILE A 70 8.51 13.21 -18.44
CA ILE A 70 9.73 12.51 -18.03
C ILE A 70 10.79 12.58 -19.12
N ASP A 71 10.37 12.33 -20.36
CA ASP A 71 11.28 12.40 -21.50
C ASP A 71 11.58 13.85 -21.77
N LYS A 72 10.84 14.69 -21.05
CA LYS A 72 10.97 16.13 -21.13
C LYS A 72 12.25 16.60 -20.45
N ASN A 73 12.74 15.78 -19.52
CA ASN A 73 13.97 16.09 -18.80
C ASN A 73 15.11 15.19 -19.26
N GLU A 74 16.25 15.80 -19.60
CA GLU A 74 17.41 15.05 -20.07
C GLU A 74 18.05 14.25 -18.93
N ASP A 75 17.70 14.60 -17.69
CA ASP A 75 18.25 13.91 -16.53
C ASP A 75 17.52 12.58 -16.30
N ARG A 76 16.22 12.56 -16.58
CA ARG A 76 15.43 11.34 -16.40
C ARG A 76 14.82 10.89 -17.73
N LYS A 77 15.51 11.21 -18.82
CA LYS A 77 15.04 10.85 -20.16
C LYS A 77 14.88 9.34 -20.29
N LYS A 78 15.69 8.59 -19.56
CA LYS A 78 15.65 7.12 -19.61
C LYS A 78 14.60 6.57 -18.64
N ASP A 79 14.21 7.38 -17.67
CA ASP A 79 13.23 6.97 -16.66
C ASP A 79 11.89 6.58 -17.29
N LEU A 80 11.64 7.04 -18.52
CA LEU A 80 10.39 6.73 -19.21
C LEU A 80 10.21 5.22 -19.39
N SER A 81 11.29 4.47 -19.28
CA SER A 81 11.25 3.02 -19.43
C SER A 81 10.43 2.36 -18.33
N LYS A 82 10.21 3.10 -17.24
CA LYS A 82 9.45 2.58 -16.11
C LYS A 82 7.95 2.79 -16.30
N MET A 83 7.59 3.99 -16.77
CA MET A 83 6.18 4.32 -16.99
C MET A 83 5.61 3.59 -18.20
N LYS A 84 6.39 3.52 -19.27
CA LYS A 84 5.95 2.85 -20.49
C LYS A 84 5.87 1.35 -20.27
N SER A 85 6.76 0.83 -19.43
CA SER A 85 6.76 -0.60 -19.13
C SER A 85 5.60 -0.95 -18.21
N LEU A 86 5.45 -0.19 -17.12
CA LEU A 86 4.37 -0.45 -16.18
C LEU A 86 3.03 -0.38 -16.91
N LEU A 87 2.87 0.65 -17.73
CA LEU A 87 1.65 0.83 -18.51
C LEU A 87 1.46 -0.33 -19.50
N ASP A 88 2.55 -0.72 -20.17
CA ASP A 88 2.49 -1.80 -21.14
C ASP A 88 2.26 -3.17 -20.46
N ILE A 89 2.58 -3.26 -19.18
CA ILE A 89 2.42 -4.51 -18.45
C ILE A 89 1.01 -4.65 -17.87
N LEU A 90 0.63 -3.71 -17.01
CA LEU A 90 -0.70 -3.75 -16.38
C LEU A 90 -1.83 -3.69 -17.40
N THR A 91 -1.50 -3.35 -18.65
CA THR A 91 -2.51 -3.25 -19.70
C THR A 91 -2.77 -4.61 -20.35
N ASP A 92 -2.35 -5.68 -19.67
CA ASP A 92 -2.53 -7.03 -20.19
C ASP A 92 -3.56 -7.81 -19.37
N PRO A 93 -4.87 -7.66 -19.69
CA PRO A 93 -5.94 -8.35 -18.98
C PRO A 93 -6.19 -9.76 -19.50
N SER A 94 -5.70 -10.04 -20.71
CA SER A 94 -5.86 -11.35 -21.32
C SER A 94 -5.28 -12.44 -20.43
N LYS A 95 -4.26 -12.07 -19.65
CA LYS A 95 -3.60 -13.01 -18.75
C LYS A 95 -3.77 -12.57 -17.29
N ARG A 96 -4.09 -13.50 -16.41
CA ARG A 96 -4.27 -13.21 -15.00
C ARG A 96 -3.05 -12.51 -14.42
N CYS A 97 -3.27 -11.36 -13.79
CA CYS A 97 -2.19 -10.58 -13.19
C CYS A 97 -1.92 -11.03 -11.76
N PRO A 98 -0.83 -11.78 -11.51
CA PRO A 98 -0.48 -12.26 -10.17
C PRO A 98 -0.24 -11.12 -9.19
N LEU A 99 -0.29 -11.44 -7.90
CA LEU A 99 -0.07 -10.46 -6.85
C LEU A 99 1.31 -9.82 -6.98
N LYS A 100 2.18 -10.47 -7.74
CA LYS A 100 3.54 -9.97 -7.94
C LYS A 100 3.54 -8.71 -8.81
N THR A 101 2.94 -8.80 -9.98
CA THR A 101 2.87 -7.67 -10.91
C THR A 101 2.09 -6.51 -10.32
N LEU A 102 1.02 -6.84 -9.59
CA LEU A 102 0.21 -5.81 -8.96
C LEU A 102 1.01 -5.10 -7.87
N GLN A 103 1.42 -5.85 -6.86
CA GLN A 103 2.21 -5.30 -5.77
C GLN A 103 3.47 -4.62 -6.30
N LYS A 104 3.95 -5.08 -7.45
CA LYS A 104 5.15 -4.51 -8.06
C LYS A 104 4.83 -3.15 -8.68
N CYS A 105 3.85 -3.10 -9.55
CA CYS A 105 3.46 -1.85 -10.16
C CYS A 105 3.00 -0.85 -9.10
N GLU A 106 2.64 -1.37 -7.94
CA GLU A 106 2.20 -0.52 -6.83
C GLU A 106 3.41 0.03 -6.08
N ILE A 107 4.36 -0.86 -5.78
CA ILE A 107 5.57 -0.46 -5.08
C ILE A 107 6.50 0.29 -6.02
N ALA A 108 6.47 -0.08 -7.30
CA ALA A 108 7.30 0.56 -8.31
C ALA A 108 6.80 1.97 -8.61
N LEU A 109 5.51 2.08 -8.90
CA LEU A 109 4.90 3.38 -9.19
C LEU A 109 5.20 4.37 -8.07
N GLU A 110 5.16 3.89 -6.83
CA GLU A 110 5.42 4.72 -5.67
C GLU A 110 6.91 4.95 -5.50
N LYS A 111 7.71 4.02 -6.02
CA LYS A 111 9.17 4.11 -5.93
C LYS A 111 9.70 5.13 -6.92
N LEU A 112 8.96 5.34 -8.00
CA LEU A 112 9.35 6.28 -9.04
C LEU A 112 9.08 7.71 -8.61
N LYS A 113 8.22 7.87 -7.61
CA LYS A 113 7.88 9.19 -7.09
C LYS A 113 9.05 9.78 -6.31
N ASN A 114 9.92 8.91 -5.81
CA ASN A 114 11.07 9.34 -5.03
C ASN A 114 12.06 10.12 -5.90
N ASP A 115 12.11 9.77 -7.18
CA ASP A 115 13.01 10.44 -8.13
C ASP A 115 12.39 11.73 -8.65
N MET A 116 11.07 11.83 -8.55
CA MET A 116 10.35 13.02 -9.02
C MET A 116 10.09 13.98 -7.88
N ALA A 117 10.24 13.49 -6.64
CA ALA A 117 10.03 14.30 -5.45
C ALA A 117 11.28 15.09 -5.09
N VAL A 118 11.22 16.41 -5.26
CA VAL A 118 12.35 17.28 -4.95
C VAL A 118 13.57 16.91 -5.78
N MET A 1 7.58 22.32 22.62
CA MET A 1 8.38 21.95 23.82
C MET A 1 8.37 23.08 24.86
N HIS A 2 7.92 24.25 24.44
CA HIS A 2 7.86 25.41 25.33
C HIS A 2 6.46 26.01 25.34
N HIS A 3 5.46 25.22 24.98
CA HIS A 3 4.08 25.67 24.94
C HIS A 3 3.32 25.16 26.16
N HIS A 4 2.15 25.76 26.42
CA HIS A 4 1.32 25.37 27.55
C HIS A 4 -0.14 25.71 27.30
N HIS A 5 -0.40 26.42 26.20
CA HIS A 5 -1.76 26.81 25.85
C HIS A 5 -2.64 25.60 25.57
N HIS A 6 -2.22 24.78 24.60
CA HIS A 6 -2.98 23.59 24.24
C HIS A 6 -2.38 22.34 24.87
N HIS A 7 -1.19 22.48 25.45
CA HIS A 7 -0.51 21.35 26.10
C HIS A 7 -1.00 21.17 27.53
N ALA A 8 -1.81 20.14 27.75
CA ALA A 8 -2.35 19.86 29.08
C ALA A 8 -2.80 18.41 29.19
N SER A 9 -2.00 17.60 29.89
CA SER A 9 -2.32 16.18 30.06
C SER A 9 -2.29 15.80 31.53
N VAL A 10 -3.47 15.67 32.13
CA VAL A 10 -3.58 15.30 33.54
C VAL A 10 -3.43 13.80 33.73
N THR A 11 -2.93 13.40 34.90
CA THR A 11 -2.73 11.99 35.20
C THR A 11 -3.82 11.47 36.13
N ALA A 12 -4.70 10.63 35.59
CA ALA A 12 -5.79 10.06 36.38
C ALA A 12 -5.27 9.20 37.52
N ARG A 13 -6.07 9.06 38.58
CA ARG A 13 -5.69 8.26 39.73
C ARG A 13 -6.90 7.54 40.31
N THR A 14 -8.09 8.07 40.01
CA THR A 14 -9.33 7.48 40.50
C THR A 14 -10.30 7.20 39.35
N PRO A 15 -10.09 6.07 38.63
CA PRO A 15 -10.94 5.69 37.50
C PRO A 15 -12.36 5.33 37.93
N GLN A 16 -13.34 6.04 37.38
CA GLN A 16 -14.74 5.80 37.70
C GLN A 16 -15.36 4.83 36.71
N ASN A 17 -15.29 5.17 35.43
CA ASN A 17 -15.85 4.33 34.37
C ASN A 17 -14.93 3.14 34.10
N PHE A 18 -15.54 1.97 33.88
CA PHE A 18 -14.77 0.76 33.61
C PHE A 18 -13.80 0.48 34.75
N SER A 19 -14.31 -0.15 35.82
CA SER A 19 -13.47 -0.48 36.97
C SER A 19 -13.92 -1.79 37.60
N VAL A 20 -15.19 -2.13 37.40
CA VAL A 20 -15.75 -3.36 37.96
C VAL A 20 -15.28 -4.58 37.14
N PRO A 21 -14.80 -5.64 37.82
CA PRO A 21 -14.33 -6.85 37.14
C PRO A 21 -15.48 -7.70 36.60
N SER A 22 -16.58 -7.74 37.34
CA SER A 22 -17.75 -8.51 36.92
C SER A 22 -17.38 -9.95 36.60
N PRO A 23 -17.15 -10.78 37.63
CA PRO A 23 -16.79 -12.20 37.45
C PRO A 23 -17.97 -13.05 37.02
N GLY A 24 -17.68 -14.19 36.39
CA GLY A 24 -18.73 -15.08 35.94
C GLY A 24 -18.23 -16.13 34.96
N PRO A 25 -17.90 -15.74 33.73
CA PRO A 25 -17.40 -16.67 32.71
C PRO A 25 -15.98 -17.13 32.99
N LEU A 26 -15.84 -18.39 33.40
CA LEU A 26 -14.54 -18.96 33.71
C LEU A 26 -13.81 -18.14 34.78
N ASN A 27 -13.93 -18.60 36.03
CA ASN A 27 -13.28 -17.92 37.15
C ASN A 27 -11.86 -18.43 37.35
N THR A 28 -11.53 -19.53 36.66
CA THR A 28 -10.20 -20.12 36.76
C THR A 28 -9.53 -20.19 35.39
N PRO A 29 -9.07 -19.04 34.86
CA PRO A 29 -8.40 -18.97 33.55
C PRO A 29 -7.10 -19.76 33.53
N VAL A 30 -7.03 -20.78 32.68
CA VAL A 30 -5.85 -21.62 32.55
C VAL A 30 -5.25 -21.51 31.15
N ASN A 31 -6.10 -21.20 30.18
CA ASN A 31 -5.66 -21.08 28.80
C ASN A 31 -6.65 -20.21 28.01
N PRO A 32 -6.47 -18.87 28.03
CA PRO A 32 -7.35 -17.94 27.32
C PRO A 32 -7.55 -18.34 25.86
N SER A 33 -8.67 -17.91 25.28
CA SER A 33 -8.99 -18.21 23.90
C SER A 33 -8.82 -19.69 23.60
N SER A 34 -9.65 -20.52 24.22
CA SER A 34 -9.59 -21.97 24.01
C SER A 34 -10.19 -22.33 22.66
N VAL A 35 -11.09 -21.49 22.17
CA VAL A 35 -11.74 -21.71 20.88
C VAL A 35 -11.15 -20.79 19.81
N MET A 36 -9.89 -20.40 20.01
CA MET A 36 -9.20 -19.52 19.07
C MET A 36 -9.10 -20.17 17.70
N SER A 37 -9.16 -19.34 16.65
CA SER A 37 -9.08 -19.83 15.28
C SER A 37 -8.13 -18.96 14.45
N PRO A 38 -7.14 -19.57 13.77
CA PRO A 38 -6.18 -18.83 12.95
C PRO A 38 -6.76 -18.43 11.60
N ALA A 39 -7.05 -17.14 11.43
CA ALA A 39 -7.59 -16.63 10.19
C ALA A 39 -6.50 -16.40 9.16
N GLY A 40 -6.56 -17.13 8.05
CA GLY A 40 -5.57 -17.00 7.00
C GLY A 40 -6.10 -16.29 5.77
N SER A 41 -6.87 -17.02 4.96
CA SER A 41 -7.44 -16.45 3.74
C SER A 41 -6.35 -15.89 2.83
N SER A 42 -5.51 -16.78 2.32
CA SER A 42 -4.42 -16.38 1.43
C SER A 42 -4.89 -16.30 -0.02
N GLN A 43 -6.21 -16.22 -0.20
CA GLN A 43 -6.79 -16.13 -1.53
C GLN A 43 -6.65 -14.72 -2.10
N ALA A 44 -6.88 -13.73 -1.26
CA ALA A 44 -6.77 -12.33 -1.68
C ALA A 44 -5.35 -12.01 -2.16
N GLU A 45 -4.40 -12.87 -1.80
CA GLU A 45 -3.01 -12.66 -2.20
C GLU A 45 -2.75 -13.31 -3.55
N GLU A 46 -3.49 -14.38 -3.81
CA GLU A 46 -3.37 -15.10 -5.06
C GLU A 46 -4.18 -14.38 -6.14
N GLN A 47 -5.17 -13.60 -5.69
CA GLN A 47 -6.00 -12.85 -6.61
C GLN A 47 -5.40 -11.49 -6.93
N GLN A 48 -4.84 -10.83 -5.91
CA GLN A 48 -4.23 -9.53 -6.11
C GLN A 48 -2.93 -9.67 -6.91
N TYR A 49 -2.25 -10.79 -6.74
CA TYR A 49 -1.02 -11.04 -7.45
C TYR A 49 -1.24 -10.87 -8.94
N LEU A 50 -2.31 -11.47 -9.43
CA LEU A 50 -2.68 -11.40 -10.83
C LEU A 50 -3.48 -10.15 -11.12
N ASP A 51 -4.25 -9.71 -10.13
CA ASP A 51 -5.09 -8.53 -10.28
C ASP A 51 -4.25 -7.26 -10.42
N LYS A 52 -3.08 -7.27 -9.81
CA LYS A 52 -2.18 -6.11 -9.87
C LYS A 52 -1.29 -6.19 -11.09
N LEU A 53 -1.03 -7.40 -11.56
CA LEU A 53 -0.19 -7.58 -12.74
C LEU A 53 -1.01 -7.30 -13.98
N LYS A 54 -2.31 -7.57 -13.88
CA LYS A 54 -3.22 -7.35 -15.00
C LYS A 54 -3.74 -5.92 -15.01
N GLN A 55 -3.65 -5.26 -13.88
CA GLN A 55 -4.09 -3.87 -13.76
C GLN A 55 -3.11 -2.94 -14.46
N LEU A 56 -1.82 -3.19 -14.24
CA LEU A 56 -0.77 -2.39 -14.86
C LEU A 56 -0.49 -2.91 -16.26
N SER A 57 -0.81 -4.18 -16.48
CA SER A 57 -0.61 -4.80 -17.79
C SER A 57 -1.22 -3.94 -18.90
N LYS A 58 -2.19 -3.10 -18.52
CA LYS A 58 -2.85 -2.21 -19.47
C LYS A 58 -2.10 -0.88 -19.57
N TYR A 59 -1.66 -0.39 -18.42
CA TYR A 59 -0.93 0.88 -18.34
C TYR A 59 0.39 0.79 -19.11
N ILE A 60 0.83 -0.42 -19.38
CA ILE A 60 2.08 -0.65 -20.11
C ILE A 60 2.14 0.12 -21.43
N GLU A 61 0.98 0.48 -21.98
CA GLU A 61 0.95 1.19 -23.26
C GLU A 61 1.07 2.69 -23.07
N PRO A 62 0.13 3.31 -22.32
CA PRO A 62 0.12 4.74 -22.03
C PRO A 62 1.52 5.31 -21.73
N LEU A 63 2.40 4.50 -21.13
CA LEU A 63 3.74 4.97 -20.80
C LEU A 63 4.50 5.35 -22.06
N ARG A 64 4.44 4.50 -23.08
CA ARG A 64 5.14 4.76 -24.34
C ARG A 64 4.67 6.06 -24.98
N ARG A 65 3.46 6.48 -24.65
CA ARG A 65 2.91 7.71 -25.21
C ARG A 65 3.32 8.92 -24.36
N MET A 66 3.50 8.70 -23.07
CA MET A 66 3.90 9.76 -22.16
C MET A 66 5.37 10.10 -22.34
N ILE A 67 6.21 9.07 -22.41
CA ILE A 67 7.65 9.23 -22.60
C ILE A 67 7.96 10.25 -23.70
N ASN A 68 7.06 10.37 -24.67
CA ASN A 68 7.24 11.30 -25.77
C ASN A 68 6.82 12.71 -25.37
N LYS A 69 5.59 12.84 -24.88
CA LYS A 69 5.05 14.13 -24.45
C LYS A 69 5.82 14.68 -23.24
N ILE A 70 6.60 13.80 -22.61
CA ILE A 70 7.38 14.17 -21.44
C ILE A 70 8.79 14.60 -21.85
N ASP A 71 9.39 13.86 -22.77
CA ASP A 71 10.70 14.20 -23.28
C ASP A 71 10.56 15.42 -24.14
N LYS A 72 9.30 15.73 -24.40
CA LYS A 72 8.92 16.89 -25.20
C LYS A 72 9.14 18.17 -24.41
N ASN A 73 9.19 18.05 -23.09
CA ASN A 73 9.41 19.19 -22.21
C ASN A 73 10.84 19.18 -21.67
N GLU A 74 11.42 20.36 -21.52
CA GLU A 74 12.78 20.49 -21.03
C GLU A 74 12.83 20.38 -19.51
N ASP A 75 11.75 20.78 -18.85
CA ASP A 75 11.67 20.73 -17.40
C ASP A 75 11.11 19.39 -16.91
N ARG A 76 10.82 18.50 -17.85
CA ARG A 76 10.28 17.19 -17.51
C ARG A 76 11.07 16.07 -18.16
N LYS A 77 12.33 16.34 -18.47
CA LYS A 77 13.20 15.35 -19.11
C LYS A 77 13.54 14.22 -18.13
N LYS A 78 13.55 14.54 -16.84
CA LYS A 78 13.86 13.54 -15.82
C LYS A 78 12.69 12.62 -15.57
N ASP A 79 11.48 13.13 -15.80
CA ASP A 79 10.27 12.34 -15.60
C ASP A 79 10.22 11.13 -16.53
N LEU A 80 11.00 11.20 -17.63
CA LEU A 80 11.05 10.12 -18.59
C LEU A 80 11.48 8.82 -17.94
N SER A 81 12.31 8.92 -16.91
CA SER A 81 12.82 7.75 -16.19
C SER A 81 11.69 6.96 -15.53
N LYS A 82 10.52 7.57 -15.40
CA LYS A 82 9.39 6.90 -14.77
C LYS A 82 8.64 6.01 -15.75
N MET A 83 8.09 6.60 -16.81
CA MET A 83 7.35 5.83 -17.80
C MET A 83 8.26 4.88 -18.56
N LYS A 84 9.40 5.39 -19.02
CA LYS A 84 10.35 4.57 -19.75
C LYS A 84 10.77 3.35 -18.94
N SER A 85 10.83 3.50 -17.61
CA SER A 85 11.22 2.40 -16.74
C SER A 85 10.04 1.46 -16.48
N LEU A 86 8.94 2.00 -15.95
CA LEU A 86 7.77 1.18 -15.66
C LEU A 86 7.39 0.36 -16.89
N LEU A 87 7.59 0.95 -18.07
CA LEU A 87 7.30 0.29 -19.33
C LEU A 87 8.36 -0.78 -19.62
N ASP A 88 9.63 -0.38 -19.64
CA ASP A 88 10.73 -1.29 -19.93
C ASP A 88 10.72 -2.50 -19.01
N ILE A 89 10.18 -2.34 -17.81
CA ILE A 89 10.13 -3.43 -16.83
C ILE A 89 8.89 -4.30 -17.02
N LEU A 90 7.71 -3.69 -16.90
CA LEU A 90 6.45 -4.42 -17.03
C LEU A 90 6.20 -4.91 -18.46
N THR A 91 7.08 -4.54 -19.40
CA THR A 91 6.92 -4.97 -20.78
C THR A 91 7.38 -6.41 -20.98
N ASP A 92 7.72 -7.08 -19.88
CA ASP A 92 8.17 -8.46 -19.95
C ASP A 92 7.41 -9.33 -18.94
N PRO A 93 6.09 -9.50 -19.14
CA PRO A 93 5.25 -10.31 -18.25
C PRO A 93 5.30 -11.79 -18.61
N SER A 94 5.67 -12.09 -19.85
CA SER A 94 5.75 -13.46 -20.32
C SER A 94 6.79 -14.26 -19.54
N LYS A 95 7.76 -13.56 -18.97
CA LYS A 95 8.81 -14.22 -18.20
C LYS A 95 8.44 -14.28 -16.72
N ARG A 96 8.41 -13.13 -16.08
CA ARG A 96 8.07 -13.06 -14.65
C ARG A 96 7.59 -11.66 -14.28
N CYS A 97 6.59 -11.59 -13.41
CA CYS A 97 6.04 -10.31 -12.96
C CYS A 97 6.18 -10.16 -11.45
N PRO A 98 7.32 -9.63 -10.97
CA PRO A 98 7.56 -9.43 -9.54
C PRO A 98 6.61 -8.41 -8.92
N LEU A 99 6.10 -8.74 -7.74
CA LEU A 99 5.18 -7.85 -7.03
C LEU A 99 5.84 -6.54 -6.66
N LYS A 100 7.17 -6.52 -6.68
CA LYS A 100 7.93 -5.31 -6.35
C LYS A 100 7.79 -4.27 -7.44
N THR A 101 7.65 -4.73 -8.68
CA THR A 101 7.51 -3.82 -9.82
C THR A 101 6.04 -3.49 -10.06
N LEU A 102 5.16 -4.36 -9.56
CA LEU A 102 3.73 -4.15 -9.70
C LEU A 102 3.26 -3.10 -8.71
N GLN A 103 3.50 -3.35 -7.43
CA GLN A 103 3.11 -2.41 -6.37
C GLN A 103 3.77 -1.06 -6.59
N LYS A 104 4.97 -1.07 -7.17
CA LYS A 104 5.70 0.17 -7.44
C LYS A 104 5.11 0.90 -8.62
N CYS A 105 4.84 0.18 -9.70
CA CYS A 105 4.26 0.81 -10.88
C CYS A 105 2.85 1.30 -10.56
N GLU A 106 2.18 0.62 -9.64
CA GLU A 106 0.83 1.02 -9.24
C GLU A 106 0.89 2.27 -8.40
N ILE A 107 1.79 2.28 -7.41
CA ILE A 107 1.96 3.44 -6.55
C ILE A 107 2.57 4.59 -7.33
N ALA A 108 3.53 4.27 -8.21
CA ALA A 108 4.17 5.28 -9.03
C ALA A 108 3.17 5.95 -9.96
N LEU A 109 2.47 5.14 -10.76
CA LEU A 109 1.47 5.67 -11.69
C LEU A 109 0.42 6.49 -10.96
N GLU A 110 0.14 6.13 -9.71
CA GLU A 110 -0.85 6.84 -8.91
C GLU A 110 -0.36 8.25 -8.57
N LYS A 111 0.92 8.35 -8.22
CA LYS A 111 1.51 9.64 -7.89
C LYS A 111 1.76 10.46 -9.14
N LEU A 112 1.86 9.78 -10.28
CA LEU A 112 2.09 10.46 -11.56
C LEU A 112 0.78 10.98 -12.14
N LYS A 113 -0.32 10.34 -11.79
CA LYS A 113 -1.64 10.75 -12.27
C LYS A 113 -2.16 11.94 -11.47
N ASN A 114 -1.74 12.04 -10.21
CA ASN A 114 -2.16 13.12 -9.34
C ASN A 114 -1.58 14.45 -9.80
N ASP A 115 -0.37 14.39 -10.38
CA ASP A 115 0.29 15.59 -10.86
C ASP A 115 -0.37 16.11 -12.13
N MET A 116 -1.06 15.22 -12.84
CA MET A 116 -1.75 15.59 -14.08
C MET A 116 -3.20 15.95 -13.79
N ALA A 117 -3.73 15.43 -12.69
CA ALA A 117 -5.11 15.69 -12.30
C ALA A 117 -5.20 16.84 -11.30
N VAL A 118 -5.90 17.90 -11.68
CA VAL A 118 -6.06 19.07 -10.83
C VAL A 118 -7.08 18.81 -9.72
N MET A 1 -4.03 45.99 30.25
CA MET A 1 -3.15 44.82 30.48
C MET A 1 -3.68 43.58 29.77
N HIS A 2 -4.89 43.16 30.15
CA HIS A 2 -5.51 41.98 29.56
C HIS A 2 -6.60 42.39 28.57
N HIS A 3 -6.21 42.54 27.31
CA HIS A 3 -7.15 42.93 26.26
C HIS A 3 -7.67 41.71 25.52
N HIS A 4 -7.78 40.59 26.22
CA HIS A 4 -8.27 39.34 25.64
C HIS A 4 -7.38 38.91 24.47
N HIS A 5 -6.39 38.08 24.77
CA HIS A 5 -5.46 37.59 23.76
C HIS A 5 -6.16 36.63 22.79
N HIS A 6 -6.14 36.97 21.51
CA HIS A 6 -6.76 36.15 20.49
C HIS A 6 -5.73 35.73 19.43
N HIS A 7 -5.69 34.45 19.12
CA HIS A 7 -4.75 33.93 18.13
C HIS A 7 -3.32 34.31 18.49
N ALA A 8 -2.78 33.62 19.50
CA ALA A 8 -1.42 33.87 19.95
C ALA A 8 -0.78 32.60 20.51
N SER A 9 -1.58 31.56 20.69
CA SER A 9 -1.10 30.29 21.22
C SER A 9 -0.46 29.46 20.10
N VAL A 10 0.72 29.87 19.66
CA VAL A 10 1.43 29.18 18.60
C VAL A 10 2.74 28.59 19.10
N THR A 11 2.85 27.27 19.06
CA THR A 11 4.06 26.58 19.52
C THR A 11 4.44 25.44 18.57
N ALA A 12 3.49 24.54 18.34
CA ALA A 12 3.73 23.40 17.45
C ALA A 12 2.50 23.08 16.62
N ARG A 13 2.70 22.86 15.33
CA ARG A 13 1.62 22.55 14.42
C ARG A 13 1.89 21.24 13.69
N THR A 14 3.17 20.93 13.50
CA THR A 14 3.57 19.70 12.82
C THR A 14 4.96 19.26 13.27
N PRO A 15 5.05 18.54 14.40
CA PRO A 15 6.33 18.06 14.94
C PRO A 15 6.94 16.96 14.08
N GLN A 16 8.13 16.53 14.45
CA GLN A 16 8.83 15.48 13.72
C GLN A 16 9.06 15.88 12.26
N ASN A 17 9.63 14.97 11.48
CA ASN A 17 9.91 15.21 10.08
C ASN A 17 10.22 13.92 9.35
N PHE A 18 9.82 12.80 9.95
CA PHE A 18 10.06 11.49 9.37
C PHE A 18 8.76 10.89 8.85
N SER A 19 7.80 10.69 9.76
CA SER A 19 6.50 10.12 9.39
C SER A 19 6.67 8.75 8.74
N VAL A 20 6.83 7.72 9.56
CA VAL A 20 7.02 6.36 9.07
C VAL A 20 5.67 5.66 8.85
N PRO A 21 5.58 4.76 7.86
CA PRO A 21 4.35 4.03 7.57
C PRO A 21 4.09 2.90 8.55
N SER A 22 3.13 3.10 9.44
CA SER A 22 2.78 2.10 10.45
C SER A 22 1.39 2.37 11.03
N PRO A 23 0.33 2.09 10.26
CA PRO A 23 -1.05 2.30 10.71
C PRO A 23 -1.36 1.57 12.01
N GLY A 24 -1.06 0.28 12.05
CA GLY A 24 -1.30 -0.51 13.25
C GLY A 24 -1.60 -1.97 12.94
N PRO A 25 -2.08 -2.73 13.93
CA PRO A 25 -2.40 -4.16 13.74
C PRO A 25 -3.61 -4.37 12.85
N LEU A 26 -3.36 -4.70 11.58
CA LEU A 26 -4.43 -4.92 10.62
C LEU A 26 -4.62 -6.42 10.35
N ASN A 27 -4.95 -7.16 11.40
CA ASN A 27 -5.16 -8.60 11.28
C ASN A 27 -6.20 -9.08 12.29
N THR A 28 -5.96 -8.79 13.56
CA THR A 28 -6.86 -9.19 14.64
C THR A 28 -7.07 -10.71 14.63
N PRO A 29 -6.15 -11.46 15.25
CA PRO A 29 -6.24 -12.92 15.32
C PRO A 29 -7.35 -13.40 16.26
N VAL A 30 -8.31 -14.14 15.71
CA VAL A 30 -9.42 -14.65 16.49
C VAL A 30 -10.08 -15.85 15.80
N ASN A 31 -9.94 -15.89 14.48
CA ASN A 31 -10.52 -16.97 13.69
C ASN A 31 -9.51 -17.50 12.66
N PRO A 32 -8.51 -18.27 13.11
CA PRO A 32 -7.48 -18.83 12.22
C PRO A 32 -8.05 -19.88 11.28
N SER A 33 -7.71 -19.76 10.00
CA SER A 33 -8.20 -20.70 8.98
C SER A 33 -7.23 -21.86 8.82
N SER A 34 -6.01 -21.55 8.41
CA SER A 34 -4.98 -22.57 8.21
C SER A 34 -5.47 -23.66 7.25
N VAL A 35 -5.80 -23.26 6.03
CA VAL A 35 -6.29 -24.19 5.02
C VAL A 35 -5.16 -25.05 4.47
N MET A 36 -5.48 -26.29 4.11
CA MET A 36 -4.49 -27.21 3.57
C MET A 36 -4.82 -27.56 2.12
N SER A 37 -5.87 -26.95 1.60
CA SER A 37 -6.29 -27.19 0.21
C SER A 37 -7.08 -25.99 -0.32
N PRO A 38 -6.40 -24.86 -0.56
CA PRO A 38 -7.05 -23.65 -1.07
C PRO A 38 -7.45 -23.79 -2.53
N ALA A 39 -6.78 -24.67 -3.25
CA ALA A 39 -7.07 -24.91 -4.65
C ALA A 39 -8.19 -25.93 -4.82
N GLY A 40 -9.14 -25.62 -5.70
CA GLY A 40 -10.25 -26.53 -5.95
C GLY A 40 -11.20 -26.01 -7.00
N SER A 41 -10.72 -25.10 -7.84
CA SER A 41 -11.54 -24.53 -8.90
C SER A 41 -10.70 -24.24 -10.14
N SER A 42 -9.65 -23.44 -9.95
CA SER A 42 -8.75 -23.09 -11.05
C SER A 42 -7.33 -22.89 -10.56
N GLN A 43 -6.38 -23.57 -11.21
CA GLN A 43 -4.98 -23.47 -10.82
C GLN A 43 -4.32 -22.25 -11.45
N ALA A 44 -4.93 -21.73 -12.52
CA ALA A 44 -4.41 -20.56 -13.21
C ALA A 44 -4.60 -19.30 -12.37
N GLU A 45 -5.52 -19.37 -11.42
CA GLU A 45 -5.81 -18.25 -10.54
C GLU A 45 -4.83 -18.23 -9.38
N GLU A 46 -4.46 -19.41 -8.93
CA GLU A 46 -3.52 -19.55 -7.84
C GLU A 46 -2.09 -19.38 -8.36
N GLN A 47 -1.93 -19.56 -9.66
CA GLN A 47 -0.63 -19.41 -10.31
C GLN A 47 -0.40 -17.96 -10.71
N GLN A 48 -1.43 -17.30 -11.21
CA GLN A 48 -1.30 -15.91 -11.59
C GLN A 48 -1.24 -15.03 -10.35
N TYR A 49 -1.91 -15.47 -9.30
CA TYR A 49 -1.91 -14.73 -8.04
C TYR A 49 -0.48 -14.49 -7.59
N LEU A 50 0.31 -15.53 -7.64
CA LEU A 50 1.71 -15.46 -7.26
C LEU A 50 2.56 -14.93 -8.40
N ASP A 51 2.15 -15.25 -9.62
CA ASP A 51 2.87 -14.83 -10.82
C ASP A 51 2.75 -13.32 -11.02
N LYS A 52 1.69 -12.73 -10.46
CA LYS A 52 1.45 -11.31 -10.56
C LYS A 52 2.15 -10.58 -9.43
N LEU A 53 2.32 -11.26 -8.30
CA LEU A 53 3.00 -10.65 -7.18
C LEU A 53 4.42 -10.33 -7.60
N LYS A 54 4.95 -11.18 -8.47
CA LYS A 54 6.31 -11.02 -8.99
C LYS A 54 6.33 -10.11 -10.22
N GLN A 55 5.17 -9.98 -10.84
CA GLN A 55 5.04 -9.16 -12.05
C GLN A 55 5.38 -7.71 -11.76
N LEU A 56 4.69 -7.12 -10.78
CA LEU A 56 4.93 -5.73 -10.42
C LEU A 56 6.09 -5.63 -9.42
N SER A 57 6.49 -6.78 -8.89
CA SER A 57 7.59 -6.83 -7.94
C SER A 57 8.83 -6.10 -8.47
N LYS A 58 8.97 -6.05 -9.79
CA LYS A 58 10.09 -5.37 -10.42
C LYS A 58 9.78 -3.90 -10.66
N TYR A 59 8.52 -3.62 -10.99
CA TYR A 59 8.06 -2.25 -11.24
C TYR A 59 8.05 -1.42 -9.96
N ILE A 60 8.08 -2.10 -8.82
CA ILE A 60 8.07 -1.43 -7.53
C ILE A 60 9.16 -0.36 -7.40
N GLU A 61 10.22 -0.47 -8.21
CA GLU A 61 11.32 0.47 -8.11
C GLU A 61 11.04 1.71 -8.96
N PRO A 62 10.85 1.53 -10.27
CA PRO A 62 10.53 2.63 -11.20
C PRO A 62 9.55 3.65 -10.63
N LEU A 63 8.65 3.20 -9.75
CA LEU A 63 7.66 4.10 -9.14
C LEU A 63 8.34 5.30 -8.48
N ARG A 64 9.39 5.02 -7.71
CA ARG A 64 10.13 6.06 -7.01
C ARG A 64 10.70 7.08 -7.99
N ARG A 65 11.26 6.58 -9.08
CA ARG A 65 11.84 7.44 -10.11
C ARG A 65 10.76 8.26 -10.81
N MET A 66 9.53 7.78 -10.75
CA MET A 66 8.41 8.47 -11.38
C MET A 66 7.88 9.58 -10.49
N ILE A 67 7.78 9.31 -9.19
CA ILE A 67 7.29 10.28 -8.23
C ILE A 67 8.05 11.61 -8.34
N ASN A 68 9.26 11.55 -8.87
CA ASN A 68 10.08 12.75 -9.02
C ASN A 68 9.75 13.48 -10.32
N LYS A 69 9.82 12.76 -11.44
CA LYS A 69 9.54 13.35 -12.75
C LYS A 69 8.07 13.70 -12.93
N ILE A 70 7.23 13.21 -12.02
CA ILE A 70 5.79 13.45 -12.09
C ILE A 70 5.43 14.70 -11.30
N ASP A 71 6.00 14.83 -10.10
CA ASP A 71 5.77 16.02 -9.28
C ASP A 71 6.51 17.17 -9.90
N LYS A 72 7.32 16.81 -10.89
CA LYS A 72 8.13 17.74 -11.64
C LYS A 72 7.27 18.54 -12.61
N ASN A 73 6.10 18.00 -12.93
CA ASN A 73 5.17 18.65 -13.84
C ASN A 73 3.96 19.21 -13.09
N GLU A 74 3.46 20.35 -13.53
CA GLU A 74 2.31 20.99 -12.90
C GLU A 74 1.01 20.34 -13.34
N ASP A 75 1.07 19.53 -14.40
CA ASP A 75 -0.12 18.86 -14.92
C ASP A 75 -0.48 17.62 -14.10
N ARG A 76 0.56 16.96 -13.57
CA ARG A 76 0.35 15.76 -12.77
C ARG A 76 1.14 15.84 -11.46
N LYS A 77 1.33 17.06 -10.97
CA LYS A 77 2.07 17.28 -9.73
C LYS A 77 1.51 16.45 -8.58
N LYS A 78 0.19 16.42 -8.45
CA LYS A 78 -0.46 15.67 -7.38
C LYS A 78 -0.69 14.21 -7.77
N ASP A 79 -0.64 13.94 -9.08
CA ASP A 79 -0.85 12.58 -9.59
C ASP A 79 0.14 11.59 -8.97
N LEU A 80 1.23 12.11 -8.41
CA LEU A 80 2.25 11.27 -7.78
C LEU A 80 1.65 10.28 -6.79
N SER A 81 0.43 10.57 -6.34
CA SER A 81 -0.26 9.72 -5.37
C SER A 81 -0.40 8.28 -5.85
N LYS A 82 -0.22 8.07 -7.16
CA LYS A 82 -0.34 6.72 -7.72
C LYS A 82 0.95 5.95 -7.55
N MET A 83 2.07 6.55 -7.94
CA MET A 83 3.36 5.90 -7.82
C MET A 83 3.72 5.69 -6.36
N LYS A 84 3.51 6.72 -5.54
CA LYS A 84 3.79 6.64 -4.12
C LYS A 84 2.92 5.56 -3.47
N SER A 85 1.69 5.43 -3.95
CA SER A 85 0.78 4.43 -3.41
C SER A 85 1.22 3.02 -3.80
N LEU A 86 1.38 2.80 -5.10
CA LEU A 86 1.81 1.48 -5.58
C LEU A 86 3.09 1.05 -4.86
N LEU A 87 4.05 1.96 -4.77
CA LEU A 87 5.30 1.68 -4.09
C LEU A 87 5.07 1.45 -2.59
N ASP A 88 4.19 2.26 -2.00
CA ASP A 88 3.89 2.15 -0.57
C ASP A 88 3.22 0.81 -0.23
N ILE A 89 2.47 0.26 -1.18
CA ILE A 89 1.76 -0.99 -0.95
C ILE A 89 2.65 -2.21 -1.27
N LEU A 90 3.12 -2.28 -2.51
CA LEU A 90 3.96 -3.39 -2.95
C LEU A 90 5.17 -3.60 -2.04
N THR A 91 5.58 -2.55 -1.33
CA THR A 91 6.73 -2.64 -0.44
C THR A 91 6.39 -3.38 0.85
N ASP A 92 5.26 -4.08 0.84
CA ASP A 92 4.81 -4.84 2.01
C ASP A 92 4.75 -6.33 1.70
N PRO A 93 5.91 -7.03 1.69
CA PRO A 93 5.97 -8.45 1.39
C PRO A 93 5.41 -9.30 2.54
N SER A 94 5.41 -8.74 3.74
CA SER A 94 4.91 -9.44 4.91
C SER A 94 3.38 -9.48 4.91
N LYS A 95 2.77 -8.49 4.26
CA LYS A 95 1.31 -8.41 4.19
C LYS A 95 0.80 -9.14 2.94
N ARG A 96 -0.45 -9.60 3.01
CA ARG A 96 -1.05 -10.31 1.89
C ARG A 96 -1.63 -9.32 0.87
N CYS A 97 -1.00 -9.25 -0.29
CA CYS A 97 -1.43 -8.35 -1.35
C CYS A 97 -2.57 -8.98 -2.17
N PRO A 98 -3.70 -8.27 -2.32
CA PRO A 98 -4.85 -8.77 -3.10
C PRO A 98 -4.65 -8.58 -4.60
N LEU A 99 -5.21 -9.51 -5.37
CA LEU A 99 -5.11 -9.47 -6.83
C LEU A 99 -5.70 -8.18 -7.38
N LYS A 100 -6.51 -7.50 -6.56
CA LYS A 100 -7.14 -6.26 -6.97
C LYS A 100 -6.09 -5.15 -7.12
N THR A 101 -5.22 -5.03 -6.12
CA THR A 101 -4.17 -4.03 -6.15
C THR A 101 -3.00 -4.47 -7.01
N LEU A 102 -2.83 -5.79 -7.13
CA LEU A 102 -1.76 -6.33 -7.95
C LEU A 102 -2.01 -6.01 -9.42
N GLN A 103 -3.20 -6.33 -9.90
CA GLN A 103 -3.58 -6.06 -11.28
C GLN A 103 -3.71 -4.56 -11.51
N LYS A 104 -4.26 -3.86 -10.52
CA LYS A 104 -4.42 -2.41 -10.62
C LYS A 104 -3.08 -1.72 -10.70
N CYS A 105 -2.09 -2.22 -9.97
CA CYS A 105 -0.77 -1.64 -10.01
C CYS A 105 -0.16 -1.74 -11.41
N GLU A 106 -0.09 -2.95 -11.94
CA GLU A 106 0.46 -3.13 -13.29
C GLU A 106 -0.32 -2.31 -14.30
N ILE A 107 -1.64 -2.40 -14.23
CA ILE A 107 -2.49 -1.64 -15.15
C ILE A 107 -2.32 -0.14 -14.93
N ALA A 108 -2.20 0.27 -13.66
CA ALA A 108 -2.02 1.68 -13.34
C ALA A 108 -0.69 2.22 -13.88
N LEU A 109 0.41 1.61 -13.45
CA LEU A 109 1.74 2.04 -13.89
C LEU A 109 1.85 1.98 -15.41
N GLU A 110 1.05 1.12 -16.04
CA GLU A 110 1.07 0.97 -17.49
C GLU A 110 0.29 2.10 -18.17
N LYS A 111 -0.75 2.57 -17.50
CA LYS A 111 -1.57 3.65 -18.04
C LYS A 111 -0.86 4.99 -17.93
N LEU A 112 -0.02 5.13 -16.90
CA LEU A 112 0.72 6.36 -16.68
C LEU A 112 1.96 6.41 -17.58
N LYS A 113 2.57 5.26 -17.81
CA LYS A 113 3.76 5.18 -18.65
C LYS A 113 3.43 5.45 -20.11
N ASN A 114 2.24 5.03 -20.53
CA ASN A 114 1.80 5.22 -21.91
C ASN A 114 1.53 6.70 -22.18
N ASP A 115 1.32 7.46 -21.11
CA ASP A 115 1.05 8.89 -21.23
C ASP A 115 2.34 9.67 -21.41
N MET A 116 3.41 9.20 -20.78
CA MET A 116 4.71 9.86 -20.86
C MET A 116 5.51 9.33 -22.05
N ALA A 117 5.09 8.18 -22.57
CA ALA A 117 5.77 7.56 -23.71
C ALA A 117 5.05 7.89 -25.01
N VAL A 118 5.47 8.99 -25.65
CA VAL A 118 4.86 9.42 -26.91
C VAL A 118 5.27 8.51 -28.06
N MET A 1 -5.99 29.88 27.26
CA MET A 1 -5.70 28.78 26.30
C MET A 1 -5.42 27.48 27.03
N HIS A 2 -4.89 27.59 28.24
CA HIS A 2 -4.56 26.42 29.06
C HIS A 2 -5.52 26.31 30.24
N HIS A 3 -6.75 26.76 30.05
CA HIS A 3 -7.76 26.71 31.11
C HIS A 3 -9.16 26.71 30.52
N HIS A 4 -10.07 25.98 31.16
CA HIS A 4 -11.46 25.90 30.70
C HIS A 4 -11.51 25.40 29.26
N HIS A 5 -11.36 24.09 29.09
CA HIS A 5 -11.40 23.48 27.77
C HIS A 5 -11.80 22.02 27.86
N HIS A 6 -13.10 21.76 27.84
CA HIS A 6 -13.63 20.41 27.92
C HIS A 6 -13.20 19.72 29.22
N HIS A 7 -12.00 19.14 29.22
CA HIS A 7 -11.49 18.45 30.39
C HIS A 7 -10.33 19.23 31.01
N ALA A 8 -9.29 19.46 30.21
CA ALA A 8 -8.12 20.20 30.67
C ALA A 8 -7.50 19.55 31.91
N SER A 9 -6.65 18.55 31.67
CA SER A 9 -6.00 17.84 32.76
C SER A 9 -5.11 18.78 33.58
N VAL A 10 -5.30 18.77 34.89
CA VAL A 10 -4.53 19.61 35.79
C VAL A 10 -3.70 18.78 36.76
N THR A 11 -4.21 17.61 37.11
CA THR A 11 -3.52 16.72 38.03
C THR A 11 -2.33 16.04 37.35
N ALA A 12 -2.47 15.80 36.04
CA ALA A 12 -1.42 15.17 35.26
C ALA A 12 -1.48 15.61 33.80
N ARG A 13 -0.66 16.60 33.45
CA ARG A 13 -0.62 17.12 32.09
C ARG A 13 -0.11 16.06 31.12
N THR A 14 1.12 15.59 31.33
CA THR A 14 1.71 14.59 30.45
C THR A 14 2.96 13.97 31.09
N PRO A 15 2.78 13.10 32.10
CA PRO A 15 3.90 12.45 32.79
C PRO A 15 4.69 11.52 31.87
N GLN A 16 5.51 10.66 32.46
CA GLN A 16 6.33 9.72 31.70
C GLN A 16 5.46 8.64 31.06
N ASN A 17 4.84 7.82 31.89
CA ASN A 17 3.97 6.74 31.42
C ASN A 17 4.75 5.76 30.55
N PHE A 18 5.25 4.70 31.17
CA PHE A 18 6.02 3.68 30.45
C PHE A 18 5.21 2.40 30.32
N SER A 19 4.29 2.17 31.26
CA SER A 19 3.45 0.98 31.25
C SER A 19 2.02 1.34 30.87
N VAL A 20 1.52 0.70 29.81
CA VAL A 20 0.17 0.95 29.34
C VAL A 20 -0.61 -0.36 29.18
N PRO A 21 -0.89 -1.08 30.29
CA PRO A 21 -1.62 -2.34 30.26
C PRO A 21 -3.11 -2.14 30.04
N SER A 22 -3.88 -3.20 30.27
CA SER A 22 -5.32 -3.15 30.09
C SER A 22 -6.03 -4.03 31.12
N PRO A 23 -6.05 -3.61 32.40
CA PRO A 23 -6.69 -4.37 33.47
C PRO A 23 -8.22 -4.40 33.34
N GLY A 24 -8.73 -3.58 32.41
CA GLY A 24 -10.16 -3.51 32.20
C GLY A 24 -10.65 -4.63 31.29
N PRO A 25 -11.98 -4.77 31.12
CA PRO A 25 -12.56 -5.81 30.27
C PRO A 25 -12.05 -5.74 28.83
N LEU A 26 -12.27 -6.81 28.08
CA LEU A 26 -11.84 -6.87 26.68
C LEU A 26 -13.02 -7.14 25.75
N ASN A 27 -13.03 -6.45 24.62
CA ASN A 27 -14.10 -6.60 23.63
C ASN A 27 -13.54 -7.00 22.28
N THR A 28 -13.89 -8.20 21.81
CA THR A 28 -13.41 -8.69 20.53
C THR A 28 -14.24 -8.14 19.38
N PRO A 29 -13.60 -7.84 18.23
CA PRO A 29 -14.29 -7.30 17.06
C PRO A 29 -15.03 -8.37 16.27
N VAL A 30 -16.22 -8.02 15.78
CA VAL A 30 -17.02 -8.94 14.99
C VAL A 30 -16.58 -8.99 13.54
N ASN A 31 -15.50 -8.29 13.24
CA ASN A 31 -14.96 -8.24 11.88
C ASN A 31 -13.43 -8.20 11.89
N PRO A 32 -12.78 -9.37 12.05
CA PRO A 32 -11.31 -9.45 12.08
C PRO A 32 -10.69 -9.28 10.69
N SER A 33 -11.34 -9.85 9.69
CA SER A 33 -10.85 -9.77 8.31
C SER A 33 -11.99 -9.93 7.31
N SER A 34 -12.17 -8.93 6.46
CA SER A 34 -13.23 -8.95 5.46
C SER A 34 -12.70 -9.45 4.11
N VAL A 35 -11.43 -9.14 3.84
CA VAL A 35 -10.81 -9.56 2.58
C VAL A 35 -10.10 -10.90 2.74
N MET A 36 -10.66 -11.76 3.58
CA MET A 36 -10.07 -13.08 3.82
C MET A 36 -10.63 -14.11 2.84
N SER A 37 -9.76 -14.68 2.02
CA SER A 37 -10.17 -15.68 1.04
C SER A 37 -10.13 -17.08 1.65
N PRO A 38 -11.05 -17.96 1.23
CA PRO A 38 -11.13 -19.33 1.75
C PRO A 38 -10.10 -20.26 1.11
N ALA A 39 -9.13 -19.67 0.42
CA ALA A 39 -8.08 -20.45 -0.23
C ALA A 39 -6.70 -19.88 0.09
N GLY A 40 -5.72 -20.76 0.23
CA GLY A 40 -4.37 -20.33 0.53
C GLY A 40 -3.50 -21.47 1.03
N SER A 41 -3.68 -22.65 0.46
CA SER A 41 -2.90 -23.82 0.86
C SER A 41 -1.53 -23.80 0.20
N SER A 42 -1.51 -23.88 -1.13
CA SER A 42 -0.26 -23.87 -1.88
C SER A 42 -0.52 -23.52 -3.34
N GLN A 43 -1.71 -23.86 -3.83
CA GLN A 43 -2.08 -23.58 -5.20
C GLN A 43 -2.55 -22.13 -5.36
N ALA A 44 -3.26 -21.64 -4.35
CA ALA A 44 -3.77 -20.27 -4.38
C ALA A 44 -2.64 -19.27 -4.15
N GLU A 45 -1.55 -19.73 -3.55
CA GLU A 45 -0.42 -18.87 -3.27
C GLU A 45 0.53 -18.87 -4.47
N GLU A 46 0.51 -19.96 -5.20
CA GLU A 46 1.34 -20.12 -6.38
C GLU A 46 0.63 -19.49 -7.58
N GLN A 47 -0.69 -19.37 -7.48
CA GLN A 47 -1.50 -18.79 -8.53
C GLN A 47 -1.59 -17.28 -8.38
N GLN A 48 -1.72 -16.82 -7.14
CA GLN A 48 -1.80 -15.38 -6.89
C GLN A 48 -0.44 -14.73 -7.11
N TYR A 49 0.62 -15.41 -6.69
CA TYR A 49 1.96 -14.89 -6.86
C TYR A 49 2.21 -14.56 -8.32
N LEU A 50 1.71 -15.43 -9.19
CA LEU A 50 1.86 -15.25 -10.63
C LEU A 50 0.77 -14.35 -11.17
N ASP A 51 -0.37 -14.40 -10.51
CA ASP A 51 -1.53 -13.60 -10.91
C ASP A 51 -1.23 -12.11 -10.81
N LYS A 52 -0.65 -11.71 -9.70
CA LYS A 52 -0.32 -10.30 -9.47
C LYS A 52 0.78 -9.86 -10.41
N LEU A 53 1.72 -10.75 -10.66
CA LEU A 53 2.83 -10.44 -11.55
C LEU A 53 2.29 -10.32 -12.97
N LYS A 54 1.23 -11.07 -13.24
CA LYS A 54 0.59 -11.07 -14.55
C LYS A 54 -0.46 -9.98 -14.64
N GLN A 55 -0.90 -9.52 -13.47
CA GLN A 55 -1.92 -8.48 -13.40
C GLN A 55 -1.36 -7.15 -13.90
N LEU A 56 -0.21 -6.77 -13.38
CA LEU A 56 0.44 -5.52 -13.77
C LEU A 56 1.29 -5.73 -15.01
N SER A 57 1.55 -7.00 -15.34
CA SER A 57 2.35 -7.34 -16.51
C SER A 57 1.88 -6.57 -17.75
N LYS A 58 0.61 -6.20 -17.77
CA LYS A 58 0.03 -5.46 -18.89
C LYS A 58 0.19 -3.95 -18.71
N TYR A 59 0.08 -3.49 -17.46
CA TYR A 59 0.18 -2.08 -17.14
C TYR A 59 1.63 -1.57 -17.19
N ILE A 60 2.57 -2.49 -17.14
CA ILE A 60 3.99 -2.12 -17.17
C ILE A 60 4.39 -1.37 -18.44
N GLU A 61 3.60 -1.53 -19.51
CA GLU A 61 3.93 -0.88 -20.77
C GLU A 61 3.39 0.55 -20.82
N PRO A 62 2.05 0.72 -20.64
CA PRO A 62 1.40 2.02 -20.61
C PRO A 62 2.19 3.10 -19.85
N LEU A 63 2.97 2.68 -18.86
CA LEU A 63 3.77 3.63 -18.08
C LEU A 63 4.66 4.47 -18.98
N ARG A 64 5.28 3.82 -19.97
CA ARG A 64 6.16 4.51 -20.90
C ARG A 64 5.43 5.63 -21.63
N ARG A 65 4.25 5.33 -22.14
CA ARG A 65 3.44 6.31 -22.85
C ARG A 65 3.08 7.47 -21.93
N MET A 66 2.95 7.16 -20.64
CA MET A 66 2.60 8.17 -19.64
C MET A 66 3.78 9.09 -19.35
N ILE A 67 4.97 8.50 -19.22
CA ILE A 67 6.19 9.27 -18.95
C ILE A 67 6.34 10.44 -19.92
N ASN A 68 5.71 10.32 -21.08
CA ASN A 68 5.78 11.36 -22.10
C ASN A 68 4.71 12.44 -21.86
N LYS A 69 3.47 12.00 -21.70
CA LYS A 69 2.35 12.93 -21.48
C LYS A 69 2.43 13.57 -20.09
N ILE A 70 3.28 13.03 -19.24
CA ILE A 70 3.44 13.54 -17.88
C ILE A 70 4.55 14.57 -17.82
N ASP A 71 5.66 14.29 -18.49
CA ASP A 71 6.78 15.21 -18.55
C ASP A 71 6.37 16.35 -19.45
N LYS A 72 5.25 16.13 -20.11
CA LYS A 72 4.65 17.08 -21.02
C LYS A 72 4.03 18.25 -20.26
N ASN A 73 3.79 18.04 -18.97
CA ASN A 73 3.21 19.07 -18.12
C ASN A 73 4.27 19.68 -17.21
N GLU A 74 4.26 21.01 -17.11
CA GLU A 74 5.22 21.72 -16.29
C GLU A 74 4.89 21.60 -14.80
N ASP A 75 3.68 21.12 -14.51
CA ASP A 75 3.23 20.96 -13.13
C ASP A 75 3.58 19.56 -12.62
N ARG A 76 3.54 18.57 -13.51
CA ARG A 76 3.84 17.20 -13.13
C ARG A 76 5.06 16.68 -13.90
N LYS A 77 5.97 17.59 -14.25
CA LYS A 77 7.17 17.22 -14.99
C LYS A 77 8.01 16.20 -14.22
N LYS A 78 7.99 16.31 -12.89
CA LYS A 78 8.75 15.39 -12.04
C LYS A 78 7.96 14.12 -11.74
N ASP A 79 6.65 14.19 -11.94
CA ASP A 79 5.77 13.05 -11.68
C ASP A 79 6.17 11.82 -12.49
N LEU A 80 6.95 12.02 -13.54
CA LEU A 80 7.39 10.91 -14.40
C LEU A 80 8.19 9.89 -13.60
N SER A 81 8.68 10.30 -12.44
CA SER A 81 9.47 9.43 -11.58
C SER A 81 8.65 8.24 -11.08
N LYS A 82 7.33 8.34 -11.18
CA LYS A 82 6.45 7.26 -10.74
C LYS A 82 6.24 6.23 -11.84
N MET A 83 6.02 6.69 -13.06
CA MET A 83 5.81 5.78 -14.18
C MET A 83 7.12 5.10 -14.56
N LYS A 84 8.20 5.86 -14.61
CA LYS A 84 9.51 5.33 -14.94
C LYS A 84 9.97 4.35 -13.87
N SER A 85 9.57 4.61 -12.62
CA SER A 85 9.94 3.73 -11.50
C SER A 85 9.17 2.42 -11.57
N LEU A 86 7.85 2.49 -11.61
CA LEU A 86 7.03 1.28 -11.69
C LEU A 86 7.42 0.47 -12.93
N LEU A 87 7.71 1.18 -14.01
CA LEU A 87 8.12 0.55 -15.26
C LEU A 87 9.50 -0.10 -15.11
N ASP A 88 10.41 0.60 -14.42
CA ASP A 88 11.77 0.09 -14.23
C ASP A 88 11.83 -0.99 -13.15
N ILE A 89 10.81 -1.06 -12.30
CA ILE A 89 10.78 -2.04 -11.23
C ILE A 89 10.20 -3.38 -11.70
N LEU A 90 8.99 -3.34 -12.25
CA LEU A 90 8.33 -4.55 -12.73
C LEU A 90 9.01 -5.13 -13.97
N THR A 91 9.93 -4.38 -14.55
CA THR A 91 10.64 -4.85 -15.75
C THR A 91 11.87 -5.66 -15.38
N ASP A 92 11.96 -6.06 -14.12
CA ASP A 92 13.09 -6.85 -13.65
C ASP A 92 12.62 -8.20 -13.09
N PRO A 93 12.19 -9.12 -13.97
CA PRO A 93 11.72 -10.43 -13.57
C PRO A 93 12.86 -11.39 -13.26
N SER A 94 14.08 -10.99 -13.63
CA SER A 94 15.25 -11.81 -13.40
C SER A 94 15.44 -12.08 -11.91
N LYS A 95 15.06 -11.10 -11.09
CA LYS A 95 15.17 -11.23 -9.64
C LYS A 95 13.80 -11.45 -9.02
N ARG A 96 13.71 -12.42 -8.12
CA ARG A 96 12.46 -12.75 -7.45
C ARG A 96 11.83 -11.51 -6.81
N CYS A 97 10.86 -10.93 -7.49
CA CYS A 97 10.18 -9.73 -6.99
C CYS A 97 9.03 -10.11 -6.05
N PRO A 98 9.06 -9.62 -4.79
CA PRO A 98 8.01 -9.92 -3.81
C PRO A 98 6.70 -9.23 -4.13
N LEU A 99 5.62 -9.70 -3.52
CA LEU A 99 4.29 -9.14 -3.71
C LEU A 99 4.25 -7.68 -3.30
N LYS A 100 5.26 -7.25 -2.56
CA LYS A 100 5.33 -5.87 -2.10
C LYS A 100 5.43 -4.91 -3.29
N THR A 101 6.22 -5.28 -4.29
CA THR A 101 6.40 -4.45 -5.47
C THR A 101 5.21 -4.55 -6.42
N LEU A 102 4.64 -5.75 -6.54
CA LEU A 102 3.49 -5.94 -7.41
C LEU A 102 2.30 -5.16 -6.88
N GLN A 103 2.00 -5.37 -5.60
CA GLN A 103 0.90 -4.68 -4.95
C GLN A 103 1.15 -3.18 -4.90
N LYS A 104 2.42 -2.79 -4.80
CA LYS A 104 2.79 -1.39 -4.75
C LYS A 104 2.57 -0.73 -6.10
N CYS A 105 3.09 -1.33 -7.16
CA CYS A 105 2.91 -0.77 -8.48
C CYS A 105 1.43 -0.76 -8.85
N GLU A 106 0.67 -1.71 -8.32
CA GLU A 106 -0.77 -1.76 -8.59
C GLU A 106 -1.48 -0.62 -7.89
N ILE A 107 -1.21 -0.45 -6.60
CA ILE A 107 -1.81 0.62 -5.83
C ILE A 107 -1.26 1.97 -6.27
N ALA A 108 0.04 2.02 -6.55
CA ALA A 108 0.67 3.25 -7.00
C ALA A 108 0.09 3.70 -8.33
N LEU A 109 0.04 2.78 -9.29
CA LEU A 109 -0.51 3.08 -10.62
C LEU A 109 -1.90 3.72 -10.49
N GLU A 110 -2.79 3.07 -9.75
CA GLU A 110 -4.14 3.58 -9.57
C GLU A 110 -4.13 4.89 -8.78
N LYS A 111 -3.11 5.05 -7.94
CA LYS A 111 -2.98 6.26 -7.14
C LYS A 111 -2.55 7.44 -8.01
N LEU A 112 -1.89 7.14 -9.12
CA LEU A 112 -1.43 8.18 -10.04
C LEU A 112 -2.57 8.64 -10.94
N LYS A 113 -3.57 7.77 -11.11
CA LYS A 113 -4.72 8.10 -11.94
C LYS A 113 -5.47 9.30 -11.40
N ASN A 114 -5.41 9.49 -10.09
CA ASN A 114 -6.08 10.61 -9.44
C ASN A 114 -5.42 11.93 -9.82
N ASP A 115 -4.11 11.90 -10.02
CA ASP A 115 -3.36 13.08 -10.38
C ASP A 115 -3.32 13.26 -11.90
N MET A 116 -3.52 12.16 -12.61
CA MET A 116 -3.50 12.18 -14.08
C MET A 116 -4.86 12.60 -14.62
N ALA A 117 -5.91 12.38 -13.84
CA ALA A 117 -7.26 12.74 -14.24
C ALA A 117 -7.40 14.24 -14.40
N VAL A 118 -7.82 14.68 -15.59
CA VAL A 118 -8.00 16.09 -15.87
C VAL A 118 -9.47 16.49 -15.80
N MET A 1 -20.41 -8.60 48.18
CA MET A 1 -20.58 -10.00 48.68
C MET A 1 -20.33 -10.06 50.18
N HIS A 2 -21.34 -10.50 50.93
CA HIS A 2 -21.24 -10.61 52.37
C HIS A 2 -20.91 -9.26 53.01
N HIS A 3 -21.95 -8.48 53.31
CA HIS A 3 -21.76 -7.16 53.92
C HIS A 3 -22.98 -6.75 54.72
N HIS A 4 -23.06 -7.25 55.95
CA HIS A 4 -24.18 -6.92 56.84
C HIS A 4 -23.68 -6.34 58.16
N HIS A 5 -24.61 -5.79 58.94
CA HIS A 5 -24.26 -5.20 60.23
C HIS A 5 -25.38 -5.42 61.25
N HIS A 6 -25.28 -6.52 61.99
CA HIS A 6 -26.28 -6.85 62.99
C HIS A 6 -25.63 -7.53 64.20
N HIS A 7 -25.25 -6.74 65.20
CA HIS A 7 -24.62 -7.25 66.40
C HIS A 7 -23.36 -8.04 66.08
N ALA A 8 -22.74 -7.74 64.94
CA ALA A 8 -21.53 -8.42 64.51
C ALA A 8 -20.53 -7.44 63.92
N SER A 9 -19.38 -7.32 64.56
CA SER A 9 -18.34 -6.41 64.10
C SER A 9 -17.00 -7.15 63.96
N VAL A 10 -16.56 -7.31 62.70
CA VAL A 10 -15.31 -8.00 62.43
C VAL A 10 -14.39 -7.14 61.57
N THR A 11 -14.96 -6.16 60.89
CA THR A 11 -14.18 -5.27 60.03
C THR A 11 -13.83 -3.97 60.76
N ALA A 12 -12.62 -3.47 60.51
CA ALA A 12 -12.17 -2.23 61.14
C ALA A 12 -11.57 -1.29 60.11
N ARG A 13 -11.10 -1.85 59.00
CA ARG A 13 -10.51 -1.06 57.93
C ARG A 13 -11.48 -0.89 56.77
N THR A 14 -11.63 0.36 56.30
CA THR A 14 -12.54 0.65 55.19
C THR A 14 -11.87 1.54 54.16
N PRO A 15 -10.99 0.95 53.31
CA PRO A 15 -10.29 1.71 52.26
C PRO A 15 -11.23 2.17 51.14
N GLN A 16 -11.52 3.46 51.13
CA GLN A 16 -12.41 4.03 50.11
C GLN A 16 -11.60 4.55 48.93
N ASN A 17 -10.60 5.37 49.21
CA ASN A 17 -9.75 5.93 48.16
C ASN A 17 -8.46 5.11 48.01
N PHE A 18 -8.12 4.78 46.77
CA PHE A 18 -6.91 4.01 46.50
C PHE A 18 -5.77 4.92 46.07
N SER A 19 -4.78 5.08 46.93
CA SER A 19 -3.63 5.93 46.65
C SER A 19 -2.38 5.41 47.33
N VAL A 20 -1.76 4.39 46.74
CA VAL A 20 -0.55 3.80 47.29
C VAL A 20 0.69 4.25 46.50
N PRO A 21 1.83 4.47 47.20
CA PRO A 21 3.07 4.89 46.56
C PRO A 21 3.65 3.83 45.62
N SER A 22 3.00 2.68 45.57
CA SER A 22 3.44 1.59 44.70
C SER A 22 2.31 1.10 43.81
N PRO A 23 2.02 1.84 42.71
CA PRO A 23 0.96 1.48 41.77
C PRO A 23 1.13 0.06 41.21
N GLY A 24 0.01 -0.64 41.05
CA GLY A 24 0.05 -2.00 40.53
C GLY A 24 -1.09 -2.28 39.57
N PRO A 25 -0.96 -1.87 38.30
CA PRO A 25 -2.00 -2.09 37.29
C PRO A 25 -2.13 -3.55 36.89
N LEU A 26 -3.22 -3.88 36.21
CA LEU A 26 -3.48 -5.25 35.77
C LEU A 26 -4.58 -5.29 34.73
N ASN A 27 -4.73 -6.43 34.05
CA ASN A 27 -5.74 -6.59 33.02
C ASN A 27 -6.71 -7.71 33.38
N THR A 28 -8.00 -7.43 33.29
CA THR A 28 -9.04 -8.41 33.60
C THR A 28 -10.05 -8.52 32.47
N PRO A 29 -9.72 -9.27 31.40
CA PRO A 29 -10.61 -9.46 30.25
C PRO A 29 -12.00 -9.95 30.66
N VAL A 30 -13.03 -9.29 30.15
CA VAL A 30 -14.41 -9.66 30.47
C VAL A 30 -15.23 -9.87 29.19
N ASN A 31 -14.61 -9.59 28.04
CA ASN A 31 -15.28 -9.76 26.76
C ASN A 31 -14.95 -11.11 26.14
N PRO A 32 -15.97 -11.83 25.62
CA PRO A 32 -15.76 -13.15 25.00
C PRO A 32 -14.84 -13.09 23.80
N SER A 33 -13.87 -14.00 23.74
CA SER A 33 -12.93 -14.04 22.64
C SER A 33 -13.48 -14.86 21.47
N SER A 34 -12.98 -14.59 20.28
CA SER A 34 -13.44 -15.30 19.09
C SER A 34 -12.35 -15.33 18.01
N VAL A 35 -11.92 -16.54 17.64
CA VAL A 35 -10.89 -16.70 16.64
C VAL A 35 -11.47 -17.28 15.35
N MET A 36 -12.79 -17.30 15.26
CA MET A 36 -13.48 -17.83 14.08
C MET A 36 -13.81 -16.71 13.10
N SER A 37 -13.63 -15.47 13.53
CA SER A 37 -13.91 -14.32 12.69
C SER A 37 -12.65 -13.85 11.96
N PRO A 38 -12.69 -13.77 10.62
CA PRO A 38 -11.53 -13.33 9.82
C PRO A 38 -11.27 -11.83 9.96
N ALA A 39 -10.04 -11.49 10.35
CA ALA A 39 -9.67 -10.08 10.52
C ALA A 39 -9.00 -9.55 9.25
N GLY A 40 -8.54 -10.46 8.40
CA GLY A 40 -7.89 -10.06 7.16
C GLY A 40 -7.37 -11.25 6.38
N SER A 41 -6.43 -11.99 6.97
CA SER A 41 -5.84 -13.16 6.32
C SER A 41 -5.26 -12.79 4.95
N SER A 42 -4.58 -11.66 4.89
CA SER A 42 -3.98 -11.19 3.64
C SER A 42 -2.70 -10.39 3.92
N GLN A 43 -1.67 -11.09 4.39
CA GLN A 43 -0.39 -10.45 4.70
C GLN A 43 0.48 -10.33 3.44
N ALA A 44 0.30 -11.27 2.52
CA ALA A 44 1.08 -11.26 1.28
C ALA A 44 0.42 -10.38 0.22
N GLU A 45 -0.85 -10.06 0.42
CA GLU A 45 -1.58 -9.23 -0.52
C GLU A 45 -1.41 -7.76 -0.18
N GLU A 46 -1.22 -7.50 1.10
CA GLU A 46 -1.02 -6.15 1.58
C GLU A 46 0.43 -5.72 1.34
N GLN A 47 1.31 -6.72 1.26
CA GLN A 47 2.73 -6.47 1.02
C GLN A 47 3.02 -6.40 -0.47
N GLN A 48 2.42 -7.29 -1.24
CA GLN A 48 2.63 -7.31 -2.68
C GLN A 48 2.06 -6.06 -3.31
N TYR A 49 0.97 -5.55 -2.75
CA TYR A 49 0.35 -4.33 -3.25
C TYR A 49 1.39 -3.22 -3.28
N LEU A 50 2.04 -3.02 -2.15
CA LEU A 50 3.07 -2.00 -2.03
C LEU A 50 4.32 -2.44 -2.77
N ASP A 51 4.54 -3.75 -2.80
CA ASP A 51 5.69 -4.33 -3.47
C ASP A 51 5.59 -4.15 -4.97
N LYS A 52 4.34 -4.09 -5.45
CA LYS A 52 4.08 -3.92 -6.87
C LYS A 52 4.32 -2.47 -7.26
N LEU A 53 4.07 -1.56 -6.32
CA LEU A 53 4.30 -0.14 -6.58
C LEU A 53 5.79 0.07 -6.75
N LYS A 54 6.55 -0.76 -6.05
CA LYS A 54 8.01 -0.70 -6.11
C LYS A 54 8.53 -1.55 -7.26
N GLN A 55 7.70 -2.46 -7.72
CA GLN A 55 8.06 -3.34 -8.82
C GLN A 55 8.26 -2.54 -10.11
N LEU A 56 7.25 -1.78 -10.49
CA LEU A 56 7.32 -0.95 -11.69
C LEU A 56 8.06 0.35 -11.40
N SER A 57 8.26 0.62 -10.12
CA SER A 57 8.97 1.84 -9.70
C SER A 57 10.30 1.99 -10.44
N LYS A 58 10.81 0.89 -10.98
CA LYS A 58 12.07 0.92 -11.71
C LYS A 58 11.84 1.22 -13.19
N TYR A 59 10.72 0.75 -13.71
CA TYR A 59 10.36 0.95 -15.11
C TYR A 59 9.72 2.32 -15.34
N ILE A 60 9.24 2.93 -14.25
CA ILE A 60 8.59 4.24 -14.32
C ILE A 60 9.50 5.32 -14.89
N GLU A 61 10.82 5.11 -14.82
CA GLU A 61 11.76 6.12 -15.30
C GLU A 61 12.01 5.96 -16.80
N PRO A 62 12.47 4.77 -17.25
CA PRO A 62 12.70 4.48 -18.66
C PRO A 62 11.65 5.06 -19.60
N LEU A 63 10.39 5.09 -19.16
CA LEU A 63 9.32 5.63 -20.00
C LEU A 63 9.60 7.06 -20.42
N ARG A 64 10.10 7.87 -19.48
CA ARG A 64 10.42 9.27 -19.77
C ARG A 64 11.46 9.37 -20.87
N ARG A 65 12.26 8.33 -21.02
CA ARG A 65 13.30 8.29 -22.04
C ARG A 65 12.72 7.89 -23.39
N MET A 66 11.83 6.90 -23.38
CA MET A 66 11.20 6.43 -24.61
C MET A 66 10.29 7.49 -25.21
N ILE A 67 9.48 8.13 -24.35
CA ILE A 67 8.57 9.19 -24.78
C ILE A 67 9.27 10.20 -25.70
N ASN A 68 10.57 10.34 -25.54
CA ASN A 68 11.34 11.27 -26.35
C ASN A 68 11.78 10.64 -27.67
N LYS A 69 12.44 9.50 -27.58
CA LYS A 69 12.93 8.79 -28.77
C LYS A 69 11.79 8.26 -29.62
N ILE A 70 10.59 8.28 -29.06
CA ILE A 70 9.40 7.78 -29.76
C ILE A 70 8.72 8.90 -30.55
N ASP A 71 8.54 10.05 -29.90
CA ASP A 71 7.94 11.19 -30.57
C ASP A 71 8.97 11.74 -31.55
N LYS A 72 10.17 11.21 -31.40
CA LYS A 72 11.30 11.57 -32.25
C LYS A 72 11.20 10.88 -33.60
N ASN A 73 10.46 9.76 -33.62
CA ASN A 73 10.26 8.99 -34.84
C ASN A 73 8.83 9.15 -35.35
N GLU A 74 8.68 9.50 -36.62
CA GLU A 74 7.36 9.69 -37.22
C GLU A 74 6.73 8.35 -37.62
N ASP A 75 7.55 7.31 -37.65
CA ASP A 75 7.07 5.98 -38.03
C ASP A 75 6.39 5.27 -36.86
N ARG A 76 6.79 5.63 -35.64
CA ARG A 76 6.22 5.01 -34.45
C ARG A 76 5.77 6.07 -33.45
N LYS A 77 5.40 7.25 -33.96
CA LYS A 77 4.95 8.35 -33.12
C LYS A 77 3.65 7.99 -32.39
N LYS A 78 2.93 7.01 -32.91
CA LYS A 78 1.67 6.58 -32.31
C LYS A 78 1.88 5.95 -30.94
N ASP A 79 3.00 5.26 -30.77
CA ASP A 79 3.32 4.60 -29.50
C ASP A 79 3.55 5.61 -28.38
N LEU A 80 3.82 6.85 -28.78
CA LEU A 80 4.08 7.93 -27.83
C LEU A 80 3.01 8.01 -26.74
N SER A 81 1.81 7.53 -27.04
CA SER A 81 0.71 7.58 -26.09
C SER A 81 0.87 6.54 -24.98
N LYS A 82 1.11 5.29 -25.35
CA LYS A 82 1.26 4.21 -24.37
C LYS A 82 2.32 4.53 -23.33
N MET A 83 3.39 5.21 -23.74
CA MET A 83 4.48 5.56 -22.83
C MET A 83 4.06 6.69 -21.90
N LYS A 84 3.75 7.85 -22.47
CA LYS A 84 3.34 9.01 -21.69
C LYS A 84 2.14 8.66 -20.80
N SER A 85 1.33 7.70 -21.23
CA SER A 85 0.17 7.30 -20.46
C SER A 85 0.59 6.41 -19.29
N LEU A 86 1.38 5.38 -19.58
CA LEU A 86 1.86 4.49 -18.52
C LEU A 86 2.55 5.29 -17.43
N LEU A 87 3.53 6.09 -17.83
CA LEU A 87 4.26 6.94 -16.90
C LEU A 87 3.30 7.87 -16.17
N ASP A 88 2.30 8.40 -16.89
CA ASP A 88 1.32 9.32 -16.30
C ASP A 88 0.51 8.67 -15.19
N ILE A 89 0.15 7.40 -15.35
CA ILE A 89 -0.65 6.70 -14.34
C ILE A 89 0.21 6.09 -13.23
N LEU A 90 1.26 5.36 -13.62
CA LEU A 90 2.15 4.71 -12.67
C LEU A 90 2.83 5.71 -11.73
N THR A 91 2.79 6.99 -12.08
CA THR A 91 3.42 8.03 -11.26
C THR A 91 2.48 8.53 -10.16
N ASP A 92 1.43 7.76 -9.88
CA ASP A 92 0.47 8.14 -8.86
C ASP A 92 0.32 7.03 -7.80
N PRO A 93 1.29 6.94 -6.87
CA PRO A 93 1.27 5.93 -5.80
C PRO A 93 0.10 6.12 -4.84
N SER A 94 -0.35 7.37 -4.72
CA SER A 94 -1.46 7.69 -3.83
C SER A 94 -2.80 7.36 -4.48
N LYS A 95 -2.83 7.42 -5.81
CA LYS A 95 -4.05 7.12 -6.55
C LYS A 95 -4.37 5.63 -6.50
N ARG A 96 -5.66 5.31 -6.38
CA ARG A 96 -6.10 3.92 -6.31
C ARG A 96 -5.71 3.17 -7.58
N CYS A 97 -4.59 2.45 -7.51
CA CYS A 97 -4.11 1.69 -8.65
C CYS A 97 -4.02 0.20 -8.31
N PRO A 98 -5.13 -0.55 -8.52
CA PRO A 98 -5.18 -1.99 -8.24
C PRO A 98 -4.05 -2.75 -8.93
N LEU A 99 -3.83 -3.99 -8.49
CA LEU A 99 -2.77 -4.83 -9.05
C LEU A 99 -3.00 -5.06 -10.55
N LYS A 100 -4.22 -4.79 -11.01
CA LYS A 100 -4.56 -4.97 -12.41
C LYS A 100 -3.80 -3.98 -13.29
N THR A 101 -3.91 -2.69 -12.96
CA THR A 101 -3.22 -1.65 -13.73
C THR A 101 -1.71 -1.71 -13.51
N LEU A 102 -1.30 -2.11 -12.31
CA LEU A 102 0.11 -2.20 -12.00
C LEU A 102 0.75 -3.30 -12.83
N GLN A 103 0.18 -4.49 -12.76
CA GLN A 103 0.67 -5.64 -13.51
C GLN A 103 0.54 -5.38 -15.01
N LYS A 104 -0.49 -4.62 -15.39
CA LYS A 104 -0.72 -4.30 -16.80
C LYS A 104 0.36 -3.38 -17.31
N CYS A 105 0.63 -2.30 -16.58
CA CYS A 105 1.68 -1.38 -16.99
C CYS A 105 3.01 -2.13 -17.11
N GLU A 106 3.27 -3.04 -16.16
CA GLU A 106 4.50 -3.81 -16.19
C GLU A 106 4.56 -4.66 -17.45
N ILE A 107 3.56 -5.50 -17.66
CA ILE A 107 3.53 -6.35 -18.84
C ILE A 107 3.48 -5.49 -20.10
N ALA A 108 2.78 -4.36 -20.01
CA ALA A 108 2.68 -3.44 -21.14
C ALA A 108 4.05 -2.94 -21.57
N LEU A 109 4.75 -2.26 -20.65
CA LEU A 109 6.07 -1.72 -20.96
C LEU A 109 7.03 -2.85 -21.35
N GLU A 110 6.77 -4.05 -20.83
CA GLU A 110 7.60 -5.20 -21.14
C GLU A 110 7.50 -5.57 -22.62
N LYS A 111 6.29 -5.50 -23.15
CA LYS A 111 6.06 -5.81 -24.56
C LYS A 111 6.67 -4.74 -25.45
N LEU A 112 6.47 -3.48 -25.07
CA LEU A 112 7.02 -2.37 -25.83
C LEU A 112 8.54 -2.38 -25.81
N LYS A 113 9.12 -2.95 -24.76
CA LYS A 113 10.57 -3.01 -24.63
C LYS A 113 11.13 -4.23 -25.36
N ASN A 114 10.26 -5.22 -25.59
CA ASN A 114 10.68 -6.44 -26.29
C ASN A 114 11.18 -6.14 -27.69
N ASP A 115 10.70 -5.04 -28.27
CA ASP A 115 11.10 -4.64 -29.61
C ASP A 115 12.50 -4.04 -29.61
N MET A 116 12.81 -3.29 -28.54
CA MET A 116 14.11 -2.65 -28.42
C MET A 116 15.11 -3.58 -27.75
N ALA A 117 14.60 -4.68 -27.18
CA ALA A 117 15.45 -5.65 -26.49
C ALA A 117 16.06 -6.62 -27.49
N VAL A 118 17.34 -6.41 -27.79
CA VAL A 118 18.05 -7.27 -28.73
C VAL A 118 18.94 -8.29 -27.99
N MET A 1 -15.57 -13.50 55.84
CA MET A 1 -16.30 -12.21 55.87
C MET A 1 -16.25 -11.59 57.26
N HIS A 2 -15.47 -10.53 57.41
CA HIS A 2 -15.33 -9.85 58.69
C HIS A 2 -15.14 -8.35 58.50
N HIS A 3 -14.68 -7.97 57.31
CA HIS A 3 -14.44 -6.56 57.00
C HIS A 3 -15.53 -6.03 56.06
N HIS A 4 -15.62 -4.70 55.98
CA HIS A 4 -16.62 -4.06 55.12
C HIS A 4 -16.27 -2.58 54.92
N HIS A 5 -16.00 -2.20 53.68
CA HIS A 5 -15.67 -0.83 53.35
C HIS A 5 -16.90 -0.04 52.94
N HIS A 6 -17.02 1.19 53.47
CA HIS A 6 -18.15 2.05 53.16
C HIS A 6 -17.87 3.48 53.61
N HIS A 7 -17.13 4.22 52.77
CA HIS A 7 -16.78 5.61 53.07
C HIS A 7 -16.01 5.70 54.39
N ALA A 8 -15.27 4.64 54.71
CA ALA A 8 -14.49 4.61 55.94
C ALA A 8 -13.00 4.82 55.66
N SER A 9 -12.48 4.13 54.65
CA SER A 9 -11.08 4.25 54.28
C SER A 9 -10.92 4.52 52.79
N VAL A 10 -10.07 5.49 52.46
CA VAL A 10 -9.84 5.85 51.07
C VAL A 10 -8.67 5.05 50.49
N THR A 11 -8.38 3.91 51.12
CA THR A 11 -7.29 3.05 50.68
C THR A 11 -7.57 2.48 49.29
N ALA A 12 -6.86 2.98 48.29
CA ALA A 12 -7.03 2.52 46.91
C ALA A 12 -5.76 2.76 46.10
N ARG A 13 -5.37 1.75 45.32
CA ARG A 13 -4.18 1.85 44.48
C ARG A 13 -4.53 2.34 43.08
N THR A 14 -3.54 2.90 42.39
CA THR A 14 -3.73 3.40 41.03
C THR A 14 -2.66 2.86 40.08
N PRO A 15 -2.87 1.65 39.54
CA PRO A 15 -1.92 1.03 38.62
C PRO A 15 -1.84 1.74 37.27
N GLN A 16 -2.83 2.59 37.00
CA GLN A 16 -2.88 3.33 35.75
C GLN A 16 -2.40 4.77 35.95
N ASN A 17 -1.10 4.93 36.15
CA ASN A 17 -0.50 6.24 36.35
C ASN A 17 -1.10 6.95 37.57
N PHE A 18 -2.22 7.64 37.36
CA PHE A 18 -2.89 8.35 38.43
C PHE A 18 -4.38 8.52 38.12
N SER A 19 -4.68 9.03 36.93
CA SER A 19 -6.06 9.25 36.51
C SER A 19 -6.23 8.95 35.02
N VAL A 20 -7.22 8.12 34.70
CA VAL A 20 -7.48 7.75 33.31
C VAL A 20 -8.97 7.82 33.00
N PRO A 21 -9.56 9.03 33.00
CA PRO A 21 -10.99 9.22 32.71
C PRO A 21 -11.31 8.98 31.24
N SER A 22 -11.48 7.72 30.86
CA SER A 22 -11.80 7.37 29.48
C SER A 22 -12.73 6.16 29.44
N PRO A 23 -14.00 6.33 29.83
CA PRO A 23 -14.99 5.25 29.83
C PRO A 23 -15.13 4.59 28.46
N GLY A 24 -14.41 3.49 28.26
CA GLY A 24 -14.47 2.78 27.00
C GLY A 24 -14.14 1.31 27.15
N PRO A 25 -15.11 0.47 27.57
CA PRO A 25 -14.91 -0.97 27.75
C PRO A 25 -14.30 -1.63 26.52
N LEU A 26 -13.31 -2.48 26.74
CA LEU A 26 -12.64 -3.18 25.64
C LEU A 26 -13.22 -4.58 25.46
N ASN A 27 -14.04 -4.75 24.43
CA ASN A 27 -14.65 -6.04 24.14
C ASN A 27 -13.67 -6.96 23.43
N THR A 28 -13.39 -8.11 24.04
CA THR A 28 -12.47 -9.08 23.46
C THR A 28 -12.91 -10.51 23.78
N PRO A 29 -12.74 -11.44 22.82
CA PRO A 29 -13.12 -12.85 23.01
C PRO A 29 -12.16 -13.59 23.93
N VAL A 30 -12.58 -13.80 25.17
CA VAL A 30 -11.76 -14.49 26.16
C VAL A 30 -11.99 -16.00 26.11
N ASN A 31 -12.60 -16.46 25.03
CA ASN A 31 -12.88 -17.88 24.85
C ASN A 31 -11.99 -18.48 23.76
N PRO A 32 -10.83 -19.05 24.14
CA PRO A 32 -9.89 -19.65 23.18
C PRO A 32 -10.53 -20.78 22.37
N SER A 33 -10.93 -20.45 21.15
CA SER A 33 -11.56 -21.43 20.26
C SER A 33 -11.05 -21.26 18.84
N SER A 34 -11.18 -20.06 18.30
CA SER A 34 -10.74 -19.76 16.94
C SER A 34 -11.38 -20.71 15.93
N VAL A 35 -12.61 -20.39 15.54
CA VAL A 35 -13.34 -21.21 14.58
C VAL A 35 -13.57 -20.45 13.27
N MET A 36 -13.51 -19.12 13.35
CA MET A 36 -13.70 -18.27 12.18
C MET A 36 -12.37 -18.00 11.48
N SER A 37 -11.37 -17.59 12.24
CA SER A 37 -10.04 -17.31 11.70
C SER A 37 -10.13 -16.28 10.56
N PRO A 38 -10.40 -15.01 10.91
CA PRO A 38 -10.50 -13.94 9.91
C PRO A 38 -9.14 -13.41 9.46
N ALA A 39 -8.12 -13.64 10.29
CA ALA A 39 -6.77 -13.20 9.97
C ALA A 39 -6.02 -14.25 9.16
N GLY A 40 -6.70 -15.36 8.89
CA GLY A 40 -6.08 -16.43 8.12
C GLY A 40 -5.85 -16.05 6.67
N SER A 41 -6.45 -14.95 6.25
CA SER A 41 -6.32 -14.47 4.88
C SER A 41 -5.40 -13.25 4.82
N SER A 42 -4.09 -13.50 4.81
CA SER A 42 -3.11 -12.42 4.77
C SER A 42 -1.81 -12.89 4.12
N GLN A 43 -1.65 -14.22 4.04
CA GLN A 43 -0.45 -14.80 3.45
C GLN A 43 -0.38 -14.49 1.96
N ALA A 44 -1.55 -14.41 1.33
CA ALA A 44 -1.63 -14.09 -0.10
C ALA A 44 -1.49 -12.60 -0.35
N GLU A 45 -1.68 -11.82 0.71
CA GLU A 45 -1.58 -10.37 0.61
C GLU A 45 -0.15 -9.93 0.80
N GLU A 46 0.60 -10.72 1.56
CA GLU A 46 2.00 -10.45 1.82
C GLU A 46 2.86 -11.00 0.68
N GLN A 47 2.30 -11.99 -0.03
CA GLN A 47 2.98 -12.61 -1.14
C GLN A 47 2.72 -11.85 -2.43
N GLN A 48 1.50 -11.35 -2.59
CA GLN A 48 1.16 -10.58 -3.78
C GLN A 48 1.76 -9.19 -3.71
N TYR A 49 1.87 -8.65 -2.49
CA TYR A 49 2.44 -7.34 -2.31
C TYR A 49 3.86 -7.32 -2.85
N LEU A 50 4.57 -8.43 -2.63
CA LEU A 50 5.93 -8.58 -3.12
C LEU A 50 5.94 -9.08 -4.54
N ASP A 51 4.95 -9.89 -4.86
CA ASP A 51 4.80 -10.46 -6.20
C ASP A 51 4.36 -9.38 -7.18
N LYS A 52 3.82 -8.30 -6.63
CA LYS A 52 3.36 -7.18 -7.44
C LYS A 52 4.53 -6.27 -7.74
N LEU A 53 5.47 -6.21 -6.82
CA LEU A 53 6.66 -5.37 -7.03
C LEU A 53 7.43 -5.91 -8.22
N LYS A 54 7.43 -7.23 -8.34
CA LYS A 54 8.15 -7.90 -9.43
C LYS A 54 7.29 -8.02 -10.67
N GLN A 55 5.98 -7.94 -10.48
CA GLN A 55 5.04 -8.04 -11.59
C GLN A 55 5.13 -6.84 -12.51
N LEU A 56 5.30 -5.65 -11.93
CA LEU A 56 5.41 -4.43 -12.70
C LEU A 56 6.87 -4.11 -12.99
N SER A 57 7.75 -4.57 -12.09
CA SER A 57 9.18 -4.37 -12.27
C SER A 57 9.63 -4.80 -13.66
N LYS A 58 8.82 -5.64 -14.29
CA LYS A 58 9.11 -6.14 -15.64
C LYS A 58 8.76 -5.07 -16.67
N TYR A 59 7.59 -4.45 -16.51
CA TYR A 59 7.13 -3.41 -17.40
C TYR A 59 7.91 -2.13 -17.19
N ILE A 60 8.55 -2.04 -16.03
CA ILE A 60 9.33 -0.86 -15.65
C ILE A 60 10.42 -0.54 -16.69
N GLU A 61 10.84 -1.53 -17.47
CA GLU A 61 11.91 -1.31 -18.45
C GLU A 61 11.33 -0.82 -19.78
N PRO A 62 10.43 -1.61 -20.41
CA PRO A 62 9.77 -1.27 -21.68
C PRO A 62 9.35 0.20 -21.77
N LEU A 63 9.05 0.82 -20.63
CA LEU A 63 8.63 2.22 -20.64
C LEU A 63 9.65 3.11 -21.34
N ARG A 64 10.93 2.84 -21.08
CA ARG A 64 12.01 3.62 -21.69
C ARG A 64 11.96 3.49 -23.21
N ARG A 65 11.56 2.31 -23.69
CA ARG A 65 11.47 2.07 -25.12
C ARG A 65 10.26 2.77 -25.72
N MET A 66 9.21 2.92 -24.90
CA MET A 66 7.99 3.59 -25.33
C MET A 66 8.21 5.08 -25.50
N ILE A 67 8.87 5.70 -24.52
CA ILE A 67 9.15 7.14 -24.56
C ILE A 67 9.80 7.54 -25.88
N ASN A 68 10.48 6.61 -26.53
CA ASN A 68 11.16 6.90 -27.80
C ASN A 68 10.17 6.85 -28.97
N LYS A 69 9.46 5.74 -29.11
CA LYS A 69 8.51 5.56 -30.20
C LYS A 69 7.27 6.42 -30.00
N ILE A 70 7.10 6.96 -28.80
CA ILE A 70 5.95 7.80 -28.48
C ILE A 70 6.27 9.27 -28.70
N ASP A 71 7.47 9.68 -28.29
CA ASP A 71 7.91 11.05 -28.49
C ASP A 71 8.16 11.24 -29.97
N LYS A 72 8.16 10.09 -30.64
CA LYS A 72 8.37 10.01 -32.07
C LYS A 72 7.16 10.56 -32.83
N ASN A 73 6.03 10.63 -32.13
CA ASN A 73 4.80 11.14 -32.72
C ASN A 73 4.46 12.52 -32.16
N GLU A 74 3.88 13.37 -32.99
CA GLU A 74 3.53 14.73 -32.58
C GLU A 74 2.21 14.75 -31.80
N ASP A 75 1.40 13.71 -31.99
CA ASP A 75 0.11 13.63 -31.30
C ASP A 75 0.25 12.89 -29.97
N ARG A 76 1.46 12.41 -29.67
CA ARG A 76 1.70 11.69 -28.42
C ARG A 76 2.94 12.24 -27.71
N LYS A 77 3.23 13.52 -27.92
CA LYS A 77 4.39 14.15 -27.30
C LYS A 77 4.15 14.37 -25.81
N LYS A 78 2.89 14.58 -25.43
CA LYS A 78 2.53 14.80 -24.04
C LYS A 78 2.28 13.48 -23.32
N ASP A 79 2.04 12.42 -24.10
CA ASP A 79 1.77 11.10 -23.54
C ASP A 79 3.02 10.46 -22.94
N LEU A 80 4.20 10.83 -23.44
CA LEU A 80 5.44 10.27 -22.94
C LEU A 80 5.64 10.58 -21.46
N SER A 81 4.92 11.57 -20.96
CA SER A 81 5.01 11.97 -19.56
C SER A 81 4.49 10.86 -18.64
N LYS A 82 3.74 9.93 -19.21
CA LYS A 82 3.18 8.82 -18.44
C LYS A 82 4.16 7.67 -18.36
N MET A 83 5.03 7.56 -19.37
CA MET A 83 6.02 6.49 -19.41
C MET A 83 7.26 6.86 -18.62
N LYS A 84 7.83 8.04 -18.91
CA LYS A 84 9.01 8.50 -18.19
C LYS A 84 8.73 8.65 -16.71
N SER A 85 7.48 8.95 -16.38
CA SER A 85 7.08 9.12 -14.99
C SER A 85 6.93 7.77 -14.30
N LEU A 86 6.11 6.89 -14.88
CA LEU A 86 5.91 5.56 -14.30
C LEU A 86 7.26 4.86 -14.12
N LEU A 87 8.11 4.97 -15.12
CA LEU A 87 9.44 4.37 -15.07
C LEU A 87 10.28 5.04 -13.99
N ASP A 88 10.22 6.37 -13.92
CA ASP A 88 11.00 7.12 -12.94
C ASP A 88 10.54 6.84 -11.51
N ILE A 89 9.29 6.43 -11.36
CA ILE A 89 8.73 6.14 -10.03
C ILE A 89 9.01 4.70 -9.60
N LEU A 90 8.52 3.74 -10.37
CA LEU A 90 8.69 2.33 -10.04
C LEU A 90 10.14 1.86 -10.14
N THR A 91 11.05 2.75 -10.57
CA THR A 91 12.46 2.38 -10.69
C THR A 91 13.15 2.33 -9.33
N ASP A 92 12.36 2.28 -8.26
CA ASP A 92 12.91 2.23 -6.91
C ASP A 92 12.51 0.94 -6.20
N PRO A 93 13.27 -0.15 -6.41
CA PRO A 93 12.99 -1.45 -5.79
C PRO A 93 13.39 -1.48 -4.32
N SER A 94 14.51 -0.85 -4.00
CA SER A 94 15.01 -0.81 -2.63
C SER A 94 14.03 -0.06 -1.72
N LYS A 95 13.32 0.91 -2.30
CA LYS A 95 12.35 1.69 -1.54
C LYS A 95 11.02 0.96 -1.47
N ARG A 96 10.36 1.09 -0.33
CA ARG A 96 9.06 0.44 -0.12
C ARG A 96 8.05 0.89 -1.16
N CYS A 97 7.50 -0.05 -1.91
CA CYS A 97 6.52 0.25 -2.94
C CYS A 97 5.11 -0.11 -2.48
N PRO A 98 4.32 0.88 -2.01
CA PRO A 98 2.95 0.64 -1.55
C PRO A 98 2.04 0.18 -2.67
N LEU A 99 0.97 -0.51 -2.31
CA LEU A 99 0.01 -1.02 -3.28
C LEU A 99 -0.58 0.11 -4.12
N LYS A 100 -0.41 1.35 -3.66
CA LYS A 100 -0.92 2.50 -4.37
C LYS A 100 -0.20 2.71 -5.71
N THR A 101 1.12 2.80 -5.67
CA THR A 101 1.92 2.98 -6.88
C THR A 101 1.88 1.74 -7.74
N LEU A 102 1.88 0.58 -7.10
CA LEU A 102 1.83 -0.68 -7.83
C LEU A 102 0.55 -0.73 -8.65
N GLN A 103 -0.58 -0.62 -7.97
CA GLN A 103 -1.88 -0.63 -8.62
C GLN A 103 -1.98 0.46 -9.66
N LYS A 104 -1.44 1.64 -9.35
CA LYS A 104 -1.48 2.77 -10.27
C LYS A 104 -0.68 2.47 -11.52
N CYS A 105 0.48 1.85 -11.35
CA CYS A 105 1.31 1.47 -12.50
C CYS A 105 0.58 0.45 -13.36
N GLU A 106 -0.01 -0.57 -12.73
CA GLU A 106 -0.73 -1.59 -13.48
C GLU A 106 -1.96 -1.00 -14.15
N ILE A 107 -2.63 -0.09 -13.46
CA ILE A 107 -3.82 0.56 -13.99
C ILE A 107 -3.42 1.56 -15.08
N ALA A 108 -2.35 2.31 -14.83
CA ALA A 108 -1.87 3.27 -15.79
C ALA A 108 -1.45 2.58 -17.08
N LEU A 109 -0.57 1.59 -16.95
CA LEU A 109 -0.09 0.82 -18.10
C LEU A 109 -1.26 0.31 -18.93
N GLU A 110 -2.34 -0.09 -18.26
CA GLU A 110 -3.52 -0.61 -18.93
C GLU A 110 -4.10 0.42 -19.90
N LYS A 111 -4.42 1.61 -19.38
CA LYS A 111 -4.98 2.67 -20.20
C LYS A 111 -3.99 3.15 -21.25
N LEU A 112 -2.70 2.96 -20.98
CA LEU A 112 -1.66 3.37 -21.91
C LEU A 112 -1.47 2.33 -23.01
N LYS A 113 -1.89 1.09 -22.75
CA LYS A 113 -1.77 0.01 -23.72
C LYS A 113 -2.89 0.09 -24.75
N ASN A 114 -4.01 0.70 -24.36
CA ASN A 114 -5.16 0.83 -25.23
C ASN A 114 -4.83 1.75 -26.41
N ASP A 115 -3.72 2.47 -26.31
CA ASP A 115 -3.30 3.38 -27.37
C ASP A 115 -2.61 2.63 -28.50
N MET A 116 -1.89 1.58 -28.15
CA MET A 116 -1.16 0.79 -29.14
C MET A 116 -1.91 -0.51 -29.46
N ALA A 117 -2.93 -0.80 -28.65
CA ALA A 117 -3.74 -2.01 -28.86
C ALA A 117 -4.99 -1.70 -29.66
N VAL A 118 -4.92 -1.90 -30.97
CA VAL A 118 -6.04 -1.65 -31.85
C VAL A 118 -7.10 -2.74 -31.73
N MET A 1 11.74 9.90 51.91
CA MET A 1 10.26 9.87 51.75
C MET A 1 9.73 11.23 51.31
N HIS A 2 10.60 12.01 50.65
CA HIS A 2 10.23 13.34 50.17
C HIS A 2 10.28 13.41 48.65
N HIS A 3 10.63 12.29 48.03
CA HIS A 3 10.73 12.23 46.57
C HIS A 3 9.96 11.04 46.02
N HIS A 4 10.24 9.86 46.56
CA HIS A 4 9.57 8.64 46.13
C HIS A 4 8.23 8.48 46.83
N HIS A 5 7.14 8.63 46.07
CA HIS A 5 5.80 8.50 46.61
C HIS A 5 4.84 7.90 45.58
N HIS A 6 4.52 8.68 44.56
CA HIS A 6 3.62 8.25 43.51
C HIS A 6 4.39 7.69 42.32
N HIS A 7 4.40 6.37 42.19
CA HIS A 7 5.11 5.70 41.10
C HIS A 7 4.20 4.72 40.37
N ALA A 8 4.40 4.61 39.06
CA ALA A 8 3.61 3.71 38.23
C ALA A 8 2.12 4.02 38.35
N SER A 9 1.69 5.07 37.65
CA SER A 9 0.29 5.48 37.68
C SER A 9 -0.55 4.62 36.75
N VAL A 10 -1.60 4.00 37.29
CA VAL A 10 -2.48 3.15 36.50
C VAL A 10 -3.54 3.98 35.78
N THR A 11 -3.80 3.62 34.53
CA THR A 11 -4.79 4.33 33.72
C THR A 11 -5.53 3.37 32.79
N ALA A 12 -5.29 2.07 32.98
CA ALA A 12 -5.93 1.06 32.15
C ALA A 12 -6.69 0.06 33.01
N ARG A 13 -8.02 0.01 32.84
CA ARG A 13 -8.86 -0.91 33.60
C ARG A 13 -8.88 -2.29 32.96
N THR A 14 -8.30 -3.27 33.64
CA THR A 14 -8.25 -4.63 33.13
C THR A 14 -8.97 -5.60 34.06
N PRO A 15 -10.32 -5.65 33.99
CA PRO A 15 -11.11 -6.54 34.84
C PRO A 15 -10.93 -8.00 34.47
N GLN A 16 -10.13 -8.71 35.27
CA GLN A 16 -9.87 -10.13 35.02
C GLN A 16 -11.01 -10.99 35.54
N ASN A 17 -11.86 -10.40 36.38
CA ASN A 17 -13.00 -11.12 36.94
C ASN A 17 -14.05 -11.40 35.87
N PHE A 18 -14.70 -12.55 35.96
CA PHE A 18 -15.72 -12.93 34.99
C PHE A 18 -16.82 -13.76 35.66
N SER A 19 -17.86 -14.09 34.90
CA SER A 19 -18.97 -14.87 35.41
C SER A 19 -19.68 -15.61 34.28
N VAL A 20 -19.19 -15.41 33.05
CA VAL A 20 -19.76 -16.05 31.86
C VAL A 20 -21.28 -16.22 31.97
N PRO A 21 -22.04 -15.14 31.73
CA PRO A 21 -23.50 -15.19 31.81
C PRO A 21 -24.12 -16.00 30.68
N SER A 22 -25.44 -16.11 30.67
CA SER A 22 -26.15 -16.86 29.65
C SER A 22 -27.53 -16.24 29.38
N PRO A 23 -27.57 -15.10 28.68
CA PRO A 23 -28.83 -14.42 28.36
C PRO A 23 -29.81 -15.34 27.64
N GLY A 24 -29.32 -16.11 26.69
CA GLY A 24 -30.16 -17.02 25.94
C GLY A 24 -29.41 -18.26 25.48
N PRO A 25 -30.12 -19.28 24.98
CA PRO A 25 -29.50 -20.52 24.50
C PRO A 25 -28.85 -20.37 23.13
N LEU A 26 -28.52 -19.13 22.78
CA LEU A 26 -27.89 -18.84 21.49
C LEU A 26 -26.45 -18.37 21.70
N ASN A 27 -25.50 -19.20 21.28
CA ASN A 27 -24.08 -18.87 21.42
C ASN A 27 -23.34 -19.12 20.11
N THR A 28 -23.01 -18.04 19.40
CA THR A 28 -22.29 -18.15 18.13
C THR A 28 -20.91 -17.51 18.24
N PRO A 29 -19.84 -18.23 17.84
CA PRO A 29 -18.47 -17.71 17.90
C PRO A 29 -18.32 -16.38 17.18
N VAL A 30 -18.38 -15.28 17.95
CA VAL A 30 -18.25 -13.94 17.39
C VAL A 30 -16.79 -13.65 17.02
N ASN A 31 -15.88 -14.14 17.86
CA ASN A 31 -14.45 -13.92 17.65
C ASN A 31 -13.62 -14.87 18.51
N PRO A 32 -13.65 -16.19 18.19
CA PRO A 32 -12.90 -17.19 18.96
C PRO A 32 -11.39 -17.08 18.74
N SER A 33 -10.65 -16.92 19.84
CA SER A 33 -9.20 -16.81 19.76
C SER A 33 -8.55 -17.31 21.05
N SER A 34 -9.16 -18.33 21.65
CA SER A 34 -8.64 -18.90 22.88
C SER A 34 -7.34 -19.67 22.63
N VAL A 35 -7.14 -20.07 21.38
CA VAL A 35 -5.94 -20.82 21.01
C VAL A 35 -4.97 -19.92 20.25
N MET A 36 -3.84 -19.61 20.89
CA MET A 36 -2.82 -18.76 20.28
C MET A 36 -3.40 -17.41 19.90
N SER A 37 -2.61 -16.60 19.20
CA SER A 37 -3.05 -15.28 18.78
C SER A 37 -2.25 -14.80 17.56
N PRO A 38 -2.91 -14.10 16.62
CA PRO A 38 -2.26 -13.60 15.40
C PRO A 38 -1.30 -12.45 15.69
N ALA A 39 -0.06 -12.78 15.99
CA ALA A 39 0.95 -11.77 16.29
C ALA A 39 1.20 -10.89 15.07
N GLY A 40 0.66 -9.67 15.11
CA GLY A 40 0.82 -8.74 14.01
C GLY A 40 -0.42 -7.92 13.75
N SER A 41 -0.23 -6.65 13.38
CA SER A 41 -1.36 -5.76 13.11
C SER A 41 -1.13 -4.98 11.82
N SER A 42 -1.60 -5.55 10.71
CA SER A 42 -1.45 -4.91 9.40
C SER A 42 0.02 -4.63 9.10
N GLN A 43 0.90 -5.51 9.56
CA GLN A 43 2.34 -5.35 9.33
C GLN A 43 2.71 -5.77 7.91
N ALA A 44 1.92 -6.67 7.34
CA ALA A 44 2.17 -7.15 5.98
C ALA A 44 1.58 -6.20 4.94
N GLU A 45 0.59 -5.42 5.35
CA GLU A 45 -0.06 -4.47 4.46
C GLU A 45 0.66 -3.14 4.52
N GLU A 46 1.27 -2.86 5.67
CA GLU A 46 2.01 -1.64 5.86
C GLU A 46 3.40 -1.79 5.26
N GLN A 47 3.85 -3.03 5.14
CA GLN A 47 5.16 -3.34 4.56
C GLN A 47 5.06 -3.47 3.05
N GLN A 48 4.02 -4.15 2.58
CA GLN A 48 3.83 -4.31 1.15
C GLN A 48 3.47 -2.99 0.51
N TYR A 49 2.86 -2.10 1.29
CA TYR A 49 2.49 -0.78 0.79
C TYR A 49 3.73 -0.01 0.40
N LEU A 50 4.79 -0.18 1.19
CA LEU A 50 6.06 0.47 0.93
C LEU A 50 6.84 -0.38 -0.07
N ASP A 51 6.65 -1.68 0.03
CA ASP A 51 7.31 -2.62 -0.85
C ASP A 51 6.82 -2.46 -2.28
N LYS A 52 5.58 -2.02 -2.41
CA LYS A 52 4.96 -1.80 -3.72
C LYS A 52 5.56 -0.56 -4.34
N LEU A 53 5.90 0.41 -3.50
CA LEU A 53 6.51 1.64 -3.99
C LEU A 53 7.87 1.28 -4.57
N LYS A 54 8.48 0.26 -3.95
CA LYS A 54 9.78 -0.23 -4.38
C LYS A 54 9.66 -1.26 -5.49
N GLN A 55 8.46 -1.82 -5.60
CA GLN A 55 8.19 -2.83 -6.63
C GLN A 55 8.32 -2.23 -8.02
N LEU A 56 7.58 -1.17 -8.28
CA LEU A 56 7.63 -0.50 -9.57
C LEU A 56 8.75 0.53 -9.60
N SER A 57 9.31 0.81 -8.43
CA SER A 57 10.41 1.77 -8.31
C SER A 57 11.45 1.57 -9.41
N LYS A 58 11.61 0.33 -9.86
CA LYS A 58 12.57 0.01 -10.91
C LYS A 58 11.96 0.24 -12.30
N TYR A 59 10.71 -0.15 -12.46
CA TYR A 59 10.01 0.01 -13.73
C TYR A 59 9.87 1.49 -14.08
N ILE A 60 10.03 2.34 -13.08
CA ILE A 60 9.95 3.79 -13.27
C ILE A 60 10.92 4.30 -14.33
N GLU A 61 11.98 3.56 -14.61
CA GLU A 61 12.98 4.00 -15.58
C GLU A 61 12.57 3.60 -17.00
N PRO A 62 12.40 2.29 -17.25
CA PRO A 62 11.98 1.76 -18.55
C PRO A 62 10.90 2.61 -19.24
N LEU A 63 9.99 3.18 -18.46
CA LEU A 63 8.93 4.00 -19.02
C LEU A 63 9.49 5.18 -19.80
N ARG A 64 10.50 5.85 -19.23
CA ARG A 64 11.12 7.00 -19.88
C ARG A 64 11.70 6.62 -21.24
N ARG A 65 12.17 5.38 -21.34
CA ARG A 65 12.75 4.90 -22.60
C ARG A 65 11.66 4.56 -23.59
N MET A 66 10.50 4.15 -23.08
CA MET A 66 9.37 3.79 -23.93
C MET A 66 8.71 5.03 -24.52
N ILE A 67 8.56 6.08 -23.71
CA ILE A 67 7.95 7.32 -24.15
C ILE A 67 8.61 7.84 -25.42
N ASN A 68 9.86 7.44 -25.65
CA ASN A 68 10.60 7.87 -26.83
C ASN A 68 10.29 6.95 -28.02
N LYS A 69 10.41 5.64 -27.79
CA LYS A 69 10.15 4.64 -28.85
C LYS A 69 8.68 4.59 -29.23
N ILE A 70 7.84 5.20 -28.41
CA ILE A 70 6.40 5.22 -28.64
C ILE A 70 6.02 6.47 -29.42
N ASP A 71 6.60 7.61 -29.03
CA ASP A 71 6.35 8.86 -29.71
C ASP A 71 7.06 8.82 -31.05
N LYS A 72 7.86 7.77 -31.17
CA LYS A 72 8.63 7.51 -32.37
C LYS A 72 7.73 7.05 -33.50
N ASN A 73 6.47 6.78 -33.17
CA ASN A 73 5.49 6.33 -34.15
C ASN A 73 4.47 7.44 -34.44
N GLU A 74 3.97 7.47 -35.67
CA GLU A 74 2.99 8.48 -36.08
C GLU A 74 1.59 8.10 -35.63
N ASP A 75 1.34 6.80 -35.50
CA ASP A 75 0.03 6.31 -35.07
C ASP A 75 -0.03 6.18 -33.55
N ARG A 76 1.10 5.84 -32.95
CA ARG A 76 1.17 5.68 -31.50
C ARG A 76 1.82 6.90 -30.85
N LYS A 77 1.66 8.06 -31.49
CA LYS A 77 2.23 9.30 -31.00
C LYS A 77 1.59 9.71 -29.67
N LYS A 78 0.29 9.44 -29.53
CA LYS A 78 -0.44 9.80 -28.33
C LYS A 78 -0.33 8.72 -27.25
N ASP A 79 0.03 7.51 -27.66
CA ASP A 79 0.16 6.39 -26.75
C ASP A 79 1.15 6.67 -25.62
N LEU A 80 2.04 7.65 -25.84
CA LEU A 80 3.05 8.00 -24.84
C LEU A 80 2.42 8.39 -23.50
N SER A 81 1.12 8.72 -23.53
CA SER A 81 0.42 9.13 -22.31
C SER A 81 0.53 8.08 -21.21
N LYS A 82 0.38 6.81 -21.56
CA LYS A 82 0.46 5.73 -20.58
C LYS A 82 1.79 5.73 -19.84
N MET A 83 2.88 5.54 -20.59
CA MET A 83 4.21 5.51 -19.98
C MET A 83 4.50 6.80 -19.21
N LYS A 84 4.27 7.93 -19.86
CA LYS A 84 4.49 9.22 -19.22
C LYS A 84 3.65 9.35 -17.95
N SER A 85 2.47 8.74 -17.96
CA SER A 85 1.60 8.78 -16.80
C SER A 85 2.13 7.90 -15.67
N LEU A 86 2.31 6.61 -15.95
CA LEU A 86 2.84 5.69 -14.95
C LEU A 86 4.11 6.25 -14.33
N LEU A 87 4.99 6.76 -15.17
CA LEU A 87 6.24 7.36 -14.71
C LEU A 87 5.96 8.61 -13.88
N ASP A 88 5.05 9.46 -14.37
CA ASP A 88 4.71 10.70 -13.67
C ASP A 88 4.14 10.44 -12.27
N ILE A 89 3.47 9.31 -12.09
CA ILE A 89 2.89 8.97 -10.81
C ILE A 89 3.90 8.25 -9.90
N LEU A 90 4.40 7.12 -10.37
CA LEU A 90 5.35 6.31 -9.61
C LEU A 90 6.57 7.13 -9.18
N THR A 91 6.83 8.24 -9.87
CA THR A 91 7.97 9.09 -9.55
C THR A 91 7.70 9.97 -8.33
N ASP A 92 6.68 9.60 -7.55
CA ASP A 92 6.33 10.36 -6.36
C ASP A 92 6.40 9.48 -5.11
N PRO A 93 7.61 9.09 -4.69
CA PRO A 93 7.80 8.24 -3.50
C PRO A 93 7.56 9.01 -2.21
N SER A 94 7.83 10.32 -2.25
CA SER A 94 7.63 11.17 -1.08
C SER A 94 6.15 11.40 -0.82
N LYS A 95 5.32 11.00 -1.78
CA LYS A 95 3.88 11.16 -1.65
C LYS A 95 3.20 9.81 -1.47
N ARG A 96 2.29 9.73 -0.51
CA ARG A 96 1.57 8.49 -0.23
C ARG A 96 0.74 8.06 -1.44
N CYS A 97 1.25 7.10 -2.20
CA CYS A 97 0.56 6.61 -3.38
C CYS A 97 -0.22 5.33 -3.07
N PRO A 98 -1.53 5.30 -3.42
CA PRO A 98 -2.38 4.12 -3.17
C PRO A 98 -1.98 2.92 -4.02
N LEU A 99 -2.23 1.73 -3.48
CA LEU A 99 -1.90 0.49 -4.17
C LEU A 99 -2.68 0.36 -5.46
N LYS A 100 -3.73 1.16 -5.60
CA LYS A 100 -4.56 1.14 -6.79
C LYS A 100 -3.75 1.52 -8.03
N THR A 101 -3.10 2.67 -7.98
CA THR A 101 -2.29 3.14 -9.10
C THR A 101 -0.99 2.36 -9.20
N LEU A 102 -0.46 1.93 -8.06
CA LEU A 102 0.76 1.15 -8.06
C LEU A 102 0.56 -0.13 -8.84
N GLN A 103 -0.51 -0.84 -8.50
CA GLN A 103 -0.86 -2.08 -9.18
C GLN A 103 -1.27 -1.81 -10.63
N LYS A 104 -1.98 -0.70 -10.84
CA LYS A 104 -2.42 -0.33 -12.17
C LYS A 104 -1.23 -0.07 -13.08
N CYS A 105 -0.20 0.57 -12.55
CA CYS A 105 1.00 0.83 -13.32
C CYS A 105 1.74 -0.46 -13.62
N GLU A 106 1.80 -1.36 -12.64
CA GLU A 106 2.46 -2.64 -12.82
C GLU A 106 1.69 -3.49 -13.83
N ILE A 107 0.37 -3.41 -13.76
CA ILE A 107 -0.49 -4.16 -14.67
C ILE A 107 -0.47 -3.52 -16.05
N ALA A 108 -0.60 -2.19 -16.08
CA ALA A 108 -0.58 -1.45 -17.34
C ALA A 108 0.73 -1.69 -18.07
N LEU A 109 1.84 -1.54 -17.34
CA LEU A 109 3.17 -1.75 -17.91
C LEU A 109 3.25 -3.10 -18.62
N GLU A 110 2.93 -4.17 -17.91
CA GLU A 110 2.97 -5.52 -18.47
C GLU A 110 1.91 -5.70 -19.55
N LYS A 111 0.85 -4.90 -19.48
CA LYS A 111 -0.23 -4.97 -20.45
C LYS A 111 0.24 -4.46 -21.81
N LEU A 112 1.19 -3.53 -21.79
CA LEU A 112 1.73 -2.95 -23.02
C LEU A 112 2.90 -3.78 -23.54
N LYS A 113 3.69 -4.33 -22.63
CA LYS A 113 4.84 -5.15 -23.01
C LYS A 113 4.40 -6.46 -23.64
N ASN A 114 3.22 -6.93 -23.24
CA ASN A 114 2.67 -8.18 -23.76
C ASN A 114 2.46 -8.09 -25.27
N ASP A 115 2.21 -6.88 -25.75
CA ASP A 115 2.00 -6.66 -27.18
C ASP A 115 3.31 -6.39 -27.90
N MET A 116 4.33 -5.97 -27.14
CA MET A 116 5.64 -5.69 -27.72
C MET A 116 6.45 -6.97 -27.85
N ALA A 117 6.07 -7.99 -27.09
CA ALA A 117 6.77 -9.27 -27.13
C ALA A 117 5.99 -10.29 -27.94
N VAL A 118 6.55 -10.69 -29.08
CA VAL A 118 5.90 -11.66 -29.96
C VAL A 118 6.83 -12.83 -30.27
N MET A 1 20.90 22.86 27.81
CA MET A 1 20.57 21.76 28.76
C MET A 1 19.37 20.96 28.26
N HIS A 2 19.66 19.88 27.53
CA HIS A 2 18.61 19.03 26.99
C HIS A 2 17.65 19.82 26.10
N HIS A 3 17.91 19.81 24.79
CA HIS A 3 17.08 20.53 23.85
C HIS A 3 17.24 19.95 22.44
N HIS A 4 16.12 19.55 21.85
CA HIS A 4 16.13 18.98 20.50
C HIS A 4 14.97 19.54 19.67
N HIS A 5 13.75 19.22 20.07
CA HIS A 5 12.56 19.67 19.37
C HIS A 5 12.38 21.18 19.54
N HIS A 6 12.57 21.91 18.44
CA HIS A 6 12.42 23.37 18.47
C HIS A 6 11.03 23.77 17.97
N HIS A 7 10.53 23.06 16.96
CA HIS A 7 9.22 23.34 16.39
C HIS A 7 8.12 23.05 17.41
N ALA A 8 8.31 22.00 18.19
CA ALA A 8 7.34 21.60 19.20
C ALA A 8 7.74 22.12 20.58
N SER A 9 6.80 22.75 21.27
CA SER A 9 7.06 23.30 22.60
C SER A 9 5.85 23.13 23.51
N VAL A 10 5.94 22.20 24.44
CA VAL A 10 4.85 21.95 25.40
C VAL A 10 3.56 21.61 24.66
N THR A 11 3.37 20.32 24.38
CA THR A 11 2.17 19.86 23.69
C THR A 11 1.34 18.94 24.59
N ALA A 12 1.95 17.85 25.04
CA ALA A 12 1.28 16.90 25.91
C ALA A 12 -0.02 16.40 25.29
N ARG A 13 0.10 15.48 24.32
CA ARG A 13 -1.07 14.93 23.66
C ARG A 13 -1.78 13.94 24.57
N THR A 14 -1.03 12.95 25.05
CA THR A 14 -1.56 11.92 25.94
C THR A 14 -2.88 11.35 25.42
N PRO A 15 -2.85 10.65 24.28
CA PRO A 15 -4.06 10.06 23.69
C PRO A 15 -4.52 8.81 24.45
N GLN A 16 -3.57 7.91 24.71
CA GLN A 16 -3.87 6.67 25.42
C GLN A 16 -5.04 5.93 24.78
N ASN A 17 -4.85 5.47 23.56
CA ASN A 17 -5.89 4.74 22.84
C ASN A 17 -5.62 3.23 22.86
N PHE A 18 -6.65 2.45 23.10
CA PHE A 18 -6.52 0.99 23.16
C PHE A 18 -7.61 0.32 22.33
N SER A 19 -7.27 -0.02 21.08
CA SER A 19 -8.23 -0.68 20.19
C SER A 19 -8.54 -2.09 20.69
N VAL A 20 -9.63 -2.66 20.19
CA VAL A 20 -10.05 -4.00 20.57
C VAL A 20 -10.52 -4.81 19.36
N PRO A 21 -10.25 -6.14 19.36
CA PRO A 21 -10.66 -7.01 18.26
C PRO A 21 -12.18 -7.09 18.11
N SER A 22 -12.66 -6.85 16.89
CA SER A 22 -14.09 -6.88 16.63
C SER A 22 -14.38 -7.40 15.21
N PRO A 23 -14.41 -8.74 15.03
CA PRO A 23 -14.68 -9.35 13.73
C PRO A 23 -16.00 -8.88 13.12
N GLY A 24 -15.94 -8.43 11.87
CA GLY A 24 -17.13 -7.95 11.19
C GLY A 24 -17.88 -9.06 10.49
N PRO A 25 -17.33 -9.59 9.38
CA PRO A 25 -17.96 -10.68 8.61
C PRO A 25 -18.29 -11.88 9.49
N LEU A 26 -19.56 -12.25 9.54
CA LEU A 26 -20.00 -13.40 10.32
C LEU A 26 -21.40 -13.84 9.90
N ASN A 27 -21.46 -14.76 8.95
CA ASN A 27 -22.73 -15.27 8.45
C ASN A 27 -22.71 -16.79 8.38
N THR A 28 -21.53 -17.36 8.19
CA THR A 28 -21.36 -18.80 8.11
C THR A 28 -20.01 -19.25 8.65
N PRO A 29 -19.82 -19.22 9.98
CA PRO A 29 -18.56 -19.61 10.61
C PRO A 29 -18.41 -21.12 10.73
N VAL A 30 -19.18 -21.85 9.94
CA VAL A 30 -19.12 -23.31 9.96
C VAL A 30 -18.10 -23.85 8.96
N ASN A 31 -17.65 -22.97 8.07
CA ASN A 31 -16.67 -23.35 7.05
C ASN A 31 -15.56 -22.30 6.95
N PRO A 32 -14.60 -22.33 7.90
CA PRO A 32 -13.49 -21.38 7.91
C PRO A 32 -12.46 -21.66 6.81
N SER A 33 -11.47 -20.79 6.69
CA SER A 33 -10.41 -20.93 5.69
C SER A 33 -11.00 -21.22 4.31
N SER A 34 -11.60 -20.20 3.71
CA SER A 34 -12.20 -20.34 2.40
C SER A 34 -11.30 -19.74 1.33
N VAL A 35 -11.30 -18.40 1.24
CA VAL A 35 -10.47 -17.71 0.26
C VAL A 35 -9.12 -17.33 0.86
N MET A 36 -8.79 -17.96 1.99
CA MET A 36 -7.53 -17.71 2.67
C MET A 36 -6.58 -18.89 2.52
N SER A 37 -5.28 -18.60 2.40
CA SER A 37 -4.26 -19.64 2.25
C SER A 37 -4.55 -20.50 1.02
N PRO A 38 -4.23 -20.01 -0.18
CA PRO A 38 -4.45 -20.75 -1.43
C PRO A 38 -3.75 -22.10 -1.43
N ALA A 39 -2.49 -22.12 -1.02
CA ALA A 39 -1.72 -23.36 -0.98
C ALA A 39 -1.73 -23.98 0.42
N GLY A 40 -1.21 -23.23 1.39
CA GLY A 40 -1.17 -23.72 2.76
C GLY A 40 -0.63 -22.69 3.73
N SER A 41 0.59 -22.20 3.45
CA SER A 41 1.22 -21.21 4.31
C SER A 41 0.48 -19.88 4.24
N SER A 42 0.05 -19.38 5.40
CA SER A 42 -0.67 -18.12 5.47
C SER A 42 0.28 -16.96 5.78
N GLN A 43 1.47 -17.29 6.26
CA GLN A 43 2.48 -16.29 6.60
C GLN A 43 3.08 -15.68 5.33
N ALA A 44 3.06 -16.45 4.25
CA ALA A 44 3.60 -15.99 2.98
C ALA A 44 2.73 -14.91 2.36
N GLU A 45 1.49 -14.83 2.82
CA GLU A 45 0.55 -13.83 2.32
C GLU A 45 0.67 -12.55 3.11
N GLU A 46 1.05 -12.69 4.37
CA GLU A 46 1.23 -11.54 5.25
C GLU A 46 2.62 -10.96 5.06
N GLN A 47 3.51 -11.78 4.51
CA GLN A 47 4.89 -11.38 4.25
C GLN A 47 5.00 -10.71 2.89
N GLN A 48 4.34 -11.26 1.89
CA GLN A 48 4.38 -10.67 0.56
C GLN A 48 3.53 -9.41 0.49
N TYR A 49 2.47 -9.38 1.29
CA TYR A 49 1.59 -8.21 1.33
C TYR A 49 2.40 -6.98 1.72
N LEU A 50 3.31 -7.18 2.67
CA LEU A 50 4.16 -6.11 3.15
C LEU A 50 5.38 -5.99 2.26
N ASP A 51 5.84 -7.13 1.75
CA ASP A 51 7.03 -7.17 0.89
C ASP A 51 6.74 -6.53 -0.45
N LYS A 52 5.46 -6.48 -0.83
CA LYS A 52 5.07 -5.89 -2.10
C LYS A 52 4.83 -4.40 -1.93
N LEU A 53 4.48 -3.99 -0.71
CA LEU A 53 4.25 -2.59 -0.44
C LEU A 53 5.58 -1.85 -0.46
N LYS A 54 6.63 -2.56 -0.04
CA LYS A 54 7.97 -2.01 -0.02
C LYS A 54 8.67 -2.19 -1.36
N GLN A 55 8.15 -3.12 -2.14
CA GLN A 55 8.70 -3.39 -3.46
C GLN A 55 8.43 -2.23 -4.41
N LEU A 56 7.20 -1.74 -4.40
CA LEU A 56 6.82 -0.63 -5.27
C LEU A 56 7.21 0.70 -4.65
N SER A 57 7.28 0.74 -3.33
CA SER A 57 7.66 1.96 -2.60
C SER A 57 8.88 2.63 -3.26
N LYS A 58 9.67 1.83 -3.98
CA LYS A 58 10.84 2.34 -4.67
C LYS A 58 10.47 2.83 -6.08
N TYR A 59 9.67 2.03 -6.77
CA TYR A 59 9.23 2.36 -8.13
C TYR A 59 8.45 3.66 -8.17
N ILE A 60 7.97 4.08 -7.00
CA ILE A 60 7.20 5.31 -6.89
C ILE A 60 7.91 6.53 -7.51
N GLU A 61 9.23 6.46 -7.63
CA GLU A 61 10.00 7.58 -8.18
C GLU A 61 10.04 7.52 -9.70
N PRO A 62 10.58 6.42 -10.27
CA PRO A 62 10.66 6.22 -11.71
C PRO A 62 9.42 6.68 -12.48
N LEU A 63 8.23 6.37 -11.96
CA LEU A 63 6.99 6.76 -12.63
C LEU A 63 6.96 8.25 -12.92
N ARG A 64 7.40 9.06 -11.95
CA ARG A 64 7.42 10.50 -12.11
C ARG A 64 8.29 10.90 -13.30
N ARG A 65 9.43 10.21 -13.45
CA ARG A 65 10.35 10.48 -14.53
C ARG A 65 9.74 10.07 -15.87
N MET A 66 8.86 9.08 -15.83
CA MET A 66 8.20 8.59 -17.03
C MET A 66 7.20 9.62 -17.54
N ILE A 67 6.27 10.02 -16.66
CA ILE A 67 5.24 11.01 -17.00
C ILE A 67 5.82 12.20 -17.76
N ASN A 68 7.10 12.46 -17.56
CA ASN A 68 7.76 13.59 -18.22
C ASN A 68 8.25 13.24 -19.63
N LYS A 69 8.75 12.02 -19.81
CA LYS A 69 9.26 11.58 -21.11
C LYS A 69 8.16 10.94 -21.97
N ILE A 70 7.04 10.63 -21.33
CA ILE A 70 5.92 9.97 -22.02
C ILE A 70 4.93 11.00 -22.53
N ASP A 71 4.63 12.01 -21.71
CA ASP A 71 3.71 13.06 -22.12
C ASP A 71 4.42 13.89 -23.19
N LYS A 72 5.71 13.61 -23.29
CA LYS A 72 6.59 14.26 -24.24
C LYS A 72 6.29 13.78 -25.66
N ASN A 73 5.63 12.63 -25.76
CA ASN A 73 5.27 12.06 -27.05
C ASN A 73 3.76 12.17 -27.28
N GLU A 74 3.38 12.55 -28.49
CA GLU A 74 1.97 12.71 -28.83
C GLU A 74 1.29 11.35 -29.01
N ASP A 75 2.08 10.31 -29.20
CA ASP A 75 1.54 8.96 -29.38
C ASP A 75 1.42 8.23 -28.05
N ARG A 76 1.81 8.90 -26.97
CA ARG A 76 1.75 8.30 -25.64
C ARG A 76 1.06 9.24 -24.65
N LYS A 77 0.20 10.11 -25.16
CA LYS A 77 -0.52 11.06 -24.30
C LYS A 77 -1.54 10.36 -23.42
N LYS A 78 -2.15 9.31 -23.96
CA LYS A 78 -3.16 8.55 -23.22
C LYS A 78 -2.52 7.45 -22.37
N ASP A 79 -1.28 7.09 -22.70
CA ASP A 79 -0.57 6.04 -21.97
C ASP A 79 0.03 6.54 -20.65
N LEU A 80 0.21 7.85 -20.52
CA LEU A 80 0.79 8.41 -19.31
C LEU A 80 -0.13 8.16 -18.11
N SER A 81 -1.38 7.86 -18.38
CA SER A 81 -2.36 7.60 -17.32
C SER A 81 -1.94 6.42 -16.46
N LYS A 82 -1.00 5.62 -16.96
CA LYS A 82 -0.51 4.46 -16.22
C LYS A 82 0.45 4.86 -15.12
N MET A 83 1.57 5.47 -15.49
CA MET A 83 2.56 5.89 -14.50
C MET A 83 1.98 6.95 -13.57
N LYS A 84 1.00 7.69 -14.07
CA LYS A 84 0.35 8.73 -13.28
C LYS A 84 -0.61 8.10 -12.27
N SER A 85 -1.25 7.01 -12.67
CA SER A 85 -2.20 6.33 -11.79
C SER A 85 -1.46 5.52 -10.74
N LEU A 86 -0.50 4.71 -11.17
CA LEU A 86 0.29 3.90 -10.24
C LEU A 86 0.91 4.79 -9.18
N LEU A 87 1.52 5.89 -9.62
CA LEU A 87 2.14 6.84 -8.71
C LEU A 87 1.09 7.51 -7.82
N ASP A 88 -0.03 7.91 -8.43
CA ASP A 88 -1.10 8.58 -7.69
C ASP A 88 -1.63 7.73 -6.53
N ILE A 89 -1.68 6.42 -6.74
CA ILE A 89 -2.17 5.50 -5.71
C ILE A 89 -1.07 5.09 -4.74
N LEU A 90 0.03 4.58 -5.29
CA LEU A 90 1.16 4.12 -4.49
C LEU A 90 1.71 5.24 -3.59
N THR A 91 1.42 6.48 -3.93
CA THR A 91 1.92 7.62 -3.15
C THR A 91 1.06 7.87 -1.91
N ASP A 92 0.27 6.86 -1.53
CA ASP A 92 -0.59 6.97 -0.36
C ASP A 92 -0.26 5.91 0.69
N PRO A 93 0.92 6.00 1.33
CA PRO A 93 1.34 5.04 2.35
C PRO A 93 0.80 5.37 3.73
N SER A 94 0.36 6.62 3.91
CA SER A 94 -0.17 7.07 5.18
C SER A 94 -1.39 6.24 5.57
N LYS A 95 -2.15 5.80 4.57
CA LYS A 95 -3.34 4.99 4.82
C LYS A 95 -3.05 3.52 4.56
N ARG A 96 -4.11 2.72 4.50
CA ARG A 96 -3.99 1.29 4.26
C ARG A 96 -3.45 1.02 2.86
N CYS A 97 -2.73 -0.08 2.70
CA CYS A 97 -2.16 -0.45 1.41
C CYS A 97 -2.81 -1.74 0.88
N PRO A 98 -3.93 -1.63 0.15
CA PRO A 98 -4.64 -2.78 -0.41
C PRO A 98 -3.75 -3.60 -1.34
N LEU A 99 -3.81 -4.92 -1.19
CA LEU A 99 -3.03 -5.82 -2.02
C LEU A 99 -3.40 -5.68 -3.49
N LYS A 100 -4.55 -5.05 -3.75
CA LYS A 100 -5.02 -4.85 -5.11
C LYS A 100 -4.16 -3.82 -5.83
N THR A 101 -3.95 -2.67 -5.20
CA THR A 101 -3.15 -1.61 -5.79
C THR A 101 -1.68 -2.01 -5.91
N LEU A 102 -1.20 -2.74 -4.91
CA LEU A 102 0.19 -3.20 -4.92
C LEU A 102 0.39 -4.19 -6.05
N GLN A 103 -0.36 -5.28 -6.01
CA GLN A 103 -0.29 -6.32 -7.04
C GLN A 103 -0.54 -5.72 -8.42
N LYS A 104 -1.38 -4.70 -8.49
CA LYS A 104 -1.69 -4.05 -9.76
C LYS A 104 -0.51 -3.22 -10.24
N CYS A 105 0.01 -2.36 -9.38
CA CYS A 105 1.15 -1.54 -9.76
C CYS A 105 2.35 -2.40 -10.09
N GLU A 106 2.46 -3.56 -9.45
CA GLU A 106 3.57 -4.47 -9.72
C GLU A 106 3.38 -5.14 -11.08
N ILE A 107 2.19 -5.64 -11.33
CA ILE A 107 1.88 -6.29 -12.60
C ILE A 107 1.79 -5.28 -13.73
N ALA A 108 1.24 -4.10 -13.42
CA ALA A 108 1.10 -3.05 -14.42
C ALA A 108 2.45 -2.44 -14.80
N LEU A 109 3.26 -2.11 -13.80
CA LEU A 109 4.58 -1.52 -14.06
C LEU A 109 5.48 -2.51 -14.79
N GLU A 110 5.36 -3.78 -14.47
CA GLU A 110 6.17 -4.82 -15.09
C GLU A 110 5.69 -5.10 -16.52
N LYS A 111 4.44 -4.77 -16.79
CA LYS A 111 3.87 -4.98 -18.11
C LYS A 111 4.45 -4.00 -19.12
N LEU A 112 4.40 -2.72 -18.79
CA LEU A 112 4.93 -1.68 -19.67
C LEU A 112 6.45 -1.72 -19.68
N LYS A 113 7.03 -2.36 -18.68
CA LYS A 113 8.48 -2.47 -18.56
C LYS A 113 9.05 -3.30 -19.70
N ASN A 114 8.48 -4.49 -19.90
CA ASN A 114 8.93 -5.39 -20.96
C ASN A 114 8.61 -4.81 -22.34
N ASP A 115 7.71 -3.83 -22.37
CA ASP A 115 7.30 -3.19 -23.62
C ASP A 115 8.23 -2.02 -23.96
N MET A 116 8.93 -1.53 -22.94
CA MET A 116 9.84 -0.41 -23.12
C MET A 116 11.28 -0.89 -23.24
N ALA A 117 11.53 -2.09 -22.71
CA ALA A 117 12.87 -2.68 -22.74
C ALA A 117 13.21 -3.18 -24.14
N VAL A 118 13.92 -2.36 -24.91
CA VAL A 118 14.31 -2.71 -26.26
C VAL A 118 15.68 -3.42 -26.27
N MET A 1 0.16 37.76 8.16
CA MET A 1 -0.74 38.72 8.87
C MET A 1 -2.17 38.18 8.90
N HIS A 2 -2.33 36.88 8.69
CA HIS A 2 -3.64 36.26 8.69
C HIS A 2 -3.95 35.64 10.05
N HIS A 3 -3.31 36.17 11.10
CA HIS A 3 -3.51 35.69 12.46
C HIS A 3 -3.20 34.19 12.56
N HIS A 4 -1.97 33.83 12.23
CA HIS A 4 -1.53 32.44 12.30
C HIS A 4 -1.51 31.94 13.74
N HIS A 5 -2.07 30.77 13.98
CA HIS A 5 -2.11 30.19 15.31
C HIS A 5 -1.08 29.07 15.44
N HIS A 6 -0.04 29.32 16.23
CA HIS A 6 1.03 28.34 16.44
C HIS A 6 0.46 27.04 17.02
N HIS A 7 1.05 25.93 16.62
CA HIS A 7 0.63 24.62 17.10
C HIS A 7 1.70 24.00 18.00
N ALA A 8 1.52 24.15 19.31
CA ALA A 8 2.46 23.60 20.27
C ALA A 8 1.74 23.11 21.53
N SER A 9 0.43 23.30 21.56
CA SER A 9 -0.38 22.88 22.70
C SER A 9 -0.62 21.37 22.67
N VAL A 10 -0.39 20.71 23.80
CA VAL A 10 -0.58 19.27 23.91
C VAL A 10 -1.91 18.95 24.58
N THR A 11 -2.65 18.01 23.99
CA THR A 11 -3.94 17.60 24.54
C THR A 11 -4.26 16.16 24.16
N ALA A 12 -3.78 15.74 22.99
CA ALA A 12 -4.01 14.39 22.51
C ALA A 12 -3.25 13.37 23.35
N ARG A 13 -2.20 13.82 24.01
CA ARG A 13 -1.39 12.95 24.87
C ARG A 13 -1.77 13.11 26.33
N THR A 14 -2.53 12.15 26.84
CA THR A 14 -2.97 12.18 28.23
C THR A 14 -2.43 10.99 29.02
N PRO A 15 -1.19 11.10 29.56
CA PRO A 15 -0.58 10.02 30.34
C PRO A 15 -1.46 9.56 31.49
N GLN A 16 -2.03 8.36 31.36
CA GLN A 16 -2.90 7.82 32.39
C GLN A 16 -2.29 6.56 33.01
N ASN A 17 -1.70 6.72 34.18
CA ASN A 17 -1.08 5.60 34.90
C ASN A 17 0.05 4.97 34.08
N PHE A 18 -0.32 4.02 33.21
CA PHE A 18 0.65 3.34 32.37
C PHE A 18 0.97 4.16 31.12
N SER A 19 1.99 5.00 31.23
CA SER A 19 2.41 5.85 30.12
C SER A 19 3.52 5.16 29.32
N VAL A 20 3.58 3.84 29.42
CA VAL A 20 4.57 3.05 28.71
C VAL A 20 4.17 2.83 27.25
N PRO A 21 5.09 3.06 26.29
CA PRO A 21 4.81 2.87 24.87
C PRO A 21 4.37 1.45 24.53
N SER A 22 3.08 1.26 24.30
CA SER A 22 2.53 -0.04 23.97
C SER A 22 1.28 0.09 23.10
N PRO A 23 1.45 0.53 21.84
CA PRO A 23 0.33 0.69 20.90
C PRO A 23 -0.31 -0.63 20.51
N GLY A 24 -1.61 -0.61 20.26
CA GLY A 24 -2.33 -1.81 19.88
C GLY A 24 -3.49 -1.52 18.93
N PRO A 25 -3.19 -1.17 17.66
CA PRO A 25 -4.22 -0.86 16.66
C PRO A 25 -4.96 -2.10 16.19
N LEU A 26 -5.78 -1.93 15.17
CA LEU A 26 -6.56 -3.03 14.60
C LEU A 26 -7.41 -3.69 15.67
N ASN A 27 -8.62 -3.16 15.88
CA ASN A 27 -9.53 -3.70 16.88
C ASN A 27 -10.79 -4.25 16.22
N THR A 28 -10.61 -5.23 15.33
CA THR A 28 -11.73 -5.84 14.63
C THR A 28 -11.74 -7.36 14.81
N PRO A 29 -12.40 -7.86 15.86
CA PRO A 29 -12.47 -9.30 16.14
C PRO A 29 -12.93 -10.10 14.93
N VAL A 30 -11.99 -10.81 14.30
CA VAL A 30 -12.31 -11.62 13.12
C VAL A 30 -12.90 -12.97 13.53
N ASN A 31 -13.83 -13.46 12.72
CA ASN A 31 -14.47 -14.74 12.98
C ASN A 31 -14.28 -15.72 11.82
N PRO A 32 -13.11 -16.38 11.77
CA PRO A 32 -12.81 -17.35 10.69
C PRO A 32 -13.68 -18.59 10.78
N SER A 33 -14.14 -19.06 9.62
CA SER A 33 -14.99 -20.25 9.57
C SER A 33 -15.05 -20.80 8.14
N SER A 34 -13.95 -20.65 7.41
CA SER A 34 -13.87 -21.13 6.04
C SER A 34 -12.72 -22.12 5.87
N VAL A 35 -12.25 -22.66 6.99
CA VAL A 35 -11.15 -23.62 6.97
C VAL A 35 -11.61 -24.97 6.45
N MET A 36 -10.72 -25.96 6.52
CA MET A 36 -11.03 -27.31 6.05
C MET A 36 -11.42 -27.30 4.58
N SER A 37 -10.49 -26.87 3.72
CA SER A 37 -10.74 -26.81 2.29
C SER A 37 -9.45 -27.10 1.50
N PRO A 38 -8.99 -28.35 1.50
CA PRO A 38 -7.78 -28.74 0.77
C PRO A 38 -8.01 -28.85 -0.73
N ALA A 39 -7.30 -28.01 -1.49
CA ALA A 39 -7.45 -28.00 -2.94
C ALA A 39 -6.21 -27.39 -3.60
N GLY A 40 -5.95 -27.79 -4.85
CA GLY A 40 -4.80 -27.28 -5.56
C GLY A 40 -5.17 -26.23 -6.59
N SER A 41 -6.36 -25.67 -6.44
CA SER A 41 -6.84 -24.64 -7.38
C SER A 41 -6.63 -23.24 -6.79
N SER A 42 -5.72 -23.15 -5.83
CA SER A 42 -5.41 -21.87 -5.19
C SER A 42 -3.92 -21.68 -5.03
N GLN A 43 -3.15 -22.69 -5.45
CA GLN A 43 -1.70 -22.64 -5.35
C GLN A 43 -1.12 -21.58 -6.28
N ALA A 44 -1.81 -21.37 -7.40
CA ALA A 44 -1.37 -20.38 -8.39
C ALA A 44 -1.75 -18.96 -7.97
N GLU A 45 -2.70 -18.86 -7.04
CA GLU A 45 -3.15 -17.56 -6.56
C GLU A 45 -2.25 -17.08 -5.44
N GLU A 46 -1.66 -18.03 -4.73
CA GLU A 46 -0.75 -17.72 -3.65
C GLU A 46 0.65 -17.51 -4.20
N GLN A 47 0.89 -18.07 -5.40
CA GLN A 47 2.18 -17.95 -6.06
C GLN A 47 2.25 -16.67 -6.88
N GLN A 48 1.16 -16.32 -7.55
CA GLN A 48 1.13 -15.12 -8.37
C GLN A 48 0.99 -13.87 -7.50
N TYR A 49 0.23 -13.98 -6.41
CA TYR A 49 0.06 -12.88 -5.49
C TYR A 49 1.40 -12.50 -4.91
N LEU A 50 2.24 -13.50 -4.74
CA LEU A 50 3.58 -13.33 -4.21
C LEU A 50 4.55 -12.95 -5.32
N ASP A 51 4.31 -13.52 -6.50
CA ASP A 51 5.17 -13.27 -7.67
C ASP A 51 4.90 -11.89 -8.26
N LYS A 52 3.73 -11.35 -7.99
CA LYS A 52 3.35 -10.05 -8.52
C LYS A 52 3.79 -8.95 -7.56
N LEU A 53 3.95 -9.30 -6.29
CA LEU A 53 4.39 -8.35 -5.30
C LEU A 53 5.86 -8.03 -5.52
N LYS A 54 6.58 -9.04 -5.99
CA LYS A 54 8.01 -8.88 -6.26
C LYS A 54 8.24 -8.35 -7.68
N GLN A 55 7.24 -8.54 -8.51
CA GLN A 55 7.32 -8.09 -9.90
C GLN A 55 7.36 -6.57 -9.97
N LEU A 56 6.46 -5.92 -9.25
CA LEU A 56 6.40 -4.46 -9.24
C LEU A 56 7.40 -3.89 -8.26
N SER A 57 7.76 -4.70 -7.26
CA SER A 57 8.74 -4.28 -6.26
C SER A 57 10.00 -3.75 -6.92
N LYS A 58 10.22 -4.16 -8.16
CA LYS A 58 11.39 -3.73 -8.93
C LYS A 58 11.08 -2.45 -9.70
N TYR A 59 9.88 -2.41 -10.31
CA TYR A 59 9.45 -1.26 -11.08
C TYR A 59 9.20 -0.03 -10.20
N ILE A 60 9.07 -0.26 -8.91
CA ILE A 60 8.84 0.82 -7.96
C ILE A 60 9.86 1.95 -8.09
N GLU A 61 11.04 1.66 -8.65
CA GLU A 61 12.08 2.68 -8.76
C GLU A 61 11.90 3.49 -10.05
N PRO A 62 11.91 2.83 -11.22
CA PRO A 62 11.72 3.47 -12.52
C PRO A 62 10.61 4.54 -12.51
N LEU A 63 9.59 4.36 -11.68
CA LEU A 63 8.50 5.32 -11.60
C LEU A 63 9.03 6.72 -11.28
N ARG A 64 10.00 6.77 -10.38
CA ARG A 64 10.61 8.05 -10.01
C ARG A 64 11.21 8.75 -11.22
N ARG A 65 11.75 7.95 -12.14
CA ARG A 65 12.34 8.49 -13.36
C ARG A 65 11.24 8.91 -14.33
N MET A 66 10.11 8.23 -14.25
CA MET A 66 8.98 8.53 -15.12
C MET A 66 8.34 9.87 -14.75
N ILE A 67 8.10 10.06 -13.44
CA ILE A 67 7.50 11.29 -12.94
C ILE A 67 8.23 12.53 -13.49
N ASN A 68 9.49 12.35 -13.86
CA ASN A 68 10.28 13.47 -14.39
C ASN A 68 10.03 13.66 -15.88
N LYS A 69 10.22 12.59 -16.66
CA LYS A 69 10.03 12.63 -18.10
C LYS A 69 8.56 12.82 -18.47
N ILE A 70 7.69 12.65 -17.50
CA ILE A 70 6.25 12.77 -17.72
C ILE A 70 5.79 14.20 -17.46
N ASP A 71 6.28 14.81 -16.38
CA ASP A 71 5.94 16.17 -16.05
C ASP A 71 6.69 17.07 -17.02
N LYS A 72 7.59 16.42 -17.76
CA LYS A 72 8.41 17.06 -18.75
C LYS A 72 7.59 17.41 -19.99
N ASN A 73 6.47 16.72 -20.16
CA ASN A 73 5.58 16.96 -21.29
C ASN A 73 4.31 17.67 -20.84
N GLU A 74 3.86 18.64 -21.62
CA GLU A 74 2.66 19.41 -21.30
C GLU A 74 1.40 18.63 -21.66
N ASP A 75 1.55 17.56 -22.44
CA ASP A 75 0.41 16.75 -22.86
C ASP A 75 0.06 15.71 -21.79
N ARG A 76 1.07 15.29 -21.03
CA ARG A 76 0.87 14.30 -19.97
C ARG A 76 1.38 14.84 -18.64
N LYS A 77 1.33 16.16 -18.48
CA LYS A 77 1.80 16.80 -17.26
C LYS A 77 1.03 16.31 -16.04
N LYS A 78 -0.22 15.92 -16.25
CA LYS A 78 -1.07 15.43 -15.16
C LYS A 78 -0.86 13.93 -14.94
N ASP A 79 -0.33 13.26 -15.96
CA ASP A 79 -0.10 11.82 -15.89
C ASP A 79 0.85 11.44 -14.75
N LEU A 80 1.62 12.42 -14.26
CA LEU A 80 2.57 12.17 -13.17
C LEU A 80 1.88 11.63 -11.93
N SER A 81 0.56 11.83 -11.85
CA SER A 81 -0.22 11.37 -10.71
C SER A 81 -0.31 9.85 -10.68
N LYS A 82 -0.04 9.22 -11.81
CA LYS A 82 -0.10 7.77 -11.90
C LYS A 82 1.18 7.14 -11.37
N MET A 83 2.32 7.57 -11.90
CA MET A 83 3.61 7.04 -11.47
C MET A 83 3.81 7.26 -9.98
N LYS A 84 3.57 8.49 -9.53
CA LYS A 84 3.72 8.81 -8.11
C LYS A 84 2.74 7.98 -7.28
N SER A 85 1.56 7.73 -7.84
CA SER A 85 0.55 6.94 -7.15
C SER A 85 1.03 5.49 -7.00
N LEU A 86 1.35 4.85 -8.12
CA LEU A 86 1.82 3.47 -8.08
C LEU A 86 3.00 3.35 -7.13
N LEU A 87 3.95 4.26 -7.27
CA LEU A 87 5.13 4.29 -6.40
C LEU A 87 4.72 4.51 -4.95
N ASP A 88 3.70 5.33 -4.73
CA ASP A 88 3.23 5.64 -3.39
C ASP A 88 2.58 4.43 -2.70
N ILE A 89 1.83 3.64 -3.46
CA ILE A 89 1.15 2.47 -2.89
C ILE A 89 2.04 1.24 -2.86
N LEU A 90 2.82 1.03 -3.91
CA LEU A 90 3.72 -0.12 -3.99
C LEU A 90 4.70 -0.11 -2.80
N THR A 91 5.11 1.09 -2.39
CA THR A 91 6.05 1.23 -1.28
C THR A 91 5.37 1.02 0.07
N ASP A 92 4.17 0.44 0.06
CA ASP A 92 3.43 0.18 1.29
C ASP A 92 4.29 -0.55 2.32
N PRO A 93 4.71 0.14 3.40
CA PRO A 93 5.55 -0.45 4.44
C PRO A 93 4.73 -1.05 5.58
N SER A 94 3.43 -1.23 5.35
CA SER A 94 2.55 -1.81 6.36
C SER A 94 2.45 -3.32 6.18
N LYS A 95 3.22 -3.84 5.23
CA LYS A 95 3.24 -5.28 4.95
C LYS A 95 1.89 -5.76 4.44
N ARG A 96 1.88 -6.96 3.87
CA ARG A 96 0.65 -7.54 3.33
C ARG A 96 0.05 -6.65 2.27
N CYS A 97 0.72 -6.57 1.12
CA CYS A 97 0.25 -5.74 0.01
C CYS A 97 -0.93 -6.39 -0.70
N PRO A 98 -2.13 -5.77 -0.61
CA PRO A 98 -3.34 -6.31 -1.26
C PRO A 98 -3.14 -6.55 -2.75
N LEU A 99 -3.80 -7.58 -3.27
CA LEU A 99 -3.71 -7.92 -4.68
C LEU A 99 -4.30 -6.81 -5.54
N LYS A 100 -5.08 -5.93 -4.92
CA LYS A 100 -5.69 -4.81 -5.63
C LYS A 100 -4.66 -3.75 -5.99
N THR A 101 -3.58 -3.70 -5.23
CA THR A 101 -2.50 -2.75 -5.47
C THR A 101 -1.49 -3.30 -6.45
N LEU A 102 -1.24 -4.60 -6.36
CA LEU A 102 -0.30 -5.24 -7.25
C LEU A 102 -0.89 -5.34 -8.66
N GLN A 103 -2.10 -5.88 -8.73
CA GLN A 103 -2.79 -6.02 -10.01
C GLN A 103 -3.00 -4.66 -10.67
N LYS A 104 -3.25 -3.64 -9.85
CA LYS A 104 -3.46 -2.29 -10.35
C LYS A 104 -2.17 -1.68 -10.86
N CYS A 105 -1.12 -1.74 -10.05
CA CYS A 105 0.17 -1.20 -10.48
C CYS A 105 0.73 -2.00 -11.65
N GLU A 106 0.29 -3.25 -11.77
CA GLU A 106 0.74 -4.11 -12.86
C GLU A 106 -0.05 -3.81 -14.13
N ILE A 107 -1.34 -3.56 -13.97
CA ILE A 107 -2.20 -3.24 -15.10
C ILE A 107 -2.01 -1.79 -15.51
N ALA A 108 -1.80 -0.93 -14.53
CA ALA A 108 -1.58 0.49 -14.80
C ALA A 108 -0.23 0.71 -15.49
N LEU A 109 0.82 0.12 -14.93
CA LEU A 109 2.16 0.24 -15.49
C LEU A 109 2.20 -0.33 -16.91
N GLU A 110 1.36 -1.31 -17.18
CA GLU A 110 1.30 -1.95 -18.50
C GLU A 110 0.41 -1.16 -19.45
N LYS A 111 -0.61 -0.52 -18.91
CA LYS A 111 -1.54 0.27 -19.72
C LYS A 111 -0.87 1.51 -20.27
N LEU A 112 0.08 2.06 -19.51
CA LEU A 112 0.80 3.25 -19.93
C LEU A 112 1.80 2.93 -21.06
N LYS A 113 2.11 1.65 -21.21
CA LYS A 113 3.03 1.21 -22.25
C LYS A 113 2.46 1.49 -23.64
N ASN A 114 1.14 1.69 -23.70
CA ASN A 114 0.47 1.95 -24.96
C ASN A 114 0.99 3.25 -25.59
N ASP A 115 1.44 4.16 -24.74
CA ASP A 115 1.97 5.43 -25.20
C ASP A 115 3.46 5.33 -25.52
N MET A 116 4.14 4.42 -24.83
CA MET A 116 5.57 4.22 -25.04
C MET A 116 5.82 3.40 -26.30
N ALA A 117 4.77 2.75 -26.81
CA ALA A 117 4.87 1.94 -28.01
C ALA A 117 4.30 2.68 -29.21
N VAL A 118 5.14 3.47 -29.88
CA VAL A 118 4.71 4.23 -31.04
C VAL A 118 5.44 3.78 -32.30
N MET A 1 -14.87 6.06 52.70
CA MET A 1 -14.74 6.54 51.30
C MET A 1 -13.44 7.31 51.11
N HIS A 2 -12.74 7.04 50.02
CA HIS A 2 -11.47 7.70 49.73
C HIS A 2 -11.29 7.90 48.22
N HIS A 3 -12.39 7.83 47.48
CA HIS A 3 -12.34 8.00 46.03
C HIS A 3 -12.62 9.45 45.65
N HIS A 4 -12.21 10.37 46.50
CA HIS A 4 -12.42 11.79 46.25
C HIS A 4 -11.66 12.26 45.02
N HIS A 5 -10.32 12.30 45.12
CA HIS A 5 -9.49 12.73 44.01
C HIS A 5 -8.49 11.65 43.62
N HIS A 6 -8.03 10.88 44.60
CA HIS A 6 -7.07 9.82 44.34
C HIS A 6 -7.61 8.46 44.81
N HIS A 7 -7.42 7.45 43.97
CA HIS A 7 -7.88 6.10 44.29
C HIS A 7 -6.73 5.21 44.72
N ALA A 8 -7.04 4.00 45.17
CA ALA A 8 -6.02 3.05 45.61
C ALA A 8 -6.56 1.63 45.63
N SER A 9 -6.94 1.13 44.46
CA SER A 9 -7.47 -0.22 44.33
C SER A 9 -6.35 -1.25 44.51
N VAL A 10 -6.33 -1.89 45.67
CA VAL A 10 -5.32 -2.90 45.96
C VAL A 10 -5.79 -4.30 45.55
N THR A 11 -4.82 -5.19 45.32
CA THR A 11 -5.15 -6.55 44.93
C THR A 11 -4.11 -7.54 45.47
N ALA A 12 -4.59 -8.62 46.07
CA ALA A 12 -3.70 -9.64 46.64
C ALA A 12 -3.97 -11.01 46.02
N ARG A 13 -3.25 -11.33 44.96
CA ARG A 13 -3.40 -12.62 44.27
C ARG A 13 -4.82 -12.81 43.77
N THR A 14 -5.09 -13.99 43.21
CA THR A 14 -6.41 -14.31 42.68
C THR A 14 -7.24 -15.08 43.72
N PRO A 15 -8.22 -14.42 44.35
CA PRO A 15 -9.09 -15.05 45.36
C PRO A 15 -9.87 -16.23 44.78
N GLN A 16 -9.75 -17.39 45.43
CA GLN A 16 -10.44 -18.59 44.97
C GLN A 16 -11.95 -18.39 44.96
N ASN A 17 -12.56 -18.54 43.79
CA ASN A 17 -14.00 -18.37 43.65
C ASN A 17 -14.50 -19.08 42.38
N PHE A 18 -13.85 -18.80 41.26
CA PHE A 18 -14.23 -19.40 39.99
C PHE A 18 -13.51 -20.74 39.78
N SER A 19 -13.26 -21.43 40.88
CA SER A 19 -12.58 -22.73 40.83
C SER A 19 -13.55 -23.85 40.49
N VAL A 20 -14.80 -23.69 40.94
CA VAL A 20 -15.83 -24.69 40.69
C VAL A 20 -17.00 -24.09 39.91
N PRO A 21 -16.86 -23.96 38.57
CA PRO A 21 -17.92 -23.40 37.72
C PRO A 21 -19.22 -24.18 37.81
N SER A 22 -20.25 -23.54 38.35
CA SER A 22 -21.55 -24.18 38.49
C SER A 22 -22.36 -24.11 37.19
N PRO A 23 -22.46 -22.92 36.57
CA PRO A 23 -23.21 -22.75 35.31
C PRO A 23 -22.53 -23.46 34.14
N GLY A 24 -21.29 -23.03 33.85
CA GLY A 24 -20.55 -23.63 32.77
C GLY A 24 -19.49 -22.69 32.20
N PRO A 25 -18.95 -22.98 31.01
CA PRO A 25 -17.92 -22.14 30.37
C PRO A 25 -18.42 -20.73 30.11
N LEU A 26 -17.61 -19.74 30.49
CA LEU A 26 -17.96 -18.34 30.29
C LEU A 26 -19.29 -18.00 30.98
N ASN A 27 -19.77 -16.78 30.77
CA ASN A 27 -21.02 -16.34 31.37
C ASN A 27 -21.54 -15.07 30.70
N THR A 28 -20.65 -14.37 30.00
CA THR A 28 -21.01 -13.15 29.33
C THR A 28 -20.23 -12.98 28.02
N PRO A 29 -20.86 -12.43 26.97
CA PRO A 29 -20.21 -12.22 25.67
C PRO A 29 -19.16 -11.12 25.71
N VAL A 30 -17.97 -11.45 26.21
CA VAL A 30 -16.89 -10.49 26.30
C VAL A 30 -15.85 -10.73 25.20
N ASN A 31 -15.33 -9.63 24.64
CA ASN A 31 -14.34 -9.73 23.59
C ASN A 31 -13.42 -8.50 23.60
N PRO A 32 -12.13 -8.67 23.23
CA PRO A 32 -11.17 -7.56 23.19
C PRO A 32 -11.37 -6.65 21.98
N SER A 33 -12.31 -5.73 22.10
CA SER A 33 -12.61 -4.80 21.01
C SER A 33 -12.58 -3.35 21.52
N SER A 34 -11.68 -2.56 20.97
CA SER A 34 -11.56 -1.15 21.35
C SER A 34 -11.28 -0.27 20.13
N VAL A 35 -11.09 -0.93 18.98
CA VAL A 35 -10.82 -0.21 17.74
C VAL A 35 -11.70 -0.72 16.61
N MET A 36 -11.45 -0.24 15.39
CA MET A 36 -12.23 -0.66 14.24
C MET A 36 -11.98 -2.11 13.89
N SER A 37 -10.70 -2.46 13.74
CA SER A 37 -10.31 -3.82 13.39
C SER A 37 -9.12 -4.28 14.25
N PRO A 38 -9.39 -4.77 15.47
CA PRO A 38 -8.33 -5.24 16.37
C PRO A 38 -7.44 -6.29 15.72
N ALA A 39 -8.01 -7.08 14.82
CA ALA A 39 -7.27 -8.12 14.12
C ALA A 39 -6.92 -7.70 12.70
N GLY A 40 -5.69 -7.25 12.51
CA GLY A 40 -5.25 -6.83 11.19
C GLY A 40 -3.80 -6.36 11.18
N SER A 41 -2.98 -7.01 10.38
CA SER A 41 -1.56 -6.67 10.28
C SER A 41 -1.30 -5.84 9.03
N SER A 42 -0.85 -4.60 9.21
CA SER A 42 -0.55 -3.71 8.10
C SER A 42 0.86 -3.93 7.58
N GLN A 43 1.52 -4.96 8.09
CA GLN A 43 2.88 -5.27 7.68
C GLN A 43 2.92 -5.64 6.20
N ALA A 44 1.93 -6.41 5.75
CA ALA A 44 1.85 -6.83 4.36
C ALA A 44 1.68 -5.63 3.44
N GLU A 45 1.27 -4.50 4.02
CA GLU A 45 1.08 -3.28 3.25
C GLU A 45 2.38 -2.51 3.16
N GLU A 46 3.21 -2.71 4.17
CA GLU A 46 4.52 -2.07 4.22
C GLU A 46 5.51 -2.84 3.35
N GLN A 47 5.20 -4.12 3.14
CA GLN A 47 6.05 -4.99 2.33
C GLN A 47 5.66 -4.90 0.87
N GLN A 48 4.36 -4.90 0.60
CA GLN A 48 3.89 -4.80 -0.77
C GLN A 48 4.22 -3.44 -1.35
N TYR A 49 4.22 -2.42 -0.50
CA TYR A 49 4.55 -1.07 -0.93
C TYR A 49 5.93 -1.05 -1.57
N LEU A 50 6.83 -1.82 -0.98
CA LEU A 50 8.20 -1.94 -1.49
C LEU A 50 8.26 -3.00 -2.57
N ASP A 51 7.43 -4.02 -2.41
CA ASP A 51 7.36 -5.14 -3.34
C ASP A 51 6.87 -4.70 -4.72
N LYS A 52 6.04 -3.68 -4.73
CA LYS A 52 5.49 -3.16 -5.98
C LYS A 52 6.43 -2.13 -6.59
N LEU A 53 7.13 -1.41 -5.73
CA LEU A 53 8.06 -0.40 -6.19
C LEU A 53 9.26 -1.07 -6.85
N LYS A 54 9.59 -2.25 -6.34
CA LYS A 54 10.72 -3.00 -6.88
C LYS A 54 10.29 -3.87 -8.05
N GLN A 55 9.00 -4.16 -8.11
CA GLN A 55 8.45 -4.97 -9.18
C GLN A 55 8.36 -4.18 -10.48
N LEU A 56 8.06 -2.89 -10.36
CA LEU A 56 7.96 -2.02 -11.53
C LEU A 56 9.32 -1.44 -11.86
N SER A 57 10.16 -1.32 -10.83
CA SER A 57 11.51 -0.78 -11.00
C SER A 57 12.25 -1.50 -12.13
N LYS A 58 11.76 -2.69 -12.51
CA LYS A 58 12.36 -3.47 -13.59
C LYS A 58 11.77 -3.09 -14.93
N TYR A 59 10.45 -2.86 -14.96
CA TYR A 59 9.75 -2.48 -16.18
C TYR A 59 10.02 -1.04 -16.58
N ILE A 60 10.51 -0.25 -15.63
CA ILE A 60 10.81 1.16 -15.87
C ILE A 60 11.72 1.36 -17.08
N GLU A 61 12.47 0.33 -17.47
CA GLU A 61 13.40 0.48 -18.60
C GLU A 61 12.70 0.23 -19.93
N PRO A 62 12.08 -0.97 -20.10
CA PRO A 62 11.34 -1.33 -21.31
C PRO A 62 10.51 -0.17 -21.88
N LEU A 63 9.95 0.66 -21.02
CA LEU A 63 9.14 1.79 -21.48
C LEU A 63 9.90 2.64 -22.48
N ARG A 64 11.16 2.95 -22.17
CA ARG A 64 11.99 3.75 -23.05
C ARG A 64 12.02 3.17 -24.47
N ARG A 65 11.99 1.85 -24.56
CA ARG A 65 12.01 1.17 -25.85
C ARG A 65 10.62 1.15 -26.47
N MET A 66 9.60 1.17 -25.62
CA MET A 66 8.21 1.16 -26.10
C MET A 66 7.83 2.49 -26.71
N ILE A 67 8.19 3.58 -26.02
CA ILE A 67 7.89 4.93 -26.49
C ILE A 67 8.34 5.12 -27.94
N ASN A 68 9.38 4.38 -28.34
CA ASN A 68 9.90 4.48 -29.70
C ASN A 68 9.06 3.65 -30.67
N LYS A 69 8.89 2.37 -30.36
CA LYS A 69 8.12 1.47 -31.21
C LYS A 69 6.63 1.84 -31.25
N ILE A 70 6.23 2.70 -30.32
CA ILE A 70 4.84 3.14 -30.23
C ILE A 70 4.63 4.43 -31.01
N ASP A 71 5.57 5.36 -30.87
CA ASP A 71 5.50 6.62 -31.59
C ASP A 71 5.83 6.33 -33.05
N LYS A 72 6.29 5.11 -33.25
CA LYS A 72 6.67 4.60 -34.55
C LYS A 72 5.43 4.36 -35.41
N ASN A 73 4.28 4.24 -34.74
CA ASN A 73 3.01 4.01 -35.42
C ASN A 73 2.15 5.26 -35.36
N GLU A 74 1.48 5.55 -36.47
CA GLU A 74 0.61 6.73 -36.56
C GLU A 74 -0.69 6.52 -35.79
N ASP A 75 -0.96 5.28 -35.41
CA ASP A 75 -2.17 4.95 -34.67
C ASP A 75 -1.97 5.15 -33.17
N ARG A 76 -0.72 4.96 -32.70
CA ARG A 76 -0.41 5.11 -31.29
C ARG A 76 0.71 6.13 -31.09
N LYS A 77 0.81 7.09 -31.99
CA LYS A 77 1.84 8.13 -31.92
C LYS A 77 1.80 8.85 -30.57
N LYS A 78 0.64 9.42 -30.25
CA LYS A 78 0.47 10.16 -28.99
C LYS A 78 0.30 9.22 -27.80
N ASP A 79 -0.04 7.96 -28.08
CA ASP A 79 -0.24 6.97 -27.03
C ASP A 79 0.98 6.85 -26.12
N LEU A 80 2.13 7.33 -26.60
CA LEU A 80 3.37 7.27 -25.81
C LEU A 80 3.21 7.96 -24.46
N SER A 81 2.18 8.79 -24.35
CA SER A 81 1.91 9.53 -23.11
C SER A 81 1.82 8.59 -21.91
N LYS A 82 1.65 7.30 -22.16
CA LYS A 82 1.55 6.32 -21.08
C LYS A 82 2.94 5.83 -20.67
N MET A 83 3.70 5.33 -21.62
CA MET A 83 5.05 4.83 -21.33
C MET A 83 5.96 5.96 -20.87
N LYS A 84 6.00 7.05 -21.64
CA LYS A 84 6.82 8.20 -21.30
C LYS A 84 6.47 8.71 -19.90
N SER A 85 5.20 8.62 -19.54
CA SER A 85 4.76 9.06 -18.22
C SER A 85 5.18 8.10 -17.12
N LEU A 86 4.78 6.84 -17.24
CA LEU A 86 5.14 5.83 -16.24
C LEU A 86 6.65 5.80 -16.04
N LEU A 87 7.39 5.94 -17.14
CA LEU A 87 8.84 5.95 -17.09
C LEU A 87 9.35 7.22 -16.40
N ASP A 88 8.77 8.37 -16.77
CA ASP A 88 9.18 9.64 -16.19
C ASP A 88 8.79 9.75 -14.71
N ILE A 89 7.80 8.95 -14.30
CA ILE A 89 7.33 8.98 -12.92
C ILE A 89 8.16 8.07 -12.02
N LEU A 90 8.21 6.78 -12.37
CA LEU A 90 8.95 5.80 -11.57
C LEU A 90 10.47 6.07 -11.60
N THR A 91 10.89 7.07 -12.36
CA THR A 91 12.32 7.40 -12.46
C THR A 91 12.69 8.53 -11.52
N ASP A 92 11.84 8.79 -10.53
CA ASP A 92 12.10 9.86 -9.56
C ASP A 92 12.23 9.29 -8.14
N PRO A 93 13.35 8.62 -7.84
CA PRO A 93 13.60 8.04 -6.52
C PRO A 93 14.35 9.00 -5.60
N SER A 94 14.36 10.28 -5.95
CA SER A 94 15.04 11.29 -5.15
C SER A 94 14.29 11.57 -3.85
N LYS A 95 12.99 11.30 -3.87
CA LYS A 95 12.15 11.52 -2.70
C LYS A 95 11.20 10.35 -2.49
N ARG A 96 10.20 10.54 -1.64
CA ARG A 96 9.22 9.50 -1.35
C ARG A 96 8.58 8.99 -2.65
N CYS A 97 8.25 7.71 -2.67
CA CYS A 97 7.63 7.11 -3.84
C CYS A 97 6.20 6.66 -3.53
N PRO A 98 5.21 7.56 -3.72
CA PRO A 98 3.80 7.26 -3.45
C PRO A 98 3.33 5.99 -4.16
N LEU A 99 2.57 5.17 -3.45
CA LEU A 99 2.03 3.94 -4.00
C LEU A 99 1.01 4.22 -5.09
N LYS A 100 0.52 5.47 -5.13
CA LYS A 100 -0.47 5.86 -6.11
C LYS A 100 0.12 5.80 -7.52
N THR A 101 1.44 5.99 -7.61
CA THR A 101 2.13 5.94 -8.90
C THR A 101 2.59 4.52 -9.20
N LEU A 102 2.83 3.75 -8.15
CA LEU A 102 3.26 2.37 -8.30
C LEU A 102 2.09 1.52 -8.77
N GLN A 103 1.03 1.52 -7.97
CA GLN A 103 -0.17 0.75 -8.29
C GLN A 103 -0.74 1.18 -9.65
N LYS A 104 -0.65 2.47 -9.94
CA LYS A 104 -1.15 2.99 -11.21
C LYS A 104 -0.26 2.55 -12.36
N CYS A 105 1.05 2.62 -12.17
CA CYS A 105 1.98 2.20 -13.20
C CYS A 105 1.87 0.71 -13.43
N GLU A 106 1.55 -0.04 -12.38
CA GLU A 106 1.38 -1.48 -12.49
C GLU A 106 0.10 -1.81 -13.24
N ILE A 107 -0.99 -1.15 -12.84
CA ILE A 107 -2.27 -1.36 -13.49
C ILE A 107 -2.25 -0.80 -14.91
N ALA A 108 -1.61 0.35 -15.08
CA ALA A 108 -1.52 0.98 -16.40
C ALA A 108 -0.66 0.14 -17.34
N LEU A 109 0.56 -0.17 -16.90
CA LEU A 109 1.47 -0.97 -17.71
C LEU A 109 0.86 -2.33 -18.05
N GLU A 110 0.08 -2.87 -17.13
CA GLU A 110 -0.58 -4.16 -17.33
C GLU A 110 -1.73 -4.05 -18.33
N LYS A 111 -2.40 -2.90 -18.31
CA LYS A 111 -3.52 -2.66 -19.21
C LYS A 111 -3.04 -2.46 -20.64
N LEU A 112 -1.81 -1.96 -20.76
CA LEU A 112 -1.22 -1.71 -22.07
C LEU A 112 -0.76 -3.00 -22.71
N LYS A 113 -0.52 -4.03 -21.88
CA LYS A 113 -0.07 -5.32 -22.36
C LYS A 113 -1.17 -6.02 -23.16
N ASN A 114 -2.41 -5.83 -22.73
CA ASN A 114 -3.56 -6.44 -23.40
C ASN A 114 -3.85 -5.72 -24.71
N ASP A 115 -3.63 -4.40 -24.73
CA ASP A 115 -3.85 -3.60 -25.92
C ASP A 115 -2.85 -3.95 -27.00
N MET A 116 -1.63 -4.31 -26.58
CA MET A 116 -0.58 -4.68 -27.51
C MET A 116 -0.74 -6.13 -27.97
N ALA A 117 -1.40 -6.93 -27.13
CA ALA A 117 -1.63 -8.33 -27.46
C ALA A 117 -2.97 -8.51 -28.17
N VAL A 118 -2.94 -8.40 -29.50
CA VAL A 118 -4.14 -8.55 -30.31
C VAL A 118 -4.51 -10.02 -30.48
N MET A 1 0.00 27.04 20.75
CA MET A 1 1.13 27.78 21.39
C MET A 1 0.94 27.85 22.91
N HIS A 2 -0.18 28.41 23.32
CA HIS A 2 -0.48 28.54 24.75
C HIS A 2 -1.95 28.28 25.02
N HIS A 3 -2.22 27.29 25.87
CA HIS A 3 -3.59 26.93 26.21
C HIS A 3 -3.74 26.71 27.72
N HIS A 4 -4.90 27.03 28.25
CA HIS A 4 -5.17 26.87 29.67
C HIS A 4 -6.33 25.90 29.92
N HIS A 5 -6.81 25.27 28.85
CA HIS A 5 -7.92 24.33 28.95
C HIS A 5 -7.60 23.04 28.20
N HIS A 6 -7.18 23.18 26.94
CA HIS A 6 -6.85 22.02 26.12
C HIS A 6 -5.40 21.62 26.30
N HIS A 7 -5.13 20.32 26.35
CA HIS A 7 -3.78 19.81 26.51
C HIS A 7 -3.23 19.30 25.18
N ALA A 8 -3.85 19.71 24.09
CA ALA A 8 -3.43 19.28 22.76
C ALA A 8 -2.34 20.19 22.21
N SER A 9 -1.11 19.69 22.20
CA SER A 9 0.02 20.46 21.70
C SER A 9 -0.01 20.54 20.17
N VAL A 10 -0.32 19.41 19.54
CA VAL A 10 -0.39 19.34 18.09
C VAL A 10 -1.83 19.35 17.61
N THR A 11 -2.06 19.88 16.41
CA THR A 11 -3.40 19.95 15.84
C THR A 11 -3.55 19.00 14.65
N ALA A 12 -2.59 18.08 14.52
CA ALA A 12 -2.62 17.11 13.43
C ALA A 12 -3.38 15.85 13.82
N ARG A 13 -3.86 15.12 12.82
CA ARG A 13 -4.60 13.88 13.06
C ARG A 13 -4.10 12.76 12.15
N THR A 14 -3.46 11.77 12.76
CA THR A 14 -2.91 10.64 12.03
C THR A 14 -3.90 9.47 12.03
N PRO A 15 -4.08 8.80 10.87
CA PRO A 15 -5.00 7.66 10.76
C PRO A 15 -4.53 6.45 11.56
N GLN A 16 -5.04 6.32 12.78
CA GLN A 16 -4.67 5.21 13.64
C GLN A 16 -5.70 4.09 13.57
N ASN A 17 -6.69 4.27 12.72
CA ASN A 17 -7.76 3.27 12.54
C ASN A 17 -7.18 1.96 12.03
N PHE A 18 -6.12 2.06 11.23
CA PHE A 18 -5.48 0.89 10.66
C PHE A 18 -4.17 0.57 11.40
N SER A 19 -4.20 -0.50 12.18
CA SER A 19 -3.02 -0.91 12.95
C SER A 19 -2.58 -2.32 12.54
N VAL A 20 -1.32 -2.64 12.82
CA VAL A 20 -0.78 -3.95 12.49
C VAL A 20 -0.10 -4.60 13.70
N PRO A 21 -0.37 -5.89 13.96
CA PRO A 21 0.22 -6.62 15.09
C PRO A 21 1.73 -6.72 14.98
N SER A 22 2.43 -6.33 16.05
CA SER A 22 3.89 -6.40 16.09
C SER A 22 4.42 -6.19 17.51
N PRO A 23 4.00 -5.10 18.21
CA PRO A 23 4.47 -4.84 19.57
C PRO A 23 3.83 -5.78 20.59
N GLY A 24 4.42 -6.95 20.78
CA GLY A 24 3.90 -7.91 21.72
C GLY A 24 2.85 -8.83 21.09
N PRO A 25 3.28 -9.74 20.20
CA PRO A 25 2.37 -10.68 19.53
C PRO A 25 1.89 -11.79 20.45
N LEU A 26 2.74 -12.18 21.40
CA LEU A 26 2.41 -13.24 22.35
C LEU A 26 2.05 -12.67 23.71
N ASN A 27 2.04 -11.34 23.82
CA ASN A 27 1.71 -10.68 25.08
C ASN A 27 0.26 -10.94 25.46
N THR A 28 -0.67 -10.39 24.70
CA THR A 28 -2.09 -10.58 24.97
C THR A 28 -2.92 -10.35 23.70
N PRO A 29 -3.08 -11.39 22.86
CA PRO A 29 -3.85 -11.30 21.62
C PRO A 29 -5.28 -10.82 21.86
N VAL A 30 -5.78 -9.99 20.96
CA VAL A 30 -7.13 -9.46 21.08
C VAL A 30 -8.15 -10.37 20.40
N ASN A 31 -7.76 -11.62 20.17
CA ASN A 31 -8.63 -12.59 19.54
C ASN A 31 -8.46 -13.97 20.16
N PRO A 32 -9.30 -14.32 21.16
CA PRO A 32 -9.22 -15.63 21.83
C PRO A 32 -9.64 -16.78 20.93
N SER A 33 -8.67 -17.52 20.41
CA SER A 33 -8.94 -18.65 19.54
C SER A 33 -7.91 -19.76 19.75
N SER A 34 -8.40 -20.96 19.99
CA SER A 34 -7.51 -22.11 20.21
C SER A 34 -7.85 -23.26 19.28
N VAL A 35 -9.13 -23.36 18.91
CA VAL A 35 -9.59 -24.42 18.02
C VAL A 35 -8.97 -24.28 16.63
N MET A 36 -8.14 -25.25 16.26
CA MET A 36 -7.49 -25.23 14.95
C MET A 36 -8.51 -25.50 13.84
N SER A 37 -9.10 -24.42 13.32
CA SER A 37 -10.08 -24.54 12.25
C SER A 37 -9.95 -23.40 11.24
N PRO A 38 -8.86 -23.39 10.45
CA PRO A 38 -8.61 -22.36 9.44
C PRO A 38 -9.80 -22.17 8.51
N ALA A 39 -10.11 -20.92 8.21
CA ALA A 39 -11.23 -20.60 7.32
C ALA A 39 -10.73 -20.20 5.94
N GLY A 40 -9.41 -20.18 5.77
CA GLY A 40 -8.83 -19.82 4.50
C GLY A 40 -7.31 -19.69 4.56
N SER A 41 -6.62 -20.39 3.67
CA SER A 41 -5.17 -20.33 3.63
C SER A 41 -4.68 -19.86 2.26
N SER A 42 -5.59 -19.83 1.29
CA SER A 42 -5.26 -19.40 -0.06
C SER A 42 -6.43 -18.65 -0.70
N GLN A 43 -7.39 -18.24 0.14
CA GLN A 43 -8.56 -17.51 -0.34
C GLN A 43 -8.26 -16.02 -0.45
N ALA A 44 -7.46 -15.51 0.48
CA ALA A 44 -7.09 -14.10 0.49
C ALA A 44 -5.92 -13.83 -0.45
N GLU A 45 -5.22 -14.90 -0.82
CA GLU A 45 -4.08 -14.78 -1.72
C GLU A 45 -4.52 -14.86 -3.17
N GLU A 46 -5.64 -15.55 -3.39
CA GLU A 46 -6.19 -15.69 -4.72
C GLU A 46 -7.05 -14.47 -5.04
N GLN A 47 -7.50 -13.80 -3.99
CA GLN A 47 -8.32 -12.60 -4.15
C GLN A 47 -7.44 -11.36 -4.28
N GLN A 48 -6.39 -11.29 -3.48
CA GLN A 48 -5.48 -10.15 -3.54
C GLN A 48 -4.67 -10.20 -4.83
N TYR A 49 -4.33 -11.42 -5.26
CA TYR A 49 -3.57 -11.61 -6.49
C TYR A 49 -4.27 -10.89 -7.63
N LEU A 50 -5.58 -11.05 -7.69
CA LEU A 50 -6.39 -10.43 -8.72
C LEU A 50 -6.73 -9.00 -8.34
N ASP A 51 -6.85 -8.78 -7.04
CA ASP A 51 -7.19 -7.46 -6.52
C ASP A 51 -6.10 -6.44 -6.80
N LYS A 52 -4.85 -6.89 -6.80
CA LYS A 52 -3.72 -6.00 -7.03
C LYS A 52 -3.42 -5.89 -8.52
N LEU A 53 -3.81 -6.91 -9.28
CA LEU A 53 -3.57 -6.90 -10.71
C LEU A 53 -4.62 -6.02 -11.39
N LYS A 54 -5.80 -5.98 -10.78
CA LYS A 54 -6.89 -5.18 -11.31
C LYS A 54 -6.82 -3.75 -10.81
N GLN A 55 -6.07 -3.56 -9.74
CA GLN A 55 -5.90 -2.24 -9.15
C GLN A 55 -4.89 -1.44 -9.98
N LEU A 56 -3.85 -2.13 -10.44
CA LEU A 56 -2.82 -1.50 -11.24
C LEU A 56 -3.24 -1.44 -12.70
N SER A 57 -4.04 -2.41 -13.12
CA SER A 57 -4.54 -2.45 -14.49
C SER A 57 -5.15 -1.10 -14.87
N LYS A 58 -5.64 -0.37 -13.87
CA LYS A 58 -6.23 0.94 -14.08
C LYS A 58 -5.16 2.03 -14.03
N TYR A 59 -4.20 1.86 -13.12
CA TYR A 59 -3.11 2.81 -12.98
C TYR A 59 -2.31 2.93 -14.28
N ILE A 60 -2.48 1.94 -15.14
CA ILE A 60 -1.79 1.91 -16.43
C ILE A 60 -1.92 3.24 -17.19
N GLU A 61 -2.95 4.02 -16.89
CA GLU A 61 -3.18 5.29 -17.58
C GLU A 61 -2.40 6.42 -16.92
N PRO A 62 -2.68 6.71 -15.63
CA PRO A 62 -2.00 7.75 -14.86
C PRO A 62 -0.49 7.80 -15.13
N LEU A 63 0.19 6.65 -15.11
CA LEU A 63 1.62 6.62 -15.34
C LEU A 63 1.98 7.25 -16.68
N ARG A 64 1.18 6.97 -17.70
CA ARG A 64 1.42 7.52 -19.03
C ARG A 64 1.29 9.03 -19.03
N ARG A 65 0.46 9.55 -18.13
CA ARG A 65 0.26 11.00 -18.02
C ARG A 65 1.32 11.62 -17.12
N MET A 66 1.91 10.80 -16.26
CA MET A 66 2.94 11.29 -15.34
C MET A 66 4.31 11.32 -16.01
N ILE A 67 4.62 10.30 -16.81
CA ILE A 67 5.89 10.22 -17.52
C ILE A 67 6.19 11.52 -18.26
N ASN A 68 5.13 12.22 -18.68
CA ASN A 68 5.30 13.47 -19.40
C ASN A 68 5.43 14.66 -18.44
N LYS A 69 4.69 14.62 -17.34
CA LYS A 69 4.72 15.69 -16.35
C LYS A 69 5.95 15.60 -15.45
N ILE A 70 6.63 14.46 -15.50
CA ILE A 70 7.82 14.22 -14.68
C ILE A 70 9.08 14.61 -15.43
N ASP A 71 9.13 14.28 -16.72
CA ASP A 71 10.27 14.64 -17.56
C ASP A 71 10.16 16.11 -17.86
N LYS A 72 9.05 16.67 -17.41
CA LYS A 72 8.72 18.07 -17.58
C LYS A 72 9.57 18.94 -16.66
N ASN A 73 10.07 18.34 -15.59
CA ASN A 73 10.91 19.05 -14.62
C ASN A 73 12.36 18.61 -14.75
N GLU A 74 13.25 19.57 -15.00
CA GLU A 74 14.67 19.28 -15.15
C GLU A 74 15.29 18.81 -13.83
N ASP A 75 14.55 19.01 -12.73
CA ASP A 75 15.03 18.61 -11.42
C ASP A 75 14.82 17.12 -11.16
N ARG A 76 13.73 16.58 -11.72
CA ARG A 76 13.41 15.17 -11.55
C ARG A 76 13.07 14.52 -12.89
N LYS A 77 13.68 15.05 -13.95
CA LYS A 77 13.45 14.54 -15.30
C LYS A 77 13.78 13.05 -15.40
N LYS A 78 14.80 12.62 -14.68
CA LYS A 78 15.23 11.22 -14.69
C LYS A 78 14.30 10.34 -13.86
N ASP A 79 13.54 10.97 -12.96
CA ASP A 79 12.61 10.25 -12.10
C ASP A 79 11.60 9.43 -12.91
N LEU A 80 11.45 9.77 -14.19
CA LEU A 80 10.50 9.06 -15.05
C LEU A 80 10.80 7.57 -15.09
N SER A 81 12.02 7.21 -14.70
CA SER A 81 12.44 5.81 -14.69
C SER A 81 11.51 4.95 -13.85
N LYS A 82 10.72 5.59 -12.99
CA LYS A 82 9.77 4.87 -12.14
C LYS A 82 8.44 4.68 -12.84
N MET A 83 7.90 5.77 -13.39
CA MET A 83 6.62 5.70 -14.09
C MET A 83 6.73 4.82 -15.32
N LYS A 84 7.58 5.22 -16.25
CA LYS A 84 7.79 4.46 -17.47
C LYS A 84 8.06 2.99 -17.16
N SER A 85 8.76 2.73 -16.07
CA SER A 85 9.07 1.35 -15.67
C SER A 85 7.82 0.61 -15.22
N LEU A 86 7.13 1.16 -14.23
CA LEU A 86 5.90 0.52 -13.73
C LEU A 86 4.95 0.26 -14.89
N LEU A 87 4.71 1.29 -15.70
CA LEU A 87 3.84 1.17 -16.86
C LEU A 87 4.39 0.13 -17.85
N ASP A 88 5.70 0.12 -18.04
CA ASP A 88 6.33 -0.82 -18.97
C ASP A 88 6.10 -2.27 -18.57
N ILE A 89 6.07 -2.53 -17.27
CA ILE A 89 5.88 -3.89 -16.77
C ILE A 89 4.40 -4.24 -16.63
N LEU A 90 3.68 -3.48 -15.82
CA LEU A 90 2.26 -3.73 -15.57
C LEU A 90 1.41 -3.64 -16.84
N THR A 91 2.02 -3.29 -17.96
CA THR A 91 1.27 -3.18 -19.23
C THR A 91 0.89 -4.55 -19.78
N ASP A 92 1.11 -5.59 -18.98
CA ASP A 92 0.79 -6.96 -19.40
C ASP A 92 -0.22 -7.60 -18.45
N PRO A 93 -1.48 -7.14 -18.48
CA PRO A 93 -2.54 -7.67 -17.63
C PRO A 93 -3.16 -8.94 -18.19
N SER A 94 -3.38 -8.96 -19.50
CA SER A 94 -3.98 -10.12 -20.17
C SER A 94 -3.02 -11.30 -20.15
N LYS A 95 -1.72 -11.00 -20.23
CA LYS A 95 -0.70 -12.04 -20.22
C LYS A 95 -0.30 -12.40 -18.80
N ARG A 96 0.79 -13.14 -18.65
CA ARG A 96 1.27 -13.54 -17.33
C ARG A 96 1.54 -12.31 -16.46
N CYS A 97 1.10 -12.38 -15.20
CA CYS A 97 1.28 -11.28 -14.27
C CYS A 97 1.72 -11.80 -12.90
N PRO A 98 3.04 -11.92 -12.66
CA PRO A 98 3.58 -12.41 -11.38
C PRO A 98 3.25 -11.48 -10.22
N LEU A 99 3.09 -12.06 -9.04
CA LEU A 99 2.77 -11.29 -7.83
C LEU A 99 3.86 -10.28 -7.52
N LYS A 100 5.04 -10.47 -8.13
CA LYS A 100 6.17 -9.57 -7.91
C LYS A 100 5.94 -8.23 -8.59
N THR A 101 5.67 -8.27 -9.90
CA THR A 101 5.44 -7.05 -10.68
C THR A 101 4.22 -6.31 -10.18
N LEU A 102 3.22 -7.05 -9.72
CA LEU A 102 1.99 -6.44 -9.21
C LEU A 102 2.28 -5.75 -7.88
N GLN A 103 2.70 -6.55 -6.90
CA GLN A 103 3.02 -6.02 -5.58
C GLN A 103 4.04 -4.88 -5.67
N LYS A 104 4.89 -4.93 -6.70
CA LYS A 104 5.90 -3.90 -6.91
C LYS A 104 5.28 -2.63 -7.45
N CYS A 105 4.58 -2.74 -8.57
CA CYS A 105 3.94 -1.57 -9.14
C CYS A 105 2.90 -1.00 -8.19
N GLU A 106 2.46 -1.81 -7.23
CA GLU A 106 1.49 -1.37 -6.24
C GLU A 106 2.18 -0.64 -5.10
N ILE A 107 3.31 -1.20 -4.65
CA ILE A 107 4.08 -0.59 -3.57
C ILE A 107 4.92 0.58 -4.08
N ALA A 108 5.35 0.48 -5.33
CA ALA A 108 6.17 1.52 -5.95
C ALA A 108 5.32 2.74 -6.32
N LEU A 109 4.14 2.50 -6.90
CA LEU A 109 3.25 3.58 -7.28
C LEU A 109 2.70 4.31 -6.05
N GLU A 110 2.50 3.56 -4.97
CA GLU A 110 1.98 4.14 -3.73
C GLU A 110 3.01 5.01 -3.04
N LYS A 111 4.19 4.45 -2.79
CA LYS A 111 5.26 5.17 -2.12
C LYS A 111 5.66 6.41 -2.91
N LEU A 112 5.65 6.30 -4.23
CA LEU A 112 6.01 7.41 -5.11
C LEU A 112 4.89 8.44 -5.18
N LYS A 113 3.68 8.03 -4.81
CA LYS A 113 2.52 8.91 -4.83
C LYS A 113 2.54 9.85 -3.64
N ASN A 114 3.15 9.41 -2.55
CA ASN A 114 3.22 10.22 -1.33
C ASN A 114 4.17 11.40 -1.52
N ASP A 115 5.21 11.20 -2.33
CA ASP A 115 6.19 12.24 -2.59
C ASP A 115 5.58 13.38 -3.40
N MET A 116 4.65 13.04 -4.28
CA MET A 116 3.98 14.03 -5.11
C MET A 116 2.76 14.60 -4.39
N ALA A 117 2.21 13.84 -3.45
CA ALA A 117 1.04 14.27 -2.70
C ALA A 117 1.44 15.24 -1.59
N VAL A 118 1.48 16.52 -1.93
CA VAL A 118 1.84 17.56 -0.96
C VAL A 118 0.63 17.96 -0.12
N MET A 1 -18.96 23.36 30.74
CA MET A 1 -18.29 23.17 29.44
C MET A 1 -18.89 24.08 28.38
N HIS A 2 -18.03 24.82 27.69
CA HIS A 2 -18.48 25.75 26.64
C HIS A 2 -17.72 25.51 25.34
N HIS A 3 -16.45 25.13 25.48
CA HIS A 3 -15.60 24.86 24.32
C HIS A 3 -14.64 23.72 24.59
N HIS A 4 -14.18 23.07 23.53
CA HIS A 4 -13.25 21.94 23.66
C HIS A 4 -12.41 21.80 22.39
N HIS A 5 -11.11 21.62 22.58
CA HIS A 5 -10.19 21.46 21.45
C HIS A 5 -9.56 20.07 21.45
N HIS A 6 -10.05 19.21 20.57
CA HIS A 6 -9.53 17.85 20.46
C HIS A 6 -9.60 17.14 21.81
N HIS A 7 -10.77 16.62 22.15
CA HIS A 7 -10.97 15.92 23.42
C HIS A 7 -10.92 14.41 23.22
N ALA A 8 -11.70 13.92 22.26
CA ALA A 8 -11.75 12.49 21.98
C ALA A 8 -10.56 12.06 21.12
N SER A 9 -9.98 10.91 21.44
CA SER A 9 -8.84 10.38 20.70
C SER A 9 -9.25 9.15 19.90
N VAL A 10 -9.38 9.33 18.59
CA VAL A 10 -9.77 8.22 17.70
C VAL A 10 -8.55 7.62 17.02
N THR A 11 -7.98 8.36 16.08
CA THR A 11 -6.81 7.89 15.33
C THR A 11 -5.51 8.17 16.09
N ALA A 12 -5.62 8.31 17.41
CA ALA A 12 -4.46 8.58 18.25
C ALA A 12 -3.98 7.31 18.92
N ARG A 13 -4.56 6.18 18.54
CA ARG A 13 -4.19 4.89 19.11
C ARG A 13 -2.83 4.44 18.60
N THR A 14 -2.05 3.83 19.48
CA THR A 14 -0.71 3.34 19.11
C THR A 14 -0.50 1.90 19.56
N PRO A 15 -0.96 0.92 18.75
CA PRO A 15 -0.82 -0.49 19.08
C PRO A 15 0.59 -1.02 18.78
N GLN A 16 1.57 -0.12 18.78
CA GLN A 16 2.95 -0.50 18.53
C GLN A 16 3.71 -0.68 19.83
N ASN A 17 3.53 0.25 20.76
CA ASN A 17 4.21 0.19 22.04
C ASN A 17 3.43 -0.70 23.02
N PHE A 18 2.12 -0.50 23.09
CA PHE A 18 1.27 -1.29 23.97
C PHE A 18 0.95 -2.64 23.34
N SER A 19 1.21 -3.71 24.08
CA SER A 19 0.95 -5.06 23.59
C SER A 19 0.42 -5.95 24.72
N VAL A 20 0.05 -7.18 24.37
CA VAL A 20 -0.47 -8.14 25.34
C VAL A 20 0.13 -9.52 25.14
N PRO A 21 1.40 -9.71 25.55
CA PRO A 21 2.09 -11.00 25.42
C PRO A 21 1.59 -12.05 26.40
N SER A 22 1.18 -11.60 27.57
CA SER A 22 0.67 -12.50 28.61
C SER A 22 -0.65 -11.99 29.18
N PRO A 23 -1.78 -12.39 28.58
CA PRO A 23 -3.12 -11.97 29.04
C PRO A 23 -3.37 -12.34 30.50
N GLY A 24 -3.19 -13.61 30.83
CA GLY A 24 -3.41 -14.06 32.20
C GLY A 24 -2.36 -15.08 32.63
N PRO A 25 -2.62 -15.79 33.75
CA PRO A 25 -1.68 -16.80 34.27
C PRO A 25 -1.31 -17.84 33.22
N LEU A 26 -2.31 -18.57 32.72
CA LEU A 26 -2.09 -19.59 31.71
C LEU A 26 -1.69 -18.95 30.37
N ASN A 27 -1.19 -19.78 29.46
CA ASN A 27 -0.79 -19.30 28.15
C ASN A 27 -1.61 -19.95 27.04
N THR A 28 -2.73 -19.32 26.70
CA THR A 28 -3.62 -19.83 25.67
C THR A 28 -2.92 -19.87 24.30
N PRO A 29 -3.18 -20.91 23.49
CA PRO A 29 -2.58 -21.05 22.16
C PRO A 29 -2.97 -19.90 21.23
N VAL A 30 -1.98 -19.26 20.63
CA VAL A 30 -2.21 -18.16 19.72
C VAL A 30 -2.55 -18.65 18.32
N ASN A 31 -3.83 -18.86 18.06
CA ASN A 31 -4.29 -19.35 16.76
C ASN A 31 -4.49 -18.17 15.80
N PRO A 32 -4.35 -18.42 14.48
CA PRO A 32 -4.51 -17.38 13.46
C PRO A 32 -5.98 -17.11 13.15
N SER A 33 -6.78 -16.87 14.18
CA SER A 33 -8.21 -16.60 14.02
C SER A 33 -8.89 -17.74 13.28
N SER A 34 -8.75 -18.95 13.80
CA SER A 34 -9.36 -20.13 13.20
C SER A 34 -10.58 -20.60 14.00
N VAL A 35 -11.26 -19.64 14.62
CA VAL A 35 -12.45 -19.95 15.41
C VAL A 35 -13.67 -20.15 14.54
N MET A 36 -13.56 -19.75 13.27
CA MET A 36 -14.67 -19.90 12.33
C MET A 36 -14.19 -19.79 10.88
N SER A 37 -15.04 -20.17 9.95
CA SER A 37 -14.72 -20.12 8.52
C SER A 37 -15.96 -19.84 7.69
N PRO A 38 -16.41 -18.57 7.64
CA PRO A 38 -17.60 -18.17 6.89
C PRO A 38 -17.58 -18.68 5.44
N ALA A 39 -16.44 -18.50 4.78
CA ALA A 39 -16.30 -18.93 3.39
C ALA A 39 -14.84 -19.22 3.05
N GLY A 40 -13.93 -18.54 3.73
CA GLY A 40 -12.50 -18.74 3.47
C GLY A 40 -11.64 -18.08 4.53
N SER A 41 -10.65 -17.32 4.07
CA SER A 41 -9.73 -16.63 4.98
C SER A 41 -9.38 -15.25 4.46
N SER A 42 -9.23 -14.29 5.37
CA SER A 42 -8.89 -12.92 5.00
C SER A 42 -7.40 -12.68 5.14
N GLN A 43 -6.64 -13.77 5.32
CA GLN A 43 -5.19 -13.68 5.46
C GLN A 43 -4.52 -13.47 4.10
N ALA A 44 -5.21 -13.86 3.04
CA ALA A 44 -4.68 -13.72 1.69
C ALA A 44 -4.83 -12.28 1.19
N GLU A 45 -5.69 -11.51 1.84
CA GLU A 45 -5.92 -10.12 1.46
C GLU A 45 -4.92 -9.20 2.14
N GLU A 46 -4.49 -9.62 3.31
CA GLU A 46 -3.51 -8.85 4.08
C GLU A 46 -2.11 -9.17 3.59
N GLN A 47 -1.95 -10.36 3.04
CA GLN A 47 -0.65 -10.80 2.52
C GLN A 47 -0.46 -10.37 1.08
N GLN A 48 -1.55 -10.31 0.31
CA GLN A 48 -1.47 -9.88 -1.06
C GLN A 48 -1.39 -8.37 -1.15
N TYR A 49 -1.98 -7.69 -0.16
CA TYR A 49 -1.95 -6.24 -0.13
C TYR A 49 -0.50 -5.76 -0.09
N LEU A 50 0.31 -6.47 0.68
CA LEU A 50 1.72 -6.14 0.80
C LEU A 50 2.50 -6.79 -0.33
N ASP A 51 2.06 -7.98 -0.71
CA ASP A 51 2.70 -8.73 -1.79
C ASP A 51 2.47 -8.03 -3.12
N LYS A 52 1.47 -7.16 -3.15
CA LYS A 52 1.13 -6.40 -4.34
C LYS A 52 2.00 -5.16 -4.42
N LEU A 53 2.36 -4.63 -3.25
CA LEU A 53 3.22 -3.45 -3.21
C LEU A 53 4.56 -3.80 -3.81
N LYS A 54 4.99 -5.03 -3.56
CA LYS A 54 6.28 -5.52 -4.04
C LYS A 54 6.17 -6.08 -5.45
N GLN A 55 4.97 -6.48 -5.82
CA GLN A 55 4.72 -7.04 -7.14
C GLN A 55 4.93 -6.01 -8.23
N LEU A 56 4.43 -4.79 -7.99
CA LEU A 56 4.56 -3.70 -8.96
C LEU A 56 5.81 -2.88 -8.67
N SER A 57 6.27 -2.94 -7.43
CA SER A 57 7.47 -2.21 -7.02
C SER A 57 8.63 -2.43 -8.00
N LYS A 58 8.55 -3.53 -8.75
CA LYS A 58 9.60 -3.86 -9.72
C LYS A 58 9.33 -3.21 -11.08
N TYR A 59 8.05 -3.11 -11.44
CA TYR A 59 7.65 -2.52 -12.72
C TYR A 59 7.67 -0.99 -12.66
N ILE A 60 7.66 -0.44 -11.46
CA ILE A 60 7.69 1.02 -11.27
C ILE A 60 9.09 1.61 -11.39
N GLU A 61 10.12 0.78 -11.25
CA GLU A 61 11.50 1.28 -11.30
C GLU A 61 11.84 1.67 -12.74
N PRO A 62 11.69 0.73 -13.68
CA PRO A 62 11.90 0.98 -15.11
C PRO A 62 11.37 2.34 -15.58
N LEU A 63 10.37 2.84 -14.87
CA LEU A 63 9.77 4.13 -15.20
C LEU A 63 10.83 5.22 -15.33
N ARG A 64 11.90 5.12 -14.55
CA ARG A 64 12.98 6.08 -14.61
C ARG A 64 13.57 6.15 -16.01
N ARG A 65 13.82 4.99 -16.60
CA ARG A 65 14.36 4.90 -17.94
C ARG A 65 13.34 5.37 -18.97
N MET A 66 12.08 5.02 -18.74
CA MET A 66 10.99 5.41 -19.65
C MET A 66 10.85 6.92 -19.71
N ILE A 67 10.61 7.54 -18.56
CA ILE A 67 10.44 9.00 -18.47
C ILE A 67 11.51 9.74 -19.29
N ASN A 68 12.65 9.09 -19.51
CA ASN A 68 13.73 9.71 -20.26
C ASN A 68 13.54 9.54 -21.77
N LYS A 69 13.20 8.34 -22.20
CA LYS A 69 13.01 8.05 -23.63
C LYS A 69 11.66 8.54 -24.13
N ILE A 70 10.77 8.87 -23.21
CA ILE A 70 9.43 9.34 -23.56
C ILE A 70 9.40 10.86 -23.61
N ASP A 71 10.06 11.52 -22.66
CA ASP A 71 10.13 12.97 -22.65
C ASP A 71 11.02 13.38 -23.79
N LYS A 72 11.66 12.37 -24.36
CA LYS A 72 12.56 12.52 -25.48
C LYS A 72 11.78 12.83 -26.75
N ASN A 73 10.51 12.42 -26.76
CA ASN A 73 9.63 12.67 -27.90
C ASN A 73 8.57 13.71 -27.54
N GLU A 74 8.27 14.59 -28.48
CA GLU A 74 7.28 15.65 -28.26
C GLU A 74 5.86 15.11 -28.44
N ASP A 75 5.74 13.92 -29.01
CA ASP A 75 4.45 13.29 -29.25
C ASP A 75 3.96 12.54 -28.01
N ARG A 76 4.86 12.31 -27.06
CA ARG A 76 4.51 11.59 -25.84
C ARG A 76 4.95 12.38 -24.60
N LYS A 77 4.99 13.70 -24.73
CA LYS A 77 5.39 14.55 -23.61
C LYS A 77 4.33 14.57 -22.52
N LYS A 78 3.07 14.34 -22.90
CA LYS A 78 1.98 14.33 -21.94
C LYS A 78 1.79 12.95 -21.31
N ASP A 79 2.32 11.92 -21.97
CA ASP A 79 2.18 10.55 -21.50
C ASP A 79 3.16 10.21 -20.38
N LEU A 80 4.27 10.96 -20.29
CA LEU A 80 5.27 10.70 -19.26
C LEU A 80 4.68 10.86 -17.86
N SER A 81 3.54 11.54 -17.78
CA SER A 81 2.87 11.78 -16.50
C SER A 81 2.45 10.47 -15.84
N LYS A 82 2.40 9.39 -16.62
CA LYS A 82 2.00 8.09 -16.08
C LYS A 82 3.16 7.42 -15.36
N MET A 83 4.34 7.45 -15.97
CA MET A 83 5.53 6.85 -15.38
C MET A 83 6.02 7.65 -14.18
N LYS A 84 6.17 8.95 -14.36
CA LYS A 84 6.64 9.82 -13.29
C LYS A 84 5.71 9.74 -12.07
N SER A 85 4.42 9.52 -12.33
CA SER A 85 3.45 9.43 -11.25
C SER A 85 3.45 8.05 -10.61
N LEU A 86 3.31 7.00 -11.42
CA LEU A 86 3.30 5.64 -10.89
C LEU A 86 4.54 5.38 -10.07
N LEU A 87 5.66 5.98 -10.49
CA LEU A 87 6.91 5.83 -9.77
C LEU A 87 6.91 6.67 -8.50
N ASP A 88 6.56 7.95 -8.64
CA ASP A 88 6.54 8.86 -7.49
C ASP A 88 5.48 8.45 -6.46
N ILE A 89 4.51 7.66 -6.89
CA ILE A 89 3.44 7.22 -5.99
C ILE A 89 3.82 5.97 -5.21
N LEU A 90 4.10 4.88 -5.93
CA LEU A 90 4.45 3.61 -5.30
C LEU A 90 5.84 3.63 -4.64
N THR A 91 6.56 4.73 -4.80
CA THR A 91 7.89 4.85 -4.21
C THR A 91 7.83 5.27 -2.75
N ASP A 92 6.63 5.16 -2.17
CA ASP A 92 6.44 5.52 -0.76
C ASP A 92 6.05 4.30 0.08
N PRO A 93 7.05 3.51 0.51
CA PRO A 93 6.80 2.31 1.33
C PRO A 93 6.33 2.66 2.73
N SER A 94 6.78 3.81 3.24
CA SER A 94 6.40 4.27 4.56
C SER A 94 4.97 4.79 4.57
N LYS A 95 4.42 4.97 3.37
CA LYS A 95 3.05 5.45 3.21
C LYS A 95 2.14 4.35 2.70
N ARG A 96 0.95 4.26 3.30
CA ARG A 96 -0.02 3.23 2.91
C ARG A 96 -0.37 3.33 1.43
N CYS A 97 -0.26 2.21 0.73
CA CYS A 97 -0.56 2.16 -0.69
C CYS A 97 -1.78 1.27 -0.96
N PRO A 98 -3.00 1.85 -0.92
CA PRO A 98 -4.24 1.10 -1.16
C PRO A 98 -4.20 0.33 -2.48
N LEU A 99 -5.05 -0.69 -2.57
CA LEU A 99 -5.14 -1.53 -3.76
C LEU A 99 -5.52 -0.70 -4.98
N LYS A 100 -6.02 0.51 -4.75
CA LYS A 100 -6.43 1.39 -5.84
C LYS A 100 -5.23 1.77 -6.72
N THR A 101 -4.18 2.31 -6.10
CA THR A 101 -2.98 2.69 -6.84
C THR A 101 -2.23 1.48 -7.36
N LEU A 102 -2.36 0.37 -6.64
CA LEU A 102 -1.70 -0.86 -7.04
C LEU A 102 -2.33 -1.37 -8.34
N GLN A 103 -3.61 -1.67 -8.27
CA GLN A 103 -4.35 -2.16 -9.43
C GLN A 103 -4.24 -1.18 -10.59
N LYS A 104 -4.31 0.12 -10.27
CA LYS A 104 -4.21 1.15 -11.30
C LYS A 104 -2.84 1.14 -11.93
N CYS A 105 -1.80 0.95 -11.12
CA CYS A 105 -0.45 0.87 -11.63
C CYS A 105 -0.25 -0.36 -12.49
N GLU A 106 -0.85 -1.48 -12.07
CA GLU A 106 -0.73 -2.72 -12.84
C GLU A 106 -1.51 -2.61 -14.14
N ILE A 107 -2.68 -1.97 -14.07
CA ILE A 107 -3.50 -1.80 -15.26
C ILE A 107 -2.90 -0.72 -16.15
N ALA A 108 -2.42 0.36 -15.54
CA ALA A 108 -1.80 1.45 -16.30
C ALA A 108 -0.55 0.95 -17.01
N LEU A 109 0.36 0.35 -16.25
CA LEU A 109 1.59 -0.17 -16.83
C LEU A 109 1.29 -1.22 -17.89
N GLU A 110 0.15 -1.88 -17.76
CA GLU A 110 -0.26 -2.91 -18.71
C GLU A 110 -0.81 -2.28 -19.99
N LYS A 111 -1.50 -1.16 -19.83
CA LYS A 111 -2.08 -0.45 -20.97
C LYS A 111 -0.98 0.10 -21.87
N LEU A 112 0.12 0.54 -21.26
CA LEU A 112 1.25 1.07 -22.01
C LEU A 112 1.92 -0.02 -22.84
N LYS A 113 1.87 -1.25 -22.35
CA LYS A 113 2.48 -2.38 -23.05
C LYS A 113 1.84 -2.59 -24.42
N ASN A 114 0.59 -2.16 -24.56
CA ASN A 114 -0.12 -2.31 -25.83
C ASN A 114 0.44 -1.36 -26.88
N ASP A 115 0.94 -0.22 -26.44
CA ASP A 115 1.51 0.77 -27.35
C ASP A 115 2.95 0.42 -27.70
N MET A 116 3.65 -0.19 -26.74
CA MET A 116 5.04 -0.58 -26.94
C MET A 116 5.14 -1.85 -27.78
N ALA A 117 4.07 -2.65 -27.75
CA ALA A 117 4.03 -3.89 -28.51
C ALA A 117 3.42 -3.66 -29.89
N VAL A 118 4.29 -3.50 -30.89
CA VAL A 118 3.84 -3.27 -32.26
C VAL A 118 2.95 -2.04 -32.36
N MET A 1 -14.40 25.38 -7.26
CA MET A 1 -14.49 23.90 -7.17
C MET A 1 -13.20 23.25 -7.69
N HIS A 2 -12.25 23.02 -6.80
CA HIS A 2 -10.98 22.42 -7.17
C HIS A 2 -10.54 21.38 -6.14
N HIS A 3 -10.87 21.63 -4.87
CA HIS A 3 -10.52 20.71 -3.80
C HIS A 3 -11.46 19.52 -3.77
N HIS A 4 -10.92 18.35 -3.42
CA HIS A 4 -11.72 17.14 -3.37
C HIS A 4 -12.06 16.78 -1.92
N HIS A 5 -11.09 16.96 -1.02
CA HIS A 5 -11.29 16.66 0.38
C HIS A 5 -12.15 17.72 1.06
N HIS A 6 -12.35 17.59 2.36
CA HIS A 6 -13.14 18.54 3.13
C HIS A 6 -12.46 19.90 3.19
N HIS A 7 -11.28 19.93 3.81
CA HIS A 7 -10.53 21.17 3.94
C HIS A 7 -9.05 20.87 4.26
N ALA A 8 -8.26 20.65 3.22
CA ALA A 8 -6.84 20.35 3.38
C ALA A 8 -6.64 19.14 4.29
N SER A 9 -7.02 17.96 3.79
CA SER A 9 -6.88 16.73 4.56
C SER A 9 -5.48 16.15 4.42
N VAL A 10 -4.92 15.71 5.54
CA VAL A 10 -3.59 15.12 5.56
C VAL A 10 -3.31 14.41 6.88
N THR A 11 -3.79 15.01 7.97
CA THR A 11 -3.61 14.46 9.31
C THR A 11 -2.17 14.02 9.54
N ALA A 12 -1.33 14.96 9.97
CA ALA A 12 0.07 14.67 10.24
C ALA A 12 0.23 13.87 11.53
N ARG A 13 1.36 13.20 11.67
CA ARG A 13 1.64 12.39 12.86
C ARG A 13 0.59 11.31 13.04
N THR A 14 0.92 10.10 12.62
CA THR A 14 0.02 8.97 12.73
C THR A 14 0.77 7.66 12.98
N PRO A 15 1.19 7.42 14.24
CA PRO A 15 1.92 6.21 14.60
C PRO A 15 1.00 4.99 14.70
N GLN A 16 0.72 4.38 13.55
CA GLN A 16 -0.15 3.21 13.50
C GLN A 16 0.50 2.10 12.68
N ASN A 17 1.61 2.42 12.02
CA ASN A 17 2.31 1.44 11.20
C ASN A 17 3.41 0.74 11.99
N PHE A 18 4.04 -0.24 11.38
CA PHE A 18 5.11 -1.01 12.02
C PHE A 18 4.62 -1.69 13.29
N SER A 19 5.52 -2.43 13.94
CA SER A 19 5.18 -3.14 15.16
C SER A 19 6.39 -3.24 16.08
N VAL A 20 6.16 -3.01 17.38
CA VAL A 20 7.23 -3.07 18.36
C VAL A 20 6.98 -4.16 19.39
N PRO A 21 7.32 -5.42 19.06
CA PRO A 21 7.14 -6.55 19.98
C PRO A 21 8.18 -6.59 21.08
N SER A 22 7.85 -6.00 22.23
CA SER A 22 8.76 -5.97 23.36
C SER A 22 8.46 -7.09 24.36
N PRO A 23 7.18 -7.23 24.81
CA PRO A 23 6.81 -8.28 25.76
C PRO A 23 6.79 -9.66 25.12
N GLY A 24 6.59 -9.69 23.80
CA GLY A 24 6.54 -10.95 23.09
C GLY A 24 6.41 -10.77 21.59
N PRO A 25 6.69 -11.81 20.80
CA PRO A 25 6.59 -11.75 19.34
C PRO A 25 5.15 -11.53 18.87
N LEU A 26 4.99 -11.00 17.66
CA LEU A 26 3.67 -10.75 17.10
C LEU A 26 2.88 -9.79 17.98
N ASN A 27 1.59 -9.66 17.68
CA ASN A 27 0.72 -8.77 18.45
C ASN A 27 0.52 -9.31 19.86
N THR A 28 0.01 -10.54 19.96
CA THR A 28 -0.23 -11.17 21.25
C THR A 28 -0.23 -12.70 21.13
N PRO A 29 -1.03 -13.28 20.22
CA PRO A 29 -1.08 -14.74 20.05
C PRO A 29 0.14 -15.28 19.29
N VAL A 30 0.68 -16.39 19.77
CA VAL A 30 1.84 -17.01 19.13
C VAL A 30 1.42 -18.07 18.12
N ASN A 31 2.13 -18.10 16.99
CA ASN A 31 1.84 -19.06 15.94
C ASN A 31 3.04 -19.20 14.98
N PRO A 32 3.26 -20.42 14.45
CA PRO A 32 4.38 -20.67 13.53
C PRO A 32 4.09 -20.19 12.10
N SER A 33 2.81 -20.06 11.78
CA SER A 33 2.41 -19.62 10.44
C SER A 33 1.14 -18.79 10.51
N SER A 34 0.95 -17.91 9.54
CA SER A 34 -0.23 -17.05 9.49
C SER A 34 -0.78 -16.95 8.06
N VAL A 35 -0.03 -17.51 7.12
CA VAL A 35 -0.44 -17.49 5.71
C VAL A 35 -1.02 -18.83 5.29
N MET A 36 -0.57 -19.90 5.94
CA MET A 36 -1.04 -21.24 5.62
C MET A 36 -2.51 -21.39 5.99
N SER A 37 -3.37 -21.34 4.99
CA SER A 37 -4.81 -21.48 5.21
C SER A 37 -5.52 -21.95 3.94
N PRO A 38 -5.57 -23.28 3.72
CA PRO A 38 -6.23 -23.86 2.54
C PRO A 38 -7.74 -23.90 2.68
N ALA A 39 -8.22 -24.27 3.87
CA ALA A 39 -9.65 -24.36 4.13
C ALA A 39 -10.05 -23.47 5.30
N GLY A 40 -10.62 -22.31 5.00
CA GLY A 40 -11.05 -21.39 6.02
C GLY A 40 -11.90 -20.25 5.49
N SER A 41 -12.11 -19.23 6.30
CA SER A 41 -12.91 -18.09 5.89
C SER A 41 -12.02 -16.94 5.39
N SER A 42 -12.31 -16.45 4.20
CA SER A 42 -11.54 -15.36 3.61
C SER A 42 -12.29 -14.74 2.44
N GLN A 43 -13.44 -14.14 2.73
CA GLN A 43 -14.25 -13.50 1.70
C GLN A 43 -13.72 -12.10 1.36
N ALA A 44 -13.42 -11.32 2.40
CA ALA A 44 -12.91 -9.97 2.21
C ALA A 44 -11.52 -10.01 1.58
N GLU A 45 -10.88 -11.16 1.64
CA GLU A 45 -9.55 -11.33 1.06
C GLU A 45 -9.66 -11.65 -0.41
N GLU A 46 -10.78 -12.26 -0.77
CA GLU A 46 -11.05 -12.60 -2.15
C GLU A 46 -11.65 -11.41 -2.88
N GLN A 47 -12.28 -10.53 -2.10
CA GLN A 47 -12.90 -9.32 -2.65
C GLN A 47 -11.89 -8.19 -2.74
N GLN A 48 -10.97 -8.12 -1.79
CA GLN A 48 -9.96 -7.08 -1.80
C GLN A 48 -8.85 -7.43 -2.77
N TYR A 49 -8.64 -8.72 -3.00
CA TYR A 49 -7.62 -9.18 -3.93
C TYR A 49 -7.92 -8.61 -5.31
N LEU A 50 -9.21 -8.60 -5.66
CA LEU A 50 -9.65 -8.07 -6.93
C LEU A 50 -9.85 -6.56 -6.83
N ASP A 51 -10.32 -6.14 -5.66
CA ASP A 51 -10.57 -4.72 -5.42
C ASP A 51 -9.27 -3.94 -5.42
N LYS A 52 -8.16 -4.65 -5.17
CA LYS A 52 -6.85 -4.04 -5.14
C LYS A 52 -6.27 -4.04 -6.54
N LEU A 53 -6.69 -5.01 -7.35
CA LEU A 53 -6.22 -5.10 -8.72
C LEU A 53 -6.90 -4.02 -9.56
N LYS A 54 -8.14 -3.72 -9.20
CA LYS A 54 -8.92 -2.71 -9.91
C LYS A 54 -8.67 -1.31 -9.35
N GLN A 55 -8.18 -1.27 -8.13
CA GLN A 55 -7.89 0.01 -7.48
C GLN A 55 -6.70 0.69 -8.14
N LEU A 56 -5.64 -0.07 -8.38
CA LEU A 56 -4.45 0.46 -9.03
C LEU A 56 -4.61 0.43 -10.54
N SER A 57 -5.48 -0.46 -11.02
CA SER A 57 -5.76 -0.56 -12.45
C SER A 57 -6.11 0.79 -13.05
N LYS A 58 -6.46 1.75 -12.19
CA LYS A 58 -6.80 3.10 -12.63
C LYS A 58 -5.55 3.97 -12.69
N TYR A 59 -4.75 3.89 -11.62
CA TYR A 59 -3.51 4.67 -11.52
C TYR A 59 -2.53 4.28 -12.63
N ILE A 60 -2.75 3.12 -13.22
CA ILE A 60 -1.89 2.62 -14.29
C ILE A 60 -1.69 3.66 -15.40
N GLU A 61 -2.59 4.63 -15.51
CA GLU A 61 -2.49 5.63 -16.58
C GLU A 61 -1.58 6.79 -16.16
N PRO A 62 -1.91 7.48 -15.06
CA PRO A 62 -1.12 8.59 -14.53
C PRO A 62 0.39 8.33 -14.59
N LEU A 63 0.79 7.07 -14.47
CA LEU A 63 2.21 6.72 -14.51
C LEU A 63 2.84 7.16 -15.84
N ARG A 64 2.14 6.90 -16.93
CA ARG A 64 2.63 7.28 -18.26
C ARG A 64 2.94 8.77 -18.32
N ARG A 65 2.21 9.54 -17.51
CA ARG A 65 2.40 10.99 -17.46
C ARG A 65 3.64 11.34 -16.64
N MET A 66 3.81 10.65 -15.52
CA MET A 66 4.95 10.87 -14.64
C MET A 66 6.26 10.49 -15.34
N ILE A 67 6.24 9.36 -16.03
CA ILE A 67 7.42 8.87 -16.75
C ILE A 67 8.07 9.97 -17.59
N ASN A 68 7.26 10.92 -18.05
CA ASN A 68 7.76 12.03 -18.85
C ASN A 68 8.34 13.14 -17.98
N LYS A 69 7.54 13.62 -17.03
CA LYS A 69 7.95 14.68 -16.12
C LYS A 69 9.07 14.22 -15.18
N ILE A 70 9.30 12.92 -15.15
CA ILE A 70 10.33 12.33 -14.28
C ILE A 70 11.66 12.22 -15.02
N ASP A 71 11.61 11.78 -16.27
CA ASP A 71 12.82 11.67 -17.09
C ASP A 71 13.20 13.08 -17.49
N LYS A 72 12.27 13.99 -17.22
CA LYS A 72 12.42 15.39 -17.51
C LYS A 72 13.44 16.03 -16.56
N ASN A 73 13.62 15.40 -15.40
CA ASN A 73 14.55 15.88 -14.40
C ASN A 73 15.77 14.97 -14.33
N GLU A 74 16.96 15.56 -14.37
CA GLU A 74 18.20 14.79 -14.33
C GLU A 74 18.45 14.22 -12.94
N ASP A 75 17.86 14.85 -11.93
CA ASP A 75 18.02 14.40 -10.55
C ASP A 75 16.96 13.37 -10.18
N ARG A 76 15.97 13.21 -11.03
CA ARG A 76 14.89 12.25 -10.78
C ARG A 76 14.87 11.15 -11.83
N LYS A 77 16.02 10.93 -12.47
CA LYS A 77 16.13 9.91 -13.50
C LYS A 77 16.01 8.50 -12.92
N LYS A 78 16.26 8.38 -11.62
CA LYS A 78 16.19 7.09 -10.94
C LYS A 78 14.74 6.62 -10.78
N ASP A 79 13.84 7.58 -10.57
CA ASP A 79 12.42 7.27 -10.38
C ASP A 79 11.79 6.81 -11.70
N LEU A 80 12.39 7.22 -12.81
CA LEU A 80 11.88 6.87 -14.14
C LEU A 80 11.60 5.37 -14.25
N SER A 81 12.34 4.57 -13.49
CA SER A 81 12.16 3.12 -13.50
C SER A 81 10.93 2.71 -12.70
N LYS A 82 10.72 3.38 -11.58
CA LYS A 82 9.58 3.07 -10.71
C LYS A 82 8.26 3.18 -11.47
N MET A 83 8.03 4.32 -12.12
CA MET A 83 6.81 4.53 -12.87
C MET A 83 6.64 3.47 -13.96
N LYS A 84 7.58 3.41 -14.88
CA LYS A 84 7.53 2.42 -15.95
C LYS A 84 7.35 1.02 -15.39
N SER A 85 7.93 0.78 -14.21
CA SER A 85 7.82 -0.53 -13.56
C SER A 85 6.39 -0.81 -13.10
N LEU A 86 5.86 0.07 -12.25
CA LEU A 86 4.49 -0.11 -11.76
C LEU A 86 3.53 -0.22 -12.93
N LEU A 87 3.68 0.67 -13.90
CA LEU A 87 2.84 0.65 -15.09
C LEU A 87 3.03 -0.66 -15.85
N ASP A 88 4.27 -1.16 -15.87
CA ASP A 88 4.59 -2.41 -16.55
C ASP A 88 3.99 -3.62 -15.83
N ILE A 89 3.74 -3.46 -14.54
CA ILE A 89 3.16 -4.53 -13.73
C ILE A 89 1.63 -4.53 -13.81
N LEU A 90 1.04 -3.41 -13.40
CA LEU A 90 -0.42 -3.27 -13.40
C LEU A 90 -1.02 -3.48 -14.79
N THR A 91 -0.19 -3.47 -15.82
CA THR A 91 -0.66 -3.65 -17.20
C THR A 91 -0.82 -5.13 -17.55
N ASP A 92 -0.84 -5.98 -16.52
CA ASP A 92 -1.00 -7.42 -16.72
C ASP A 92 -2.32 -7.92 -16.14
N PRO A 93 -3.45 -7.66 -16.81
CA PRO A 93 -4.76 -8.09 -16.35
C PRO A 93 -5.04 -9.56 -16.65
N SER A 94 -4.55 -10.01 -17.80
CA SER A 94 -4.75 -11.40 -18.21
C SER A 94 -3.95 -12.35 -17.34
N LYS A 95 -2.79 -11.89 -16.87
CA LYS A 95 -1.93 -12.68 -16.02
C LYS A 95 -2.26 -12.44 -14.54
N ARG A 96 -2.44 -13.53 -13.80
CA ARG A 96 -2.76 -13.44 -12.38
C ARG A 96 -1.67 -12.69 -11.63
N CYS A 97 -2.06 -11.60 -10.98
CA CYS A 97 -1.13 -10.78 -10.21
C CYS A 97 -1.26 -11.05 -8.72
N PRO A 98 -0.12 -11.27 -8.02
CA PRO A 98 -0.12 -11.54 -6.58
C PRO A 98 -0.30 -10.26 -5.75
N LEU A 99 -0.66 -10.44 -4.48
CA LEU A 99 -0.87 -9.32 -3.58
C LEU A 99 0.42 -8.54 -3.36
N LYS A 100 1.55 -9.15 -3.72
CA LYS A 100 2.84 -8.51 -3.56
C LYS A 100 3.01 -7.35 -4.55
N THR A 101 2.83 -7.64 -5.84
CA THR A 101 2.96 -6.61 -6.88
C THR A 101 1.90 -5.53 -6.73
N LEU A 102 0.69 -5.94 -6.39
CA LEU A 102 -0.40 -4.98 -6.21
C LEU A 102 -0.08 -4.05 -5.05
N GLN A 103 0.11 -4.63 -3.88
CA GLN A 103 0.44 -3.86 -2.68
C GLN A 103 1.73 -3.07 -2.87
N LYS A 104 2.62 -3.58 -3.71
CA LYS A 104 3.89 -2.90 -3.98
C LYS A 104 3.65 -1.68 -4.83
N CYS A 105 2.93 -1.84 -5.93
CA CYS A 105 2.61 -0.71 -6.79
C CYS A 105 1.73 0.30 -6.04
N GLU A 106 1.00 -0.18 -5.06
CA GLU A 106 0.14 0.67 -4.26
C GLU A 106 0.97 1.47 -3.26
N ILE A 107 1.91 0.79 -2.61
CA ILE A 107 2.78 1.44 -1.64
C ILE A 107 3.82 2.29 -2.35
N ALA A 108 4.32 1.77 -3.47
CA ALA A 108 5.32 2.50 -4.25
C ALA A 108 4.73 3.79 -4.80
N LEU A 109 3.56 3.68 -5.42
CA LEU A 109 2.88 4.84 -5.98
C LEU A 109 2.55 5.85 -4.88
N GLU A 110 2.20 5.33 -3.71
CA GLU A 110 1.86 6.19 -2.57
C GLU A 110 3.08 6.97 -2.10
N LYS A 111 4.25 6.33 -2.12
CA LYS A 111 5.48 6.97 -1.70
C LYS A 111 5.85 8.09 -2.67
N LEU A 112 5.61 7.85 -3.95
CA LEU A 112 5.91 8.84 -4.98
C LEU A 112 5.00 10.05 -4.85
N LYS A 113 3.87 9.86 -4.17
CA LYS A 113 2.90 10.93 -3.97
C LYS A 113 3.43 11.94 -2.97
N ASN A 114 3.87 11.45 -1.81
CA ASN A 114 4.41 12.32 -0.76
C ASN A 114 5.74 12.91 -1.18
N ASP A 115 6.35 12.32 -2.20
CA ASP A 115 7.64 12.79 -2.70
C ASP A 115 7.44 13.93 -3.70
N MET A 116 6.27 13.96 -4.34
CA MET A 116 5.95 14.99 -5.32
C MET A 116 5.19 16.14 -4.65
N ALA A 117 4.51 15.83 -3.56
CA ALA A 117 3.74 16.82 -2.82
C ALA A 117 4.58 17.49 -1.75
N VAL A 118 4.93 18.76 -1.98
CA VAL A 118 5.73 19.51 -1.03
C VAL A 118 4.93 20.67 -0.42
#